data_8JVF
# 
_entry.id   8JVF 
# 
_audit_conform.dict_name       mmcif_pdbx.dic 
_audit_conform.dict_version    5.392 
_audit_conform.dict_location   http://mmcif.pdb.org/dictionaries/ascii/mmcif_pdbx.dic 
# 
loop_
_database_2.database_id 
_database_2.database_code 
_database_2.pdbx_database_accession 
_database_2.pdbx_DOI 
PDB   8JVF         pdb_00008jvf 10.2210/pdb8jvf/pdb 
WWPDB D_1300039011 ?            ?                   
# 
_pdbx_audit_revision_history.ordinal             1 
_pdbx_audit_revision_history.data_content_type   'Structure model' 
_pdbx_audit_revision_history.major_revision      1 
_pdbx_audit_revision_history.minor_revision      0 
_pdbx_audit_revision_history.revision_date       2024-06-19 
# 
_pdbx_audit_revision_details.ordinal             1 
_pdbx_audit_revision_details.revision_ordinal    1 
_pdbx_audit_revision_details.data_content_type   'Structure model' 
_pdbx_audit_revision_details.provider            repository 
_pdbx_audit_revision_details.type                'Initial release' 
_pdbx_audit_revision_details.description         ? 
_pdbx_audit_revision_details.details             ? 
# 
_pdbx_database_status.status_code                     REL 
_pdbx_database_status.status_code_sf                  REL 
_pdbx_database_status.status_code_mr                  ? 
_pdbx_database_status.entry_id                        8JVF 
_pdbx_database_status.recvd_initial_deposition_date   2023-06-28 
_pdbx_database_status.SG_entry                        N 
_pdbx_database_status.deposit_site                    PDBJ 
_pdbx_database_status.process_site                    PDBJ 
_pdbx_database_status.status_code_cs                  ? 
_pdbx_database_status.status_code_nmr_data            ? 
_pdbx_database_status.methods_development_category    ? 
_pdbx_database_status.pdb_format_compatible           Y 
# 
loop_
_pdbx_database_related.db_name 
_pdbx_database_related.details 
_pdbx_database_related.db_id 
_pdbx_database_related.content_type 
PDB 'same protein not complexed with GTP, Mg' 8JVC unspecified 
PDB 'same protein not complexed with GTP, Mg' 8JVG unspecified 
# 
_pdbx_contact_author.id                 2 
_pdbx_contact_author.email              kita.akiko.4u@kyoto-u.ac.jp 
_pdbx_contact_author.name_first         Akiko 
_pdbx_contact_author.name_last          Kita 
_pdbx_contact_author.name_mi            ? 
_pdbx_contact_author.role               'principal investigator/group leader' 
_pdbx_contact_author.identifier_ORCID   0000-0002-5174-6238 
# 
loop_
_audit_author.name 
_audit_author.pdbx_ordinal 
_audit_author.identifier_ORCID 
'Kita, A.'      1 ? 
'Ishida, Y.'    2 ? 
'Shimosaka, T.' 3 ? 
'Michimori, Y.' 4 ? 
'Makarova, K.'  5 ? 
'Koonin, E.'    6 ? 
'Atomi, H.'     7 ? 
'Miki, K.'      8 ? 
# 
_citation.abstract                  ? 
_citation.abstract_id_CAS           ? 
_citation.book_id_ISBN              ? 
_citation.book_publisher            ? 
_citation.book_publisher_city       ? 
_citation.book_title                ? 
_citation.coordinate_linkage        ? 
_citation.country                   US 
_citation.database_id_Medline       ? 
_citation.details                   ? 
_citation.id                        primary 
_citation.journal_abbrev            Proteins 
_citation.journal_id_ASTM           PSFGEY 
_citation.journal_id_CSD            0867 
_citation.journal_id_ISSN           1097-0134 
_citation.journal_full              ? 
_citation.journal_issue             ? 
_citation.journal_volume            92 
_citation.language                  ? 
_citation.page_first                768 
_citation.page_last                 775 
_citation.title                     
'Crystal structure of GTP-dependent dephospho-coenzyme A kinase from the hyperthermophilic archaeon, Thermococcus kodakarensis.' 
_citation.year                      2024 
_citation.database_id_CSD           ? 
_citation.pdbx_database_id_DOI      10.1002/prot.26666 
_citation.pdbx_database_id_PubMed   38235908 
_citation.pdbx_database_id_patent   ? 
_citation.unpublished_flag          ? 
# 
loop_
_citation_author.citation_id 
_citation_author.name 
_citation_author.ordinal 
_citation_author.identifier_ORCID 
primary 'Kita, A.'      1 ? 
primary 'Ishida, Y.'    2 ? 
primary 'Shimosaka, T.' 3 ? 
primary 'Michimori, Y.' 4 ? 
primary 'Makarova, K.'  5 ? 
primary 'Koonin, E.'    6 ? 
primary 'Atomi, H.'     7 ? 
primary 'Miki, K.'      8 ? 
# 
loop_
_entity.id 
_entity.type 
_entity.src_method 
_entity.pdbx_description 
_entity.formula_weight 
_entity.pdbx_number_of_molecules 
_entity.pdbx_ec 
_entity.pdbx_mutation 
_entity.pdbx_fragment 
_entity.details 
1 polymer     man 'GTP-dependent dephospho-CoA kinase' 19686.150 1  2.7.1.237 ? ? ? 
2 non-polymer syn 'MAGNESIUM ION'                      24.305    1  ?         ? ? ? 
3 non-polymer syn "GUANOSINE-5'-TRIPHOSPHATE"          523.180   1  ?         ? ? ? 
4 water       nat water                                18.015    19 ?         ? ? ? 
# 
_entity_name_com.entity_id   1 
_entity_name_com.name        'Dephospho-coenzyme A kinase,DPCK' 
# 
_entity_poly.entity_id                      1 
_entity_poly.type                           'polypeptide(L)' 
_entity_poly.nstd_linkage                   no 
_entity_poly.nstd_monomer                   no 
_entity_poly.pdbx_seq_one_letter_code       
;MKMFFRLTRELRDELKRPLGELVRGPIPEPYLKVRGELEKHPVVTVGDVVTENVLKIGVKPIIALYDLKTKRKEYSPEIE
DTAVFLTVTNPPGTITKALLDTVRKAFGLAERGRNVHILVSGEEDLAAIPAVLYAPLGTLVLYGQPDEGVVLIKVTPECK
RRCAKILASMEVVRDGD
;
_entity_poly.pdbx_seq_one_letter_code_can   
;MKMFFRLTRELRDELKRPLGELVRGPIPEPYLKVRGELEKHPVVTVGDVVTENVLKIGVKPIIALYDLKTKRKEYSPEIE
DTAVFLTVTNPPGTITKALLDTVRKAFGLAERGRNVHILVSGEEDLAAIPAVLYAPLGTLVLYGQPDEGVVLIKVTPECK
RRCAKILASMEVVRDGD
;
_entity_poly.pdbx_strand_id                 A 
_entity_poly.pdbx_target_identifier         ? 
# 
loop_
_pdbx_entity_nonpoly.entity_id 
_pdbx_entity_nonpoly.name 
_pdbx_entity_nonpoly.comp_id 
2 'MAGNESIUM ION'             MG  
3 "GUANOSINE-5'-TRIPHOSPHATE" GTP 
4 water                       HOH 
# 
loop_
_entity_poly_seq.entity_id 
_entity_poly_seq.num 
_entity_poly_seq.mon_id 
_entity_poly_seq.hetero 
1 1   MET n 
1 2   LYS n 
1 3   MET n 
1 4   PHE n 
1 5   PHE n 
1 6   ARG n 
1 7   LEU n 
1 8   THR n 
1 9   ARG n 
1 10  GLU n 
1 11  LEU n 
1 12  ARG n 
1 13  ASP n 
1 14  GLU n 
1 15  LEU n 
1 16  LYS n 
1 17  ARG n 
1 18  PRO n 
1 19  LEU n 
1 20  GLY n 
1 21  GLU n 
1 22  LEU n 
1 23  VAL n 
1 24  ARG n 
1 25  GLY n 
1 26  PRO n 
1 27  ILE n 
1 28  PRO n 
1 29  GLU n 
1 30  PRO n 
1 31  TYR n 
1 32  LEU n 
1 33  LYS n 
1 34  VAL n 
1 35  ARG n 
1 36  GLY n 
1 37  GLU n 
1 38  LEU n 
1 39  GLU n 
1 40  LYS n 
1 41  HIS n 
1 42  PRO n 
1 43  VAL n 
1 44  VAL n 
1 45  THR n 
1 46  VAL n 
1 47  GLY n 
1 48  ASP n 
1 49  VAL n 
1 50  VAL n 
1 51  THR n 
1 52  GLU n 
1 53  ASN n 
1 54  VAL n 
1 55  LEU n 
1 56  LYS n 
1 57  ILE n 
1 58  GLY n 
1 59  VAL n 
1 60  LYS n 
1 61  PRO n 
1 62  ILE n 
1 63  ILE n 
1 64  ALA n 
1 65  LEU n 
1 66  TYR n 
1 67  ASP n 
1 68  LEU n 
1 69  LYS n 
1 70  THR n 
1 71  LYS n 
1 72  ARG n 
1 73  LYS n 
1 74  GLU n 
1 75  TYR n 
1 76  SER n 
1 77  PRO n 
1 78  GLU n 
1 79  ILE n 
1 80  GLU n 
1 81  ASP n 
1 82  THR n 
1 83  ALA n 
1 84  VAL n 
1 85  PHE n 
1 86  LEU n 
1 87  THR n 
1 88  VAL n 
1 89  THR n 
1 90  ASN n 
1 91  PRO n 
1 92  PRO n 
1 93  GLY n 
1 94  THR n 
1 95  ILE n 
1 96  THR n 
1 97  LYS n 
1 98  ALA n 
1 99  LEU n 
1 100 LEU n 
1 101 ASP n 
1 102 THR n 
1 103 VAL n 
1 104 ARG n 
1 105 LYS n 
1 106 ALA n 
1 107 PHE n 
1 108 GLY n 
1 109 LEU n 
1 110 ALA n 
1 111 GLU n 
1 112 ARG n 
1 113 GLY n 
1 114 ARG n 
1 115 ASN n 
1 116 VAL n 
1 117 HIS n 
1 118 ILE n 
1 119 LEU n 
1 120 VAL n 
1 121 SER n 
1 122 GLY n 
1 123 GLU n 
1 124 GLU n 
1 125 ASP n 
1 126 LEU n 
1 127 ALA n 
1 128 ALA n 
1 129 ILE n 
1 130 PRO n 
1 131 ALA n 
1 132 VAL n 
1 133 LEU n 
1 134 TYR n 
1 135 ALA n 
1 136 PRO n 
1 137 LEU n 
1 138 GLY n 
1 139 THR n 
1 140 LEU n 
1 141 VAL n 
1 142 LEU n 
1 143 TYR n 
1 144 GLY n 
1 145 GLN n 
1 146 PRO n 
1 147 ASP n 
1 148 GLU n 
1 149 GLY n 
1 150 VAL n 
1 151 VAL n 
1 152 LEU n 
1 153 ILE n 
1 154 LYS n 
1 155 VAL n 
1 156 THR n 
1 157 PRO n 
1 158 GLU n 
1 159 CYS n 
1 160 LYS n 
1 161 ARG n 
1 162 ARG n 
1 163 CYS n 
1 164 ALA n 
1 165 LYS n 
1 166 ILE n 
1 167 LEU n 
1 168 ALA n 
1 169 SER n 
1 170 MET n 
1 171 GLU n 
1 172 VAL n 
1 173 VAL n 
1 174 ARG n 
1 175 ASP n 
1 176 GLY n 
1 177 ASP n 
# 
_entity_src_gen.entity_id                          1 
_entity_src_gen.pdbx_src_id                        1 
_entity_src_gen.pdbx_alt_source_flag               sample 
_entity_src_gen.pdbx_seq_type                      'Biological sequence' 
_entity_src_gen.pdbx_beg_seq_num                   1 
_entity_src_gen.pdbx_end_seq_num                   177 
_entity_src_gen.gene_src_common_name               ? 
_entity_src_gen.gene_src_genus                     ? 
_entity_src_gen.pdbx_gene_src_gene                 TK1697 
_entity_src_gen.gene_src_species                   ? 
_entity_src_gen.gene_src_strain                    ? 
_entity_src_gen.gene_src_tissue                    ? 
_entity_src_gen.gene_src_tissue_fraction           ? 
_entity_src_gen.gene_src_details                   ? 
_entity_src_gen.pdbx_gene_src_fragment             ? 
_entity_src_gen.pdbx_gene_src_scientific_name      'Thermococcus kodakarensis' 
_entity_src_gen.pdbx_gene_src_ncbi_taxonomy_id     311400 
_entity_src_gen.pdbx_gene_src_variant              ? 
_entity_src_gen.pdbx_gene_src_cell_line            ? 
_entity_src_gen.pdbx_gene_src_atcc                 ? 
_entity_src_gen.pdbx_gene_src_organ                ? 
_entity_src_gen.pdbx_gene_src_organelle            ? 
_entity_src_gen.pdbx_gene_src_cell                 ? 
_entity_src_gen.pdbx_gene_src_cellular_location    ? 
_entity_src_gen.host_org_common_name               ? 
_entity_src_gen.pdbx_host_org_scientific_name      'Escherichia coli' 
_entity_src_gen.pdbx_host_org_ncbi_taxonomy_id     562 
_entity_src_gen.host_org_genus                     ? 
_entity_src_gen.pdbx_host_org_gene                 ? 
_entity_src_gen.pdbx_host_org_organ                ? 
_entity_src_gen.host_org_species                   ? 
_entity_src_gen.pdbx_host_org_tissue               ? 
_entity_src_gen.pdbx_host_org_tissue_fraction      ? 
_entity_src_gen.pdbx_host_org_strain               ? 
_entity_src_gen.pdbx_host_org_variant              ? 
_entity_src_gen.pdbx_host_org_cell_line            ? 
_entity_src_gen.pdbx_host_org_atcc                 ? 
_entity_src_gen.pdbx_host_org_culture_collection   ? 
_entity_src_gen.pdbx_host_org_cell                 ? 
_entity_src_gen.pdbx_host_org_organelle            ? 
_entity_src_gen.pdbx_host_org_cellular_location    ? 
_entity_src_gen.pdbx_host_org_vector_type          ? 
_entity_src_gen.pdbx_host_org_vector               ? 
_entity_src_gen.host_org_details                   ? 
_entity_src_gen.expression_system_id               ? 
_entity_src_gen.plasmid_name                       ? 
_entity_src_gen.plasmid_details                    ? 
_entity_src_gen.pdbx_description                   ? 
# 
loop_
_chem_comp.id 
_chem_comp.type 
_chem_comp.mon_nstd_flag 
_chem_comp.name 
_chem_comp.pdbx_synonyms 
_chem_comp.formula 
_chem_comp.formula_weight 
ALA 'L-peptide linking' y ALANINE                     ? 'C3 H7 N O2'        89.093  
ARG 'L-peptide linking' y ARGININE                    ? 'C6 H15 N4 O2 1'    175.209 
ASN 'L-peptide linking' y ASPARAGINE                  ? 'C4 H8 N2 O3'       132.118 
ASP 'L-peptide linking' y 'ASPARTIC ACID'             ? 'C4 H7 N O4'        133.103 
CYS 'L-peptide linking' y CYSTEINE                    ? 'C3 H7 N O2 S'      121.158 
GLN 'L-peptide linking' y GLUTAMINE                   ? 'C5 H10 N2 O3'      146.144 
GLU 'L-peptide linking' y 'GLUTAMIC ACID'             ? 'C5 H9 N O4'        147.129 
GLY 'peptide linking'   y GLYCINE                     ? 'C2 H5 N O2'        75.067  
GTP non-polymer         n "GUANOSINE-5'-TRIPHOSPHATE" ? 'C10 H16 N5 O14 P3' 523.180 
HIS 'L-peptide linking' y HISTIDINE                   ? 'C6 H10 N3 O2 1'    156.162 
HOH non-polymer         . WATER                       ? 'H2 O'              18.015  
ILE 'L-peptide linking' y ISOLEUCINE                  ? 'C6 H13 N O2'       131.173 
LEU 'L-peptide linking' y LEUCINE                     ? 'C6 H13 N O2'       131.173 
LYS 'L-peptide linking' y LYSINE                      ? 'C6 H15 N2 O2 1'    147.195 
MET 'L-peptide linking' y METHIONINE                  ? 'C5 H11 N O2 S'     149.211 
MG  non-polymer         . 'MAGNESIUM ION'             ? 'Mg 2'              24.305  
PHE 'L-peptide linking' y PHENYLALANINE               ? 'C9 H11 N O2'       165.189 
PRO 'L-peptide linking' y PROLINE                     ? 'C5 H9 N O2'        115.130 
SER 'L-peptide linking' y SERINE                      ? 'C3 H7 N O3'        105.093 
THR 'L-peptide linking' y THREONINE                   ? 'C4 H9 N O3'        119.119 
TYR 'L-peptide linking' y TYROSINE                    ? 'C9 H11 N O3'       181.189 
VAL 'L-peptide linking' y VALINE                      ? 'C5 H11 N O2'       117.146 
# 
loop_
_pdbx_poly_seq_scheme.asym_id 
_pdbx_poly_seq_scheme.entity_id 
_pdbx_poly_seq_scheme.seq_id 
_pdbx_poly_seq_scheme.mon_id 
_pdbx_poly_seq_scheme.ndb_seq_num 
_pdbx_poly_seq_scheme.pdb_seq_num 
_pdbx_poly_seq_scheme.auth_seq_num 
_pdbx_poly_seq_scheme.pdb_mon_id 
_pdbx_poly_seq_scheme.auth_mon_id 
_pdbx_poly_seq_scheme.pdb_strand_id 
_pdbx_poly_seq_scheme.pdb_ins_code 
_pdbx_poly_seq_scheme.hetero 
A 1 1   MET 1   1   ?   ?   ?   A . n 
A 1 2   LYS 2   2   ?   ?   ?   A . n 
A 1 3   MET 3   3   ?   ?   ?   A . n 
A 1 4   PHE 4   4   ?   ?   ?   A . n 
A 1 5   PHE 5   5   ?   ?   ?   A . n 
A 1 6   ARG 6   6   ?   ?   ?   A . n 
A 1 7   LEU 7   7   ?   ?   ?   A . n 
A 1 8   THR 8   8   ?   ?   ?   A . n 
A 1 9   ARG 9   9   ?   ?   ?   A . n 
A 1 10  GLU 10  10  ?   ?   ?   A . n 
A 1 11  LEU 11  11  ?   ?   ?   A . n 
A 1 12  ARG 12  12  ?   ?   ?   A . n 
A 1 13  ASP 13  13  ?   ?   ?   A . n 
A 1 14  GLU 14  14  ?   ?   ?   A . n 
A 1 15  LEU 15  15  ?   ?   ?   A . n 
A 1 16  LYS 16  16  ?   ?   ?   A . n 
A 1 17  ARG 17  17  ?   ?   ?   A . n 
A 1 18  PRO 18  18  ?   ?   ?   A . n 
A 1 19  LEU 19  19  19  LEU ALA A . n 
A 1 20  GLY 20  20  20  GLY GLY A . n 
A 1 21  GLU 21  21  21  GLU GLU A . n 
A 1 22  LEU 22  22  22  LEU LEU A . n 
A 1 23  VAL 23  23  23  VAL VAL A . n 
A 1 24  ARG 24  24  24  ARG ARG A . n 
A 1 25  GLY 25  25  25  GLY GLY A . n 
A 1 26  PRO 26  26  26  PRO PRO A . n 
A 1 27  ILE 27  27  27  ILE ILE A . n 
A 1 28  PRO 28  28  28  PRO PRO A . n 
A 1 29  GLU 29  29  29  GLU GLU A . n 
A 1 30  PRO 30  30  30  PRO PRO A . n 
A 1 31  TYR 31  31  31  TYR TYR A . n 
A 1 32  LEU 32  32  32  LEU LEU A . n 
A 1 33  LYS 33  33  33  LYS LYS A . n 
A 1 34  VAL 34  34  34  VAL VAL A . n 
A 1 35  ARG 35  35  35  ARG ARG A . n 
A 1 36  GLY 36  36  36  GLY GLY A . n 
A 1 37  GLU 37  37  37  GLU GLU A . n 
A 1 38  LEU 38  38  38  LEU LEU A . n 
A 1 39  GLU 39  39  39  GLU GLU A . n 
A 1 40  LYS 40  40  40  LYS ALA A . n 
A 1 41  HIS 41  41  41  HIS HIS A . n 
A 1 42  PRO 42  42  42  PRO PRO A . n 
A 1 43  VAL 43  43  43  VAL VAL A . n 
A 1 44  VAL 44  44  44  VAL VAL A . n 
A 1 45  THR 45  45  45  THR THR A . n 
A 1 46  VAL 46  46  46  VAL VAL A . n 
A 1 47  GLY 47  47  47  GLY GLY A . n 
A 1 48  ASP 48  48  48  ASP ASP A . n 
A 1 49  VAL 49  49  49  VAL VAL A . n 
A 1 50  VAL 50  50  50  VAL VAL A . n 
A 1 51  THR 51  51  51  THR THR A . n 
A 1 52  GLU 52  52  52  GLU ALA A . n 
A 1 53  ASN 53  53  53  ASN ASN A . n 
A 1 54  VAL 54  54  54  VAL VAL A . n 
A 1 55  LEU 55  55  55  LEU LEU A . n 
A 1 56  LYS 56  56  56  LYS LYS A . n 
A 1 57  ILE 57  57  57  ILE ILE A . n 
A 1 58  GLY 58  58  58  GLY GLY A . n 
A 1 59  VAL 59  59  59  VAL VAL A . n 
A 1 60  LYS 60  60  60  LYS LYS A . n 
A 1 61  PRO 61  61  61  PRO PRO A . n 
A 1 62  ILE 62  62  62  ILE ILE A . n 
A 1 63  ILE 63  63  63  ILE ILE A . n 
A 1 64  ALA 64  64  64  ALA ALA A . n 
A 1 65  LEU 65  65  65  LEU LEU A . n 
A 1 66  TYR 66  66  66  TYR TYR A . n 
A 1 67  ASP 67  67  67  ASP ASP A . n 
A 1 68  LEU 68  68  68  LEU LEU A . n 
A 1 69  LYS 69  69  69  LYS LYS A . n 
A 1 70  THR 70  70  ?   ?   ?   A . n 
A 1 71  LYS 71  71  ?   ?   ?   A . n 
A 1 72  ARG 72  72  ?   ?   ?   A . n 
A 1 73  LYS 73  73  ?   ?   ?   A . n 
A 1 74  GLU 74  74  ?   ?   ?   A . n 
A 1 75  TYR 75  75  ?   ?   ?   A . n 
A 1 76  SER 76  76  ?   ?   ?   A . n 
A 1 77  PRO 77  77  ?   ?   ?   A . n 
A 1 78  GLU 78  78  ?   ?   ?   A . n 
A 1 79  ILE 79  79  ?   ?   ?   A . n 
A 1 80  GLU 80  80  ?   ?   ?   A . n 
A 1 81  ASP 81  81  ?   ?   ?   A . n 
A 1 82  THR 82  82  ?   ?   ?   A . n 
A 1 83  ALA 83  83  83  ALA ALA A . n 
A 1 84  VAL 84  84  84  VAL VAL A . n 
A 1 85  PHE 85  85  85  PHE PHE A . n 
A 1 86  LEU 86  86  86  LEU LEU A . n 
A 1 87  THR 87  87  87  THR THR A . n 
A 1 88  VAL 88  88  88  VAL VAL A . n 
A 1 89  THR 89  89  89  THR THR A . n 
A 1 90  ASN 90  90  90  ASN ASN A . n 
A 1 91  PRO 91  91  91  PRO PRO A . n 
A 1 92  PRO 92  92  92  PRO PRO A . n 
A 1 93  GLY 93  93  93  GLY GLY A . n 
A 1 94  THR 94  94  94  THR THR A . n 
A 1 95  ILE 95  95  95  ILE ILE A . n 
A 1 96  THR 96  96  96  THR THR A . n 
A 1 97  LYS 97  97  97  LYS ALA A . n 
A 1 98  ALA 98  98  98  ALA ALA A . n 
A 1 99  LEU 99  99  99  LEU LEU A . n 
A 1 100 LEU 100 100 100 LEU LEU A . n 
A 1 101 ASP 101 101 101 ASP ASP A . n 
A 1 102 THR 102 102 102 THR THR A . n 
A 1 103 VAL 103 103 103 VAL VAL A . n 
A 1 104 ARG 104 104 104 ARG ARG A . n 
A 1 105 LYS 105 105 105 LYS LYS A . n 
A 1 106 ALA 106 106 106 ALA ALA A . n 
A 1 107 PHE 107 107 107 PHE PHE A . n 
A 1 108 GLY 108 108 108 GLY GLY A . n 
A 1 109 LEU 109 109 109 LEU LEU A . n 
A 1 110 ALA 110 110 110 ALA ALA A . n 
A 1 111 GLU 111 111 111 GLU GLU A . n 
A 1 112 ARG 112 112 112 ARG ARG A . n 
A 1 113 GLY 113 113 113 GLY GLY A . n 
A 1 114 ARG 114 114 114 ARG ARG A . n 
A 1 115 ASN 115 115 115 ASN ASN A . n 
A 1 116 VAL 116 116 116 VAL VAL A . n 
A 1 117 HIS 117 117 117 HIS HIS A . n 
A 1 118 ILE 118 118 118 ILE ILE A . n 
A 1 119 LEU 119 119 119 LEU LEU A . n 
A 1 120 VAL 120 120 120 VAL VAL A . n 
A 1 121 SER 121 121 121 SER SER A . n 
A 1 122 GLY 122 122 122 GLY GLY A . n 
A 1 123 GLU 123 123 123 GLU GLU A . n 
A 1 124 GLU 124 124 124 GLU GLU A . n 
A 1 125 ASP 125 125 125 ASP ASP A . n 
A 1 126 LEU 126 126 126 LEU LEU A . n 
A 1 127 ALA 127 127 127 ALA ALA A . n 
A 1 128 ALA 128 128 128 ALA ALA A . n 
A 1 129 ILE 129 129 129 ILE ILE A . n 
A 1 130 PRO 130 130 130 PRO PRO A . n 
A 1 131 ALA 131 131 131 ALA ALA A . n 
A 1 132 VAL 132 132 132 VAL VAL A . n 
A 1 133 LEU 133 133 133 LEU LEU A . n 
A 1 134 TYR 134 134 134 TYR TYR A . n 
A 1 135 ALA 135 135 135 ALA ALA A . n 
A 1 136 PRO 136 136 136 PRO PRO A . n 
A 1 137 LEU 137 137 137 LEU LEU A . n 
A 1 138 GLY 138 138 138 GLY GLY A . n 
A 1 139 THR 139 139 139 THR THR A . n 
A 1 140 LEU 140 140 140 LEU LEU A . n 
A 1 141 VAL 141 141 141 VAL VAL A . n 
A 1 142 LEU 142 142 142 LEU LEU A . n 
A 1 143 TYR 143 143 143 TYR TYR A . n 
A 1 144 GLY 144 144 144 GLY GLY A . n 
A 1 145 GLN 145 145 145 GLN GLN A . n 
A 1 146 PRO 146 146 146 PRO PRO A . n 
A 1 147 ASP 147 147 147 ASP ASP A . n 
A 1 148 GLU 148 148 148 GLU ALA A . n 
A 1 149 GLY 149 149 149 GLY GLY A . n 
A 1 150 VAL 150 150 150 VAL VAL A . n 
A 1 151 VAL 151 151 151 VAL VAL A . n 
A 1 152 LEU 152 152 152 LEU LEU A . n 
A 1 153 ILE 153 153 153 ILE ILE A . n 
A 1 154 LYS 154 154 154 LYS LYS A . n 
A 1 155 VAL 155 155 155 VAL VAL A . n 
A 1 156 THR 156 156 156 THR THR A . n 
A 1 157 PRO 157 157 157 PRO PRO A . n 
A 1 158 GLU 158 158 158 GLU GLU A . n 
A 1 159 CYS 159 159 159 CYS CYS A . n 
A 1 160 LYS 160 160 160 LYS LYS A . n 
A 1 161 ARG 161 161 161 ARG ALA A . n 
A 1 162 ARG 162 162 162 ARG ARG A . n 
A 1 163 CYS 163 163 163 CYS ALA A . n 
A 1 164 ALA 164 164 164 ALA ALA A . n 
A 1 165 LYS 165 165 165 LYS ALA A . n 
A 1 166 ILE 166 166 166 ILE ALA A . n 
A 1 167 LEU 167 167 167 LEU ALA A . n 
A 1 168 ALA 168 168 ?   ?   ?   A . n 
A 1 169 SER 169 169 ?   ?   ?   A . n 
A 1 170 MET 170 170 ?   ?   ?   A . n 
A 1 171 GLU 171 171 ?   ?   ?   A . n 
A 1 172 VAL 172 172 ?   ?   ?   A . n 
A 1 173 VAL 173 173 ?   ?   ?   A . n 
A 1 174 ARG 174 174 ?   ?   ?   A . n 
A 1 175 ASP 175 175 ?   ?   ?   A . n 
A 1 176 GLY 176 176 ?   ?   ?   A . n 
A 1 177 ASP 177 177 ?   ?   ?   A . n 
# 
loop_
_pdbx_nonpoly_scheme.asym_id 
_pdbx_nonpoly_scheme.entity_id 
_pdbx_nonpoly_scheme.mon_id 
_pdbx_nonpoly_scheme.ndb_seq_num 
_pdbx_nonpoly_scheme.pdb_seq_num 
_pdbx_nonpoly_scheme.auth_seq_num 
_pdbx_nonpoly_scheme.pdb_mon_id 
_pdbx_nonpoly_scheme.auth_mon_id 
_pdbx_nonpoly_scheme.pdb_strand_id 
_pdbx_nonpoly_scheme.pdb_ins_code 
B 2 MG  1  201 200 MG  MG  A . 
C 3 GTP 1  202 300 GTP GTP A . 
D 4 HOH 1  301 1   HOH HOH A . 
D 4 HOH 2  302 5   HOH HOH A . 
D 4 HOH 3  303 4   HOH HOH A . 
D 4 HOH 4  304 4   HOH HOH A . 
D 4 HOH 5  305 46  HOH HOH A . 
D 4 HOH 6  306 9   HOH HOH A . 
D 4 HOH 7  307 6   HOH HOH A . 
D 4 HOH 8  308 2   HOH HOH A . 
D 4 HOH 9  309 44  HOH HOH A . 
D 4 HOH 10 310 43  HOH HOH A . 
D 4 HOH 11 311 16  HOH HOH A . 
D 4 HOH 12 312 11  HOH HOH A . 
D 4 HOH 13 313 11  HOH HOH A . 
D 4 HOH 14 314 18  HOH HOH A . 
D 4 HOH 15 315 7   HOH HOH A . 
D 4 HOH 16 316 10  HOH HOH A . 
D 4 HOH 17 317 4   HOH HOH A . 
D 4 HOH 18 318 7   HOH HOH A . 
D 4 HOH 19 319 3   HOH HOH A . 
# 
loop_
_pdbx_unobs_or_zero_occ_atoms.id 
_pdbx_unobs_or_zero_occ_atoms.PDB_model_num 
_pdbx_unobs_or_zero_occ_atoms.polymer_flag 
_pdbx_unobs_or_zero_occ_atoms.occupancy_flag 
_pdbx_unobs_or_zero_occ_atoms.auth_asym_id 
_pdbx_unobs_or_zero_occ_atoms.auth_comp_id 
_pdbx_unobs_or_zero_occ_atoms.auth_seq_id 
_pdbx_unobs_or_zero_occ_atoms.PDB_ins_code 
_pdbx_unobs_or_zero_occ_atoms.auth_atom_id 
_pdbx_unobs_or_zero_occ_atoms.label_alt_id 
_pdbx_unobs_or_zero_occ_atoms.label_asym_id 
_pdbx_unobs_or_zero_occ_atoms.label_comp_id 
_pdbx_unobs_or_zero_occ_atoms.label_seq_id 
_pdbx_unobs_or_zero_occ_atoms.label_atom_id 
1  1 Y 1 A LEU 19  ? CG  ? A LEU 19  CG  
2  1 Y 1 A LEU 19  ? CD1 ? A LEU 19  CD1 
3  1 Y 1 A LEU 19  ? CD2 ? A LEU 19  CD2 
4  1 Y 1 A LYS 40  ? CG  ? A LYS 40  CG  
5  1 Y 1 A LYS 40  ? CD  ? A LYS 40  CD  
6  1 Y 1 A LYS 40  ? CE  ? A LYS 40  CE  
7  1 Y 1 A LYS 40  ? NZ  ? A LYS 40  NZ  
8  1 Y 1 A GLU 52  ? CG  ? A GLU 52  CG  
9  1 Y 1 A GLU 52  ? CD  ? A GLU 52  CD  
10 1 Y 1 A GLU 52  ? OE1 ? A GLU 52  OE1 
11 1 Y 1 A GLU 52  ? OE2 ? A GLU 52  OE2 
12 1 Y 1 A LYS 97  ? CG  ? A LYS 97  CG  
13 1 Y 1 A LYS 97  ? CD  ? A LYS 97  CD  
14 1 Y 1 A LYS 97  ? CE  ? A LYS 97  CE  
15 1 Y 1 A LYS 97  ? NZ  ? A LYS 97  NZ  
16 1 Y 1 A GLU 148 ? CG  ? A GLU 148 CG  
17 1 Y 1 A GLU 148 ? CD  ? A GLU 148 CD  
18 1 Y 1 A GLU 148 ? OE1 ? A GLU 148 OE1 
19 1 Y 1 A GLU 148 ? OE2 ? A GLU 148 OE2 
20 1 Y 1 A LYS 154 ? CG  ? A LYS 154 CG  
21 1 Y 1 A LYS 154 ? CD  ? A LYS 154 CD  
22 1 Y 1 A LYS 154 ? CE  ? A LYS 154 CE  
23 1 Y 1 A LYS 154 ? NZ  ? A LYS 154 NZ  
24 1 Y 1 A ARG 161 ? CG  ? A ARG 161 CG  
25 1 Y 1 A ARG 161 ? CD  ? A ARG 161 CD  
26 1 Y 1 A ARG 161 ? NE  ? A ARG 161 NE  
27 1 Y 1 A ARG 161 ? CZ  ? A ARG 161 CZ  
28 1 Y 1 A ARG 161 ? NH1 ? A ARG 161 NH1 
29 1 Y 1 A ARG 161 ? NH2 ? A ARG 161 NH2 
30 1 Y 1 A CYS 163 ? SG  ? A CYS 163 SG  
31 1 Y 1 A LYS 165 ? CG  ? A LYS 165 CG  
32 1 Y 1 A LYS 165 ? CD  ? A LYS 165 CD  
33 1 Y 1 A LYS 165 ? CE  ? A LYS 165 CE  
34 1 Y 1 A LYS 165 ? NZ  ? A LYS 165 NZ  
35 1 Y 1 A ILE 166 ? CG1 ? A ILE 166 CG1 
36 1 Y 1 A ILE 166 ? CG2 ? A ILE 166 CG2 
37 1 Y 1 A ILE 166 ? CD1 ? A ILE 166 CD1 
38 1 Y 1 A LEU 167 ? CG  ? A LEU 167 CG  
39 1 Y 1 A LEU 167 ? CD1 ? A LEU 167 CD1 
40 1 Y 1 A LEU 167 ? CD2 ? A LEU 167 CD2 
# 
loop_
_software.citation_id 
_software.classification 
_software.compiler_name 
_software.compiler_version 
_software.contact_author 
_software.contact_author_email 
_software.date 
_software.description 
_software.dependencies 
_software.hardware 
_software.language 
_software.location 
_software.mods 
_software.name 
_software.os 
_software.os_version 
_software.type 
_software.version 
_software.pdbx_ordinal 
? refinement       ? ? ? ? ? ? ? ? ? ? ? REFMAC ? ? ? 5.8.0411 1 
? 'data reduction' ? ? ? ? ? ? ? ? ? ? ? XDS    ? ? ? .        2 
? 'data scaling'   ? ? ? ? ? ? ? ? ? ? ? XDS    ? ? ? .        3 
? phasing          ? ? ? ? ? ? ? ? ? ? ? SHARP  ? ? ? .        4 
# 
_cell.angle_alpha                  90.000 
_cell.angle_alpha_esd              ? 
_cell.angle_beta                   90.000 
_cell.angle_beta_esd               ? 
_cell.angle_gamma                  90.000 
_cell.angle_gamma_esd              ? 
_cell.entry_id                     8JVF 
_cell.details                      ? 
_cell.formula_units_Z              ? 
_cell.length_a                     55.101 
_cell.length_a_esd                 ? 
_cell.length_b                     55.101 
_cell.length_b_esd                 ? 
_cell.length_c                     122.584 
_cell.length_c_esd                 ? 
_cell.volume                       ? 
_cell.volume_esd                   ? 
_cell.Z_PDB                        8 
_cell.reciprocal_angle_alpha       ? 
_cell.reciprocal_angle_beta        ? 
_cell.reciprocal_angle_gamma       ? 
_cell.reciprocal_angle_alpha_esd   ? 
_cell.reciprocal_angle_beta_esd    ? 
_cell.reciprocal_angle_gamma_esd   ? 
_cell.reciprocal_length_a          ? 
_cell.reciprocal_length_b          ? 
_cell.reciprocal_length_c          ? 
_cell.reciprocal_length_a_esd      ? 
_cell.reciprocal_length_b_esd      ? 
_cell.reciprocal_length_c_esd      ? 
_cell.pdbx_unique_axis             ? 
_cell.pdbx_esd_method              ? 
# 
_symmetry.entry_id                         8JVF 
_symmetry.cell_setting                     ? 
_symmetry.Int_Tables_number                96 
_symmetry.space_group_name_Hall            ? 
_symmetry.space_group_name_H-M             'P 43 21 2' 
_symmetry.pdbx_full_space_group_name_H-M   ? 
# 
_exptl.absorpt_coefficient_mu     ? 
_exptl.absorpt_correction_T_max   ? 
_exptl.absorpt_correction_T_min   ? 
_exptl.absorpt_correction_type    ? 
_exptl.absorpt_process_details    ? 
_exptl.entry_id                   8JVF 
_exptl.crystals_number            1 
_exptl.details                    ? 
_exptl.method                     'X-RAY DIFFRACTION' 
_exptl.method_details             ? 
# 
_exptl_crystal.colour                       ? 
_exptl_crystal.density_diffrn               ? 
_exptl_crystal.density_Matthews             2.36 
_exptl_crystal.density_method               ? 
_exptl_crystal.density_percent_sol          47.95 
_exptl_crystal.description                  ? 
_exptl_crystal.F_000                        ? 
_exptl_crystal.id                           1 
_exptl_crystal.preparation                  ? 
_exptl_crystal.size_max                     ? 
_exptl_crystal.size_mid                     ? 
_exptl_crystal.size_min                     ? 
_exptl_crystal.size_rad                     ? 
_exptl_crystal.colour_lustre                ? 
_exptl_crystal.colour_modifier              ? 
_exptl_crystal.colour_primary               ? 
_exptl_crystal.density_meas                 ? 
_exptl_crystal.density_meas_esd             ? 
_exptl_crystal.density_meas_gt              ? 
_exptl_crystal.density_meas_lt              ? 
_exptl_crystal.density_meas_temp            ? 
_exptl_crystal.density_meas_temp_esd        ? 
_exptl_crystal.density_meas_temp_gt         ? 
_exptl_crystal.density_meas_temp_lt         ? 
_exptl_crystal.pdbx_crystal_image_url       ? 
_exptl_crystal.pdbx_crystal_image_format    ? 
_exptl_crystal.pdbx_mosaicity               ? 
_exptl_crystal.pdbx_mosaicity_esd           ? 
_exptl_crystal.pdbx_mosaic_method           ? 
_exptl_crystal.pdbx_mosaic_block_size       ? 
_exptl_crystal.pdbx_mosaic_block_size_esd   ? 
# 
_exptl_crystal_grow.apparatus       ? 
_exptl_crystal_grow.atmosphere      ? 
_exptl_crystal_grow.crystal_id      1 
_exptl_crystal_grow.details         ? 
_exptl_crystal_grow.method          'VAPOR DIFFUSION, SITTING DROP' 
_exptl_crystal_grow.method_ref      ? 
_exptl_crystal_grow.pH              ? 
_exptl_crystal_grow.pressure        ? 
_exptl_crystal_grow.pressure_esd    ? 
_exptl_crystal_grow.seeding         ? 
_exptl_crystal_grow.seeding_ref     ? 
_exptl_crystal_grow.temp_details    ? 
_exptl_crystal_grow.temp_esd        ? 
_exptl_crystal_grow.time            ? 
_exptl_crystal_grow.pdbx_details    'PEG 1500, GTP' 
_exptl_crystal_grow.pdbx_pH_range   ? 
_exptl_crystal_grow.temp            293 
# 
_diffrn.ambient_environment              ? 
_diffrn.ambient_temp                     100 
_diffrn.ambient_temp_details             ? 
_diffrn.ambient_temp_esd                 ? 
_diffrn.crystal_id                       1 
_diffrn.crystal_support                  ? 
_diffrn.crystal_treatment                ? 
_diffrn.details                          ? 
_diffrn.id                               1 
_diffrn.ambient_pressure                 ? 
_diffrn.ambient_pressure_esd             ? 
_diffrn.ambient_pressure_gt              ? 
_diffrn.ambient_pressure_lt              ? 
_diffrn.ambient_temp_gt                  ? 
_diffrn.ambient_temp_lt                  ? 
_diffrn.pdbx_serial_crystal_experiment   N 
# 
_diffrn_detector.details                      ? 
_diffrn_detector.detector                     PIXEL 
_diffrn_detector.diffrn_id                    1 
_diffrn_detector.type                         'DECTRIS PILATUS 6M' 
_diffrn_detector.area_resol_mean              ? 
_diffrn_detector.dtime                        ? 
_diffrn_detector.pdbx_frames_total            ? 
_diffrn_detector.pdbx_collection_time_total   ? 
_diffrn_detector.pdbx_collection_date         2020-06-10 
_diffrn_detector.pdbx_frequency               ? 
_diffrn_detector.id                           ? 
_diffrn_detector.number_of_axes               ? 
# 
_diffrn_radiation.collimation                      ? 
_diffrn_radiation.diffrn_id                        1 
_diffrn_radiation.filter_edge                      ? 
_diffrn_radiation.inhomogeneity                    ? 
_diffrn_radiation.monochromator                    ? 
_diffrn_radiation.polarisn_norm                    ? 
_diffrn_radiation.polarisn_ratio                   ? 
_diffrn_radiation.probe                            ? 
_diffrn_radiation.type                             ? 
_diffrn_radiation.xray_symbol                      ? 
_diffrn_radiation.wavelength_id                    1 
_diffrn_radiation.pdbx_monochromatic_or_laue_m_l   M 
_diffrn_radiation.pdbx_wavelength_list             ? 
_diffrn_radiation.pdbx_wavelength                  ? 
_diffrn_radiation.pdbx_diffrn_protocol             'SINGLE WAVELENGTH' 
_diffrn_radiation.pdbx_analyzer                    ? 
_diffrn_radiation.pdbx_scattering_type             x-ray 
# 
_diffrn_radiation_wavelength.id           1 
_diffrn_radiation_wavelength.wavelength   1.0000 
_diffrn_radiation_wavelength.wt           1.0 
# 
_diffrn_source.current                     ? 
_diffrn_source.details                     ? 
_diffrn_source.diffrn_id                   1 
_diffrn_source.power                       ? 
_diffrn_source.size                        ? 
_diffrn_source.source                      SYNCHROTRON 
_diffrn_source.target                      ? 
_diffrn_source.type                        'SPRING-8 BEAMLINE BL45XU' 
_diffrn_source.voltage                     ? 
_diffrn_source.take-off_angle              ? 
_diffrn_source.pdbx_wavelength_list        1.0000 
_diffrn_source.pdbx_wavelength             ? 
_diffrn_source.pdbx_synchrotron_beamline   BL45XU 
_diffrn_source.pdbx_synchrotron_site       SPring-8 
# 
_reflns.B_iso_Wilson_estimate                          ? 
_reflns.entry_id                                       8JVF 
_reflns.data_reduction_details                         ? 
_reflns.data_reduction_method                          ? 
_reflns.d_resolution_high                              2.4 
_reflns.d_resolution_low                               50 
_reflns.details                                        ? 
_reflns.limit_h_max                                    ? 
_reflns.limit_h_min                                    ? 
_reflns.limit_k_max                                    ? 
_reflns.limit_k_min                                    ? 
_reflns.limit_l_max                                    ? 
_reflns.limit_l_min                                    ? 
_reflns.number_all                                     ? 
_reflns.number_obs                                     7963 
_reflns.observed_criterion                             ? 
_reflns.observed_criterion_F_max                       ? 
_reflns.observed_criterion_F_min                       ? 
_reflns.observed_criterion_I_max                       ? 
_reflns.observed_criterion_I_min                       ? 
_reflns.observed_criterion_sigma_F                     ? 
_reflns.observed_criterion_sigma_I                     ? 
_reflns.percent_possible_obs                           100 
_reflns.R_free_details                                 ? 
_reflns.Rmerge_F_all                                   ? 
_reflns.Rmerge_F_obs                                   ? 
_reflns.Friedel_coverage                               ? 
_reflns.number_gt                                      ? 
_reflns.threshold_expression                           ? 
_reflns.pdbx_redundancy                                24.4 
_reflns.pdbx_netI_over_av_sigmaI                       ? 
_reflns.pdbx_netI_over_sigmaI                          30.7 
_reflns.pdbx_res_netI_over_av_sigmaI_2                 ? 
_reflns.pdbx_res_netI_over_sigmaI_2                    ? 
_reflns.pdbx_chi_squared                               ? 
_reflns.pdbx_scaling_rejects                           ? 
_reflns.pdbx_d_res_high_opt                            ? 
_reflns.pdbx_d_res_low_opt                             ? 
_reflns.pdbx_d_res_opt_method                          ? 
_reflns.phase_calculation_details                      ? 
_reflns.pdbx_Rrim_I_all                                0.075 
_reflns.pdbx_Rpim_I_all                                0.015 
_reflns.pdbx_d_opt                                     ? 
_reflns.pdbx_number_measured_all                       ? 
_reflns.pdbx_diffrn_id                                 1 
_reflns.pdbx_ordinal                                   1 
_reflns.pdbx_CC_half                                   ? 
_reflns.pdbx_CC_star                                   ? 
_reflns.pdbx_R_split                                   ? 
_reflns.pdbx_Rmerge_I_obs                              0.073 
_reflns.pdbx_Rmerge_I_all                              ? 
_reflns.pdbx_Rsym_value                                ? 
_reflns.pdbx_CC_split_method                           ? 
_reflns.pdbx_aniso_diffraction_limit_axis_1_ortho[1]   ? 
_reflns.pdbx_aniso_diffraction_limit_axis_1_ortho[2]   ? 
_reflns.pdbx_aniso_diffraction_limit_axis_1_ortho[3]   ? 
_reflns.pdbx_aniso_diffraction_limit_axis_2_ortho[1]   ? 
_reflns.pdbx_aniso_diffraction_limit_axis_2_ortho[2]   ? 
_reflns.pdbx_aniso_diffraction_limit_axis_2_ortho[3]   ? 
_reflns.pdbx_aniso_diffraction_limit_axis_3_ortho[1]   ? 
_reflns.pdbx_aniso_diffraction_limit_axis_3_ortho[2]   ? 
_reflns.pdbx_aniso_diffraction_limit_axis_3_ortho[3]   ? 
_reflns.pdbx_aniso_diffraction_limit_1                 ? 
_reflns.pdbx_aniso_diffraction_limit_2                 ? 
_reflns.pdbx_aniso_diffraction_limit_3                 ? 
_reflns.pdbx_aniso_B_tensor_eigenvector_1_ortho[1]     ? 
_reflns.pdbx_aniso_B_tensor_eigenvector_1_ortho[2]     ? 
_reflns.pdbx_aniso_B_tensor_eigenvector_1_ortho[3]     ? 
_reflns.pdbx_aniso_B_tensor_eigenvector_2_ortho[1]     ? 
_reflns.pdbx_aniso_B_tensor_eigenvector_2_ortho[2]     ? 
_reflns.pdbx_aniso_B_tensor_eigenvector_2_ortho[3]     ? 
_reflns.pdbx_aniso_B_tensor_eigenvector_3_ortho[1]     ? 
_reflns.pdbx_aniso_B_tensor_eigenvector_3_ortho[2]     ? 
_reflns.pdbx_aniso_B_tensor_eigenvector_3_ortho[3]     ? 
_reflns.pdbx_aniso_B_tensor_eigenvalue_1               ? 
_reflns.pdbx_aniso_B_tensor_eigenvalue_2               ? 
_reflns.pdbx_aniso_B_tensor_eigenvalue_3               ? 
_reflns.pdbx_orthogonalization_convention              ? 
_reflns.pdbx_percent_possible_ellipsoidal              ? 
_reflns.pdbx_percent_possible_spherical                ? 
_reflns.pdbx_percent_possible_ellipsoidal_anomalous    ? 
_reflns.pdbx_percent_possible_spherical_anomalous      ? 
_reflns.pdbx_redundancy_anomalous                      ? 
_reflns.pdbx_CC_half_anomalous                         ? 
_reflns.pdbx_absDiff_over_sigma_anomalous              ? 
_reflns.pdbx_percent_possible_anomalous                ? 
_reflns.pdbx_observed_signal_threshold                 ? 
_reflns.pdbx_signal_type                               ? 
_reflns.pdbx_signal_details                            ? 
_reflns.pdbx_signal_software_id                        ? 
# 
_reflns_shell.d_res_high                                    2.40 
_reflns_shell.d_res_low                                     2.49 
_reflns_shell.meanI_over_sigI_all                           ? 
_reflns_shell.meanI_over_sigI_obs                           10.7 
_reflns_shell.number_measured_all                           ? 
_reflns_shell.number_measured_obs                           ? 
_reflns_shell.number_possible                               ? 
_reflns_shell.number_unique_all                             ? 
_reflns_shell.number_unique_obs                             811 
_reflns_shell.percent_possible_obs                          ? 
_reflns_shell.Rmerge_F_all                                  ? 
_reflns_shell.Rmerge_F_obs                                  ? 
_reflns_shell.meanI_over_sigI_gt                            ? 
_reflns_shell.meanI_over_uI_all                             ? 
_reflns_shell.meanI_over_uI_gt                              ? 
_reflns_shell.number_measured_gt                            ? 
_reflns_shell.number_unique_gt                              ? 
_reflns_shell.percent_possible_gt                           ? 
_reflns_shell.Rmerge_F_gt                                   ? 
_reflns_shell.Rmerge_I_gt                                   ? 
_reflns_shell.pdbx_redundancy                               26.5 
_reflns_shell.pdbx_chi_squared                              ? 
_reflns_shell.pdbx_netI_over_sigmaI_all                     ? 
_reflns_shell.pdbx_netI_over_sigmaI_obs                     ? 
_reflns_shell.pdbx_Rrim_I_all                               0.425 
_reflns_shell.pdbx_Rpim_I_all                               0.082 
_reflns_shell.pdbx_rejects                                  ? 
_reflns_shell.pdbx_ordinal                                  1 
_reflns_shell.pdbx_diffrn_id                                1 
_reflns_shell.pdbx_CC_half                                  ? 
_reflns_shell.pdbx_CC_star                                  ? 
_reflns_shell.pdbx_R_split                                  ? 
_reflns_shell.percent_possible_all                          100 
_reflns_shell.Rmerge_I_all                                  ? 
_reflns_shell.Rmerge_I_obs                                  0.417 
_reflns_shell.pdbx_Rsym_value                               ? 
_reflns_shell.pdbx_percent_possible_ellipsoidal             ? 
_reflns_shell.pdbx_percent_possible_spherical               ? 
_reflns_shell.pdbx_percent_possible_ellipsoidal_anomalous   ? 
_reflns_shell.pdbx_percent_possible_spherical_anomalous     ? 
_reflns_shell.pdbx_redundancy_anomalous                     ? 
_reflns_shell.pdbx_CC_half_anomalous                        ? 
_reflns_shell.pdbx_absDiff_over_sigma_anomalous             ? 
_reflns_shell.pdbx_percent_possible_anomalous               ? 
# 
_refine.aniso_B[1][1]                            2.620 
_refine.aniso_B[1][2]                            0.000 
_refine.aniso_B[1][3]                            0.000 
_refine.aniso_B[2][2]                            2.620 
_refine.aniso_B[2][3]                            0.000 
_refine.aniso_B[3][3]                            -5.239 
_refine.B_iso_max                                ? 
_refine.B_iso_mean                               59.860 
_refine.B_iso_min                                ? 
_refine.correlation_coeff_Fo_to_Fc               0.945 
_refine.correlation_coeff_Fo_to_Fc_free          0.932 
_refine.details                                  'Hydrogens have been added in their riding positions' 
_refine.diff_density_max                         ? 
_refine.diff_density_max_esd                     ? 
_refine.diff_density_min                         ? 
_refine.diff_density_min_esd                     ? 
_refine.diff_density_rms                         ? 
_refine.diff_density_rms_esd                     ? 
_refine.entry_id                                 8JVF 
_refine.pdbx_refine_id                           'X-RAY DIFFRACTION' 
_refine.ls_abs_structure_details                 ? 
_refine.ls_abs_structure_Flack                   ? 
_refine.ls_abs_structure_Flack_esd               ? 
_refine.ls_abs_structure_Rogers                  ? 
_refine.ls_abs_structure_Rogers_esd              ? 
_refine.ls_d_res_high                            2.400 
_refine.ls_d_res_low                             41.010 
_refine.ls_extinction_coef                       ? 
_refine.ls_extinction_coef_esd                   ? 
_refine.ls_extinction_expression                 ? 
_refine.ls_extinction_method                     ? 
_refine.ls_goodness_of_fit_all                   ? 
_refine.ls_goodness_of_fit_all_esd               ? 
_refine.ls_goodness_of_fit_obs                   ? 
_refine.ls_goodness_of_fit_obs_esd               ? 
_refine.ls_hydrogen_treatment                    ? 
_refine.ls_matrix_type                           ? 
_refine.ls_number_constraints                    ? 
_refine.ls_number_parameters                     ? 
_refine.ls_number_reflns_all                     ? 
_refine.ls_number_reflns_obs                     7916 
_refine.ls_number_reflns_R_free                  399 
_refine.ls_number_reflns_R_work                  7517 
_refine.ls_number_restraints                     ? 
_refine.ls_percent_reflns_obs                    99.987 
_refine.ls_percent_reflns_R_free                 5.040 
_refine.ls_R_factor_all                          0.220 
_refine.ls_R_factor_obs                          ? 
_refine.ls_R_factor_R_free                       0.2578 
_refine.ls_R_factor_R_free_error                 ? 
_refine.ls_R_factor_R_free_error_details         ? 
_refine.ls_R_factor_R_work                       0.2185 
_refine.ls_R_Fsqd_factor_obs                     ? 
_refine.ls_R_I_factor_obs                        ? 
_refine.ls_redundancy_reflns_all                 ? 
_refine.ls_redundancy_reflns_obs                 ? 
_refine.ls_restrained_S_all                      ? 
_refine.ls_restrained_S_obs                      ? 
_refine.ls_shift_over_esd_max                    ? 
_refine.ls_shift_over_esd_mean                   ? 
_refine.ls_structure_factor_coef                 ? 
_refine.ls_weighting_details                     ? 
_refine.ls_weighting_scheme                      ? 
_refine.ls_wR_factor_all                         ? 
_refine.ls_wR_factor_obs                         ? 
_refine.ls_wR_factor_R_free                      0.278 
_refine.ls_wR_factor_R_work                      0.231 
_refine.occupancy_max                            ? 
_refine.occupancy_min                            ? 
_refine.solvent_model_details                    'MASK BULK SOLVENT' 
_refine.solvent_model_param_bsol                 ? 
_refine.solvent_model_param_ksol                 ? 
_refine.pdbx_R_complete                          ? 
_refine.ls_R_factor_gt                           ? 
_refine.ls_goodness_of_fit_gt                    ? 
_refine.ls_goodness_of_fit_ref                   ? 
_refine.ls_shift_over_su_max                     ? 
_refine.ls_shift_over_su_max_lt                  ? 
_refine.ls_shift_over_su_mean                    ? 
_refine.ls_shift_over_su_mean_lt                 ? 
_refine.pdbx_ls_sigma_I                          ? 
_refine.pdbx_ls_sigma_F                          ? 
_refine.pdbx_ls_sigma_Fsqd                       ? 
_refine.pdbx_data_cutoff_high_absF               ? 
_refine.pdbx_data_cutoff_high_rms_absF           ? 
_refine.pdbx_data_cutoff_low_absF                ? 
_refine.pdbx_isotropic_thermal_model             ? 
_refine.pdbx_ls_cross_valid_method               'FREE R-VALUE' 
_refine.pdbx_method_to_determine_struct          SAD 
_refine.pdbx_starting_model                      ? 
_refine.pdbx_stereochemistry_target_values       ? 
_refine.pdbx_R_Free_selection_details            1 
_refine.pdbx_stereochem_target_val_spec_case     ? 
_refine.pdbx_overall_ESU_R                       0.299 
_refine.pdbx_overall_ESU_R_Free                  0.235 
_refine.pdbx_solvent_vdw_probe_radii             1.200 
_refine.pdbx_solvent_ion_probe_radii             0.800 
_refine.pdbx_solvent_shrinkage_radii             0.800 
_refine.pdbx_real_space_R                        ? 
_refine.pdbx_density_correlation                 ? 
_refine.pdbx_pd_number_of_powder_patterns        ? 
_refine.pdbx_pd_number_of_points                 ? 
_refine.pdbx_pd_meas_number_of_points            ? 
_refine.pdbx_pd_proc_ls_prof_R_factor            ? 
_refine.pdbx_pd_proc_ls_prof_wR_factor           ? 
_refine.pdbx_pd_Marquardt_correlation_coeff      ? 
_refine.pdbx_pd_Fsqrd_R_factor                   ? 
_refine.pdbx_pd_ls_matrix_band_width             ? 
_refine.pdbx_overall_phase_error                 ? 
_refine.pdbx_overall_SU_R_free_Cruickshank_DPI   ? 
_refine.pdbx_overall_SU_R_free_Blow_DPI          ? 
_refine.pdbx_overall_SU_R_Blow_DPI               ? 
_refine.pdbx_TLS_residual_ADP_flag               ? 
_refine.pdbx_diffrn_id                           1 
_refine.overall_SU_B                             7.926 
_refine.overall_SU_ML                            0.182 
_refine.overall_SU_R_Cruickshank_DPI             ? 
_refine.overall_SU_R_free                        ? 
_refine.overall_FOM_free_R_set                   ? 
_refine.overall_FOM_work_R_set                   ? 
_refine.pdbx_average_fsc_overall                 ? 
_refine.pdbx_average_fsc_work                    0.9669 
_refine.pdbx_average_fsc_free                    0.9536 
# 
_refine_hist.pdbx_refine_id                   'X-RAY DIFFRACTION' 
_refine_hist.cycle_id                         LAST 
_refine_hist.details                          ? 
_refine_hist.d_res_high                       2.400 
_refine_hist.d_res_low                        41.010 
_refine_hist.number_atoms_solvent             19 
_refine_hist.number_atoms_total               1045 
_refine_hist.number_reflns_all                ? 
_refine_hist.number_reflns_obs                ? 
_refine_hist.number_reflns_R_free             ? 
_refine_hist.number_reflns_R_work             ? 
_refine_hist.R_factor_all                     ? 
_refine_hist.R_factor_obs                     ? 
_refine_hist.R_factor_R_free                  ? 
_refine_hist.R_factor_R_work                  ? 
_refine_hist.pdbx_number_residues_total       ? 
_refine_hist.pdbx_B_iso_mean_ligand           ? 
_refine_hist.pdbx_B_iso_mean_solvent          ? 
_refine_hist.pdbx_number_atoms_protein        993 
_refine_hist.pdbx_number_atoms_nucleic_acid   0 
_refine_hist.pdbx_number_atoms_ligand         33 
_refine_hist.pdbx_number_atoms_lipid          ? 
_refine_hist.pdbx_number_atoms_carb           ? 
_refine_hist.pdbx_pseudo_atom_details         ? 
# 
loop_
_refine_ls_restr.pdbx_refine_id 
_refine_ls_restr.criterion 
_refine_ls_restr.dev_ideal 
_refine_ls_restr.dev_ideal_target 
_refine_ls_restr.number 
_refine_ls_restr.rejects 
_refine_ls_restr.type 
_refine_ls_restr.weight 
_refine_ls_restr.pdbx_restraint_function 
'X-RAY DIFFRACTION' ? 0.002  0.012  1046 ? r_bond_refined_d               ? ? 
'X-RAY DIFFRACTION' ? 0.000  0.016  1049 ? r_bond_other_d                 ? ? 
'X-RAY DIFFRACTION' ? 0.722  1.651  1438 ? r_angle_refined_deg            ? ? 
'X-RAY DIFFRACTION' ? 0.240  1.557  2410 ? r_angle_other_deg              ? ? 
'X-RAY DIFFRACTION' ? 7.918  5.000  134  ? r_dihedral_angle_1_deg         ? ? 
'X-RAY DIFFRACTION' ? 6.528  5.000  6    ? r_dihedral_angle_2_deg         ? ? 
'X-RAY DIFFRACTION' ? 0.585  5.000  1    ? r_dihedral_angle_other_2_deg   ? ? 
'X-RAY DIFFRACTION' ? 15.721 10.000 156  ? r_dihedral_angle_3_deg         ? ? 
'X-RAY DIFFRACTION' ? 15.877 10.000 31   ? r_dihedral_angle_6_deg         ? ? 
'X-RAY DIFFRACTION' ? 0.035  0.200  184  ? r_chiral_restr                 ? ? 
'X-RAY DIFFRACTION' ? 0.010  0.020  1160 ? r_gen_planes_refined           ? ? 
'X-RAY DIFFRACTION' ? 0.001  0.020  194  ? r_gen_planes_other             ? ? 
'X-RAY DIFFRACTION' ? 0.223  0.200  210  ? r_nbd_refined                  ? ? 
'X-RAY DIFFRACTION' ? 0.237  0.200  895  ? r_symmetry_nbd_other           ? ? 
'X-RAY DIFFRACTION' ? 0.171  0.200  497  ? r_nbtor_refined                ? ? 
'X-RAY DIFFRACTION' ? 0.081  0.200  547  ? r_symmetry_nbtor_other         ? ? 
'X-RAY DIFFRACTION' ? 0.149  0.200  28   ? r_xyhbond_nbd_refined          ? ? 
'X-RAY DIFFRACTION' ? 0.129  0.200  6    ? r_symmetry_nbd_refined         ? ? 
'X-RAY DIFFRACTION' ? 0.270  0.200  20   ? r_nbd_other                    ? ? 
'X-RAY DIFFRACTION' ? 0.168  0.200  5    ? r_symmetry_xyhbond_nbd_refined ? ? 
'X-RAY DIFFRACTION' ? 5.416  5.909  542  ? r_mcbond_it                    ? ? 
'X-RAY DIFFRACTION' ? 5.411  5.910  542  ? r_mcbond_other                 ? ? 
'X-RAY DIFFRACTION' ? 7.919  10.580 674  ? r_mcangle_it                   ? ? 
'X-RAY DIFFRACTION' ? 7.915  10.589 675  ? r_mcangle_other                ? ? 
'X-RAY DIFFRACTION' ? 6.773  6.355  504  ? r_scbond_it                    ? ? 
'X-RAY DIFFRACTION' ? 6.769  6.355  504  ? r_scbond_other                 ? ? 
'X-RAY DIFFRACTION' ? 10.158 11.403 764  ? r_scangle_it                   ? ? 
'X-RAY DIFFRACTION' ? 10.152 11.397 765  ? r_scangle_other                ? ? 
'X-RAY DIFFRACTION' ? 12.903 59.847 1096 ? r_lrange_it                    ? ? 
'X-RAY DIFFRACTION' ? 12.903 59.860 1094 ? r_lrange_other                 ? ? 
# 
loop_
_refine_ls_shell.pdbx_refine_id 
_refine_ls_shell.d_res_high 
_refine_ls_shell.d_res_low 
_refine_ls_shell.number_reflns_all 
_refine_ls_shell.number_reflns_obs 
_refine_ls_shell.number_reflns_R_free 
_refine_ls_shell.number_reflns_R_work 
_refine_ls_shell.percent_reflns_obs 
_refine_ls_shell.percent_reflns_R_free 
_refine_ls_shell.R_factor_all 
_refine_ls_shell.R_factor_obs 
_refine_ls_shell.R_factor_R_free_error 
_refine_ls_shell.R_factor_R_work 
_refine_ls_shell.redundancy_reflns_all 
_refine_ls_shell.redundancy_reflns_obs 
_refine_ls_shell.wR_factor_all 
_refine_ls_shell.wR_factor_obs 
_refine_ls_shell.wR_factor_R_free 
_refine_ls_shell.wR_factor_R_work 
_refine_ls_shell.pdbx_R_complete 
_refine_ls_shell.pdbx_total_number_of_bins_used 
_refine_ls_shell.pdbx_phase_error 
_refine_ls_shell.pdbx_fsc_work 
_refine_ls_shell.pdbx_fsc_free 
_refine_ls_shell.R_factor_R_free 
'X-RAY DIFFRACTION' 2.400  2.462  564 . 23 541 100.0000 . 0.274 . . 0.274 . . . . . 0.244 . 20 . 0.954 0.947 0.280 
'X-RAY DIFFRACTION' 2.462  2.529  553 . 30 523 100.0000 . 0.267 . . 0.259 . . . . . 0.228 . 20 . 0.956 0.918 0.418 
'X-RAY DIFFRACTION' 2.529  2.603  545 . 23 522 100.0000 . 0.239 . . 0.237 . . . . . 0.217 . 20 . 0.967 0.968 0.274 
'X-RAY DIFFRACTION' 2.603  2.682  511 . 24 487 100.0000 . 0.233 . . 0.231 . . . . . 0.214 . 20 . 0.971 0.938 0.271 
'X-RAY DIFFRACTION' 2.682  2.770  514 . 27 487 100.0000 . 0.240 . . 0.238 . . . . . 0.219 . 20 . 0.969 0.961 0.264 
'X-RAY DIFFRACTION' 2.770  2.867  493 . 28 465 100.0000 . 0.230 . . 0.222 . . . . . 0.210 . 20 . 0.968 0.940 0.379 
'X-RAY DIFFRACTION' 2.867  2.974  464 . 20 444 100.0000 . 0.236 . . 0.235 . . . . . 0.221 . 20 . 0.965 0.965 0.248 
'X-RAY DIFFRACTION' 2.974  3.095  470 . 31 439 100.0000 . 0.212 . . 0.210 . . . . . 0.203 . 20 . 0.969 0.960 0.239 
'X-RAY DIFFRACTION' 3.095  3.232  452 . 23 429 100.0000 . 0.263 . . 0.261 . . . . . 0.257 . 20 . 0.954 0.947 0.305 
'X-RAY DIFFRACTION' 3.232  3.388  416 . 10 406 100.0000 . 0.247 . . 0.251 . . . . . 0.251 . 20 . 0.958 0.980 0.161 
'X-RAY DIFFRACTION' 3.388  3.570  402 . 22 380 100.0000 . 0.242 . . 0.238 . . . . . 0.245 . 20 . 0.965 0.936 0.309 
'X-RAY DIFFRACTION' 3.570  3.785  384 . 22 362 100.0000 . 0.241 . . 0.238 . . . . . 0.249 . 20 . 0.965 0.950 0.300 
'X-RAY DIFFRACTION' 3.785  4.044  377 . 19 358 100.0000 . 0.203 . . 0.200 . . . . . 0.213 . 20 . 0.978 0.960 0.260 
'X-RAY DIFFRACTION' 4.044  4.365  343 . 15 328 100.0000 . 0.183 . . 0.180 . . . . . 0.199 . 20 . 0.981 0.956 0.258 
'X-RAY DIFFRACTION' 4.365  4.776  318 . 18 300 100.0000 . 0.152 . . 0.150 . . . . . 0.173 . 20 . 0.986 0.976 0.212 
'X-RAY DIFFRACTION' 4.776  5.330  294 . 20 274 100.0000 . 0.191 . . 0.191 . . . . . 0.231 . 20 . 0.982 0.978 0.194 
'X-RAY DIFFRACTION' 5.330  6.138  275 . 18 257 100.0000 . 0.220 . . 0.218 . . . . . 0.253 . 20 . 0.973 0.978 0.255 
'X-RAY DIFFRACTION' 6.138  7.476  219 . 11 208 100.0000 . 0.228 . . 0.220 . . . . . 0.247 . 20 . 0.972 0.905 0.444 
'X-RAY DIFFRACTION' 7.476  10.401 196 . 11 185 100.0000 . 0.198 . . 0.200 . . . . . 0.263 . 20 . 0.977 0.984 0.165 
'X-RAY DIFFRACTION' 10.401 41.010 126 . 4  122 100.0000 . 0.295 . . 0.298 . . . . . 0.335 . 20 . 0.932 0.970 0.181 
# 
_struct.entry_id                     8JVF 
_struct.title                        'Crystal structure of dephospho-coenzyme A kinase' 
_struct.pdbx_model_details           ? 
_struct.pdbx_formula_weight          ? 
_struct.pdbx_formula_weight_method   ? 
_struct.pdbx_model_type_details      ? 
_struct.pdbx_CASP_flag               N 
# 
_struct_keywords.entry_id        8JVF 
_struct_keywords.text            'enzyme-nucleotide complex, TRANSFERASE' 
_struct_keywords.pdbx_keywords   TRANSFERASE 
# 
loop_
_struct_asym.id 
_struct_asym.pdbx_blank_PDB_chainid_flag 
_struct_asym.pdbx_modified 
_struct_asym.entity_id 
_struct_asym.details 
A N N 1 ? 
B N N 2 ? 
C N N 3 ? 
D N N 4 ? 
# 
_struct_ref.id                         1 
_struct_ref.db_name                    UNP 
_struct_ref.db_code                    DPCKG_THEKO 
_struct_ref.pdbx_db_accession          Q5JIY7 
_struct_ref.pdbx_db_isoform            ? 
_struct_ref.entity_id                  1 
_struct_ref.pdbx_seq_one_letter_code   
;MKMFFRLTRELRDELKRPLGELVRGPIPEPYLKVRGELEKHPVVTVGDVVTENVLKIGVKPIIALYDLKTKRKEYSPEIE
DTAVFLTVTNPPGTITKALLDTVRKAFGLAERGRNVHILVSGEEDLAAIPAVLYAPLGTLVLYGQPDEGVVLIKVTPECK
RRCAKILASMEVVRDGD
;
_struct_ref.pdbx_align_begin           1 
# 
_struct_ref_seq.align_id                      1 
_struct_ref_seq.ref_id                        1 
_struct_ref_seq.pdbx_PDB_id_code              8JVF 
_struct_ref_seq.pdbx_strand_id                A 
_struct_ref_seq.seq_align_beg                 1 
_struct_ref_seq.pdbx_seq_align_beg_ins_code   ? 
_struct_ref_seq.seq_align_end                 177 
_struct_ref_seq.pdbx_seq_align_end_ins_code   ? 
_struct_ref_seq.pdbx_db_accession             Q5JIY7 
_struct_ref_seq.db_align_beg                  1 
_struct_ref_seq.pdbx_db_align_beg_ins_code    ? 
_struct_ref_seq.db_align_end                  177 
_struct_ref_seq.pdbx_db_align_end_ins_code    ? 
_struct_ref_seq.pdbx_auth_seq_align_beg       1 
_struct_ref_seq.pdbx_auth_seq_align_end       177 
# 
_pdbx_struct_assembly.id                   1 
_pdbx_struct_assembly.details              author_defined_assembly 
_pdbx_struct_assembly.method_details       ? 
_pdbx_struct_assembly.oligomeric_details   monomeric 
_pdbx_struct_assembly.oligomeric_count     1 
# 
_pdbx_struct_assembly_gen.assembly_id       1 
_pdbx_struct_assembly_gen.oper_expression   1 
_pdbx_struct_assembly_gen.asym_id_list      A,B,C,D 
# 
_pdbx_struct_assembly_auth_evidence.id                     1 
_pdbx_struct_assembly_auth_evidence.assembly_id            1 
_pdbx_struct_assembly_auth_evidence.experimental_support   'gel filtration' 
_pdbx_struct_assembly_auth_evidence.details                ? 
# 
_pdbx_struct_oper_list.id                   1 
_pdbx_struct_oper_list.type                 'identity operation' 
_pdbx_struct_oper_list.name                 1_555 
_pdbx_struct_oper_list.symmetry_operation   x,y,z 
_pdbx_struct_oper_list.matrix[1][1]         1.0000000000 
_pdbx_struct_oper_list.matrix[1][2]         0.0000000000 
_pdbx_struct_oper_list.matrix[1][3]         0.0000000000 
_pdbx_struct_oper_list.vector[1]            0.0000000000 
_pdbx_struct_oper_list.matrix[2][1]         0.0000000000 
_pdbx_struct_oper_list.matrix[2][2]         1.0000000000 
_pdbx_struct_oper_list.matrix[2][3]         0.0000000000 
_pdbx_struct_oper_list.vector[2]            0.0000000000 
_pdbx_struct_oper_list.matrix[3][1]         0.0000000000 
_pdbx_struct_oper_list.matrix[3][2]         0.0000000000 
_pdbx_struct_oper_list.matrix[3][3]         1.0000000000 
_pdbx_struct_oper_list.vector[3]            0.0000000000 
# 
loop_
_struct_conf.conf_type_id 
_struct_conf.id 
_struct_conf.pdbx_PDB_helix_id 
_struct_conf.beg_label_comp_id 
_struct_conf.beg_label_asym_id 
_struct_conf.beg_label_seq_id 
_struct_conf.pdbx_beg_PDB_ins_code 
_struct_conf.end_label_comp_id 
_struct_conf.end_label_asym_id 
_struct_conf.end_label_seq_id 
_struct_conf.pdbx_end_PDB_ins_code 
_struct_conf.beg_auth_comp_id 
_struct_conf.beg_auth_asym_id 
_struct_conf.beg_auth_seq_id 
_struct_conf.end_auth_comp_id 
_struct_conf.end_auth_asym_id 
_struct_conf.end_auth_seq_id 
_struct_conf.pdbx_PDB_helix_class 
_struct_conf.details 
_struct_conf.pdbx_PDB_helix_length 
HELX_P HELX_P1 AA1 PRO A 28  ? VAL A 34  ? PRO A 28  VAL A 34  1 ? 7  
HELX_P HELX_P2 AA2 VAL A 34  ? GLU A 39  ? VAL A 34  GLU A 39  1 ? 6  
HELX_P HELX_P3 AA3 GLY A 47  ? ILE A 57  ? GLY A 47  ILE A 57  1 ? 11 
HELX_P HELX_P4 AA4 THR A 96  ? ARG A 112 ? THR A 96  ARG A 112 1 ? 17 
HELX_P HELX_P5 AA5 ALA A 127 ? ALA A 135 ? ALA A 127 ALA A 135 1 ? 9  
HELX_P HELX_P6 AA6 THR A 156 ? LEU A 167 ? THR A 156 LEU A 167 1 ? 12 
# 
_struct_conf_type.id          HELX_P 
_struct_conf_type.criteria    ? 
_struct_conf_type.reference   ? 
# 
loop_
_struct_conn.id 
_struct_conn.conn_type_id 
_struct_conn.pdbx_leaving_atom_flag 
_struct_conn.pdbx_PDB_id 
_struct_conn.ptnr1_label_asym_id 
_struct_conn.ptnr1_label_comp_id 
_struct_conn.ptnr1_label_seq_id 
_struct_conn.ptnr1_label_atom_id 
_struct_conn.pdbx_ptnr1_label_alt_id 
_struct_conn.pdbx_ptnr1_PDB_ins_code 
_struct_conn.pdbx_ptnr1_standard_comp_id 
_struct_conn.ptnr1_symmetry 
_struct_conn.ptnr2_label_asym_id 
_struct_conn.ptnr2_label_comp_id 
_struct_conn.ptnr2_label_seq_id 
_struct_conn.ptnr2_label_atom_id 
_struct_conn.pdbx_ptnr2_label_alt_id 
_struct_conn.pdbx_ptnr2_PDB_ins_code 
_struct_conn.ptnr1_auth_asym_id 
_struct_conn.ptnr1_auth_comp_id 
_struct_conn.ptnr1_auth_seq_id 
_struct_conn.ptnr2_auth_asym_id 
_struct_conn.ptnr2_auth_comp_id 
_struct_conn.ptnr2_auth_seq_id 
_struct_conn.ptnr2_symmetry 
_struct_conn.pdbx_ptnr3_label_atom_id 
_struct_conn.pdbx_ptnr3_label_seq_id 
_struct_conn.pdbx_ptnr3_label_comp_id 
_struct_conn.pdbx_ptnr3_label_asym_id 
_struct_conn.pdbx_ptnr3_label_alt_id 
_struct_conn.pdbx_ptnr3_PDB_ins_code 
_struct_conn.details 
_struct_conn.pdbx_dist_value 
_struct_conn.pdbx_value_order 
_struct_conn.pdbx_role 
metalc1 metalc ? ? B MG . MG ? ? ? 1_555 C GTP . O3G ? ? A MG 201 A GTP 202 1_555 ? ? ? ? ? ? ? 1.989 ? ? 
metalc2 metalc ? ? B MG . MG ? ? ? 1_555 C GTP . O2B ? ? A MG 201 A GTP 202 1_555 ? ? ? ? ? ? ? 2.609 ? ? 
metalc3 metalc ? ? B MG . MG ? ? ? 1_555 C GTP . O2A ? ? A MG 201 A GTP 202 1_555 ? ? ? ? ? ? ? 2.006 ? ? 
metalc4 metalc ? ? B MG . MG ? ? ? 1_555 D HOH . O   ? ? A MG 201 A HOH 301 1_555 ? ? ? ? ? ? ? 2.513 ? ? 
metalc5 metalc ? ? B MG . MG ? ? ? 1_555 D HOH . O   ? ? A MG 201 A HOH 308 1_555 ? ? ? ? ? ? ? 2.292 ? ? 
# 
_struct_conn_type.id          metalc 
_struct_conn_type.criteria    ? 
_struct_conn_type.reference   ? 
# 
loop_
_pdbx_struct_conn_angle.id 
_pdbx_struct_conn_angle.ptnr1_label_atom_id 
_pdbx_struct_conn_angle.ptnr1_label_alt_id 
_pdbx_struct_conn_angle.ptnr1_label_asym_id 
_pdbx_struct_conn_angle.ptnr1_label_comp_id 
_pdbx_struct_conn_angle.ptnr1_label_seq_id 
_pdbx_struct_conn_angle.ptnr1_auth_atom_id 
_pdbx_struct_conn_angle.ptnr1_auth_asym_id 
_pdbx_struct_conn_angle.ptnr1_auth_comp_id 
_pdbx_struct_conn_angle.ptnr1_auth_seq_id 
_pdbx_struct_conn_angle.ptnr1_PDB_ins_code 
_pdbx_struct_conn_angle.ptnr1_symmetry 
_pdbx_struct_conn_angle.ptnr2_label_atom_id 
_pdbx_struct_conn_angle.ptnr2_label_alt_id 
_pdbx_struct_conn_angle.ptnr2_label_asym_id 
_pdbx_struct_conn_angle.ptnr2_label_comp_id 
_pdbx_struct_conn_angle.ptnr2_label_seq_id 
_pdbx_struct_conn_angle.ptnr2_auth_atom_id 
_pdbx_struct_conn_angle.ptnr2_auth_asym_id 
_pdbx_struct_conn_angle.ptnr2_auth_comp_id 
_pdbx_struct_conn_angle.ptnr2_auth_seq_id 
_pdbx_struct_conn_angle.ptnr2_PDB_ins_code 
_pdbx_struct_conn_angle.ptnr2_symmetry 
_pdbx_struct_conn_angle.ptnr3_label_atom_id 
_pdbx_struct_conn_angle.ptnr3_label_alt_id 
_pdbx_struct_conn_angle.ptnr3_label_asym_id 
_pdbx_struct_conn_angle.ptnr3_label_comp_id 
_pdbx_struct_conn_angle.ptnr3_label_seq_id 
_pdbx_struct_conn_angle.ptnr3_auth_atom_id 
_pdbx_struct_conn_angle.ptnr3_auth_asym_id 
_pdbx_struct_conn_angle.ptnr3_auth_comp_id 
_pdbx_struct_conn_angle.ptnr3_auth_seq_id 
_pdbx_struct_conn_angle.ptnr3_PDB_ins_code 
_pdbx_struct_conn_angle.ptnr3_symmetry 
_pdbx_struct_conn_angle.value 
_pdbx_struct_conn_angle.value_esd 
1  O3G ? C GTP . ? A GTP 202 ? 1_555 MG ? B MG . ? A MG 201 ? 1_555 O2B ? C GTP . ? A GTP 202 ? 1_555 82.2  ? 
2  O3G ? C GTP . ? A GTP 202 ? 1_555 MG ? B MG . ? A MG 201 ? 1_555 O2A ? C GTP . ? A GTP 202 ? 1_555 102.4 ? 
3  O2B ? C GTP . ? A GTP 202 ? 1_555 MG ? B MG . ? A MG 201 ? 1_555 O2A ? C GTP . ? A GTP 202 ? 1_555 78.8  ? 
4  O3G ? C GTP . ? A GTP 202 ? 1_555 MG ? B MG . ? A MG 201 ? 1_555 O   ? D HOH . ? A HOH 301 ? 1_555 76.4  ? 
5  O2B ? C GTP . ? A GTP 202 ? 1_555 MG ? B MG . ? A MG 201 ? 1_555 O   ? D HOH . ? A HOH 301 ? 1_555 56.9  ? 
6  O2A ? C GTP . ? A GTP 202 ? 1_555 MG ? B MG . ? A MG 201 ? 1_555 O   ? D HOH . ? A HOH 301 ? 1_555 135.5 ? 
7  O3G ? C GTP . ? A GTP 202 ? 1_555 MG ? B MG . ? A MG 201 ? 1_555 O   ? D HOH . ? A HOH 308 ? 1_555 143.2 ? 
8  O2B ? C GTP . ? A GTP 202 ? 1_555 MG ? B MG . ? A MG 201 ? 1_555 O   ? D HOH . ? A HOH 308 ? 1_555 66.3  ? 
9  O2A ? C GTP . ? A GTP 202 ? 1_555 MG ? B MG . ? A MG 201 ? 1_555 O   ? D HOH . ? A HOH 308 ? 1_555 90.2  ? 
10 O   ? D HOH . ? A HOH 301 ? 1_555 MG ? B MG . ? A MG 201 ? 1_555 O   ? D HOH . ? A HOH 308 ? 1_555 70.6  ? 
# 
_struct_mon_prot_cis.pdbx_id                1 
_struct_mon_prot_cis.label_comp_id          ILE 
_struct_mon_prot_cis.label_seq_id           27 
_struct_mon_prot_cis.label_asym_id          A 
_struct_mon_prot_cis.label_alt_id           . 
_struct_mon_prot_cis.pdbx_PDB_ins_code      ? 
_struct_mon_prot_cis.auth_comp_id           ILE 
_struct_mon_prot_cis.auth_seq_id            27 
_struct_mon_prot_cis.auth_asym_id           A 
_struct_mon_prot_cis.pdbx_label_comp_id_2   PRO 
_struct_mon_prot_cis.pdbx_label_seq_id_2    28 
_struct_mon_prot_cis.pdbx_label_asym_id_2   A 
_struct_mon_prot_cis.pdbx_PDB_ins_code_2    ? 
_struct_mon_prot_cis.pdbx_auth_comp_id_2    PRO 
_struct_mon_prot_cis.pdbx_auth_seq_id_2     28 
_struct_mon_prot_cis.pdbx_auth_asym_id_2    A 
_struct_mon_prot_cis.pdbx_PDB_model_num     1 
_struct_mon_prot_cis.pdbx_omega_angle       2.67 
# 
_struct_sheet.id               AA1 
_struct_sheet.type             ? 
_struct_sheet.number_strands   7 
_struct_sheet.details          ? 
# 
loop_
_struct_sheet_order.sheet_id 
_struct_sheet_order.range_id_1 
_struct_sheet_order.range_id_2 
_struct_sheet_order.offset 
_struct_sheet_order.sense 
AA1 1 2 ? anti-parallel 
AA1 2 3 ? anti-parallel 
AA1 3 4 ? parallel      
AA1 4 5 ? parallel      
AA1 5 6 ? parallel      
AA1 6 7 ? parallel      
# 
loop_
_struct_sheet_range.sheet_id 
_struct_sheet_range.id 
_struct_sheet_range.beg_label_comp_id 
_struct_sheet_range.beg_label_asym_id 
_struct_sheet_range.beg_label_seq_id 
_struct_sheet_range.pdbx_beg_PDB_ins_code 
_struct_sheet_range.end_label_comp_id 
_struct_sheet_range.end_label_asym_id 
_struct_sheet_range.end_label_seq_id 
_struct_sheet_range.pdbx_end_PDB_ins_code 
_struct_sheet_range.beg_auth_comp_id 
_struct_sheet_range.beg_auth_asym_id 
_struct_sheet_range.beg_auth_seq_id 
_struct_sheet_range.end_auth_comp_id 
_struct_sheet_range.end_auth_asym_id 
_struct_sheet_range.end_auth_seq_id 
AA1 1 GLU A 21  ? ARG A 24  ? GLU A 21  ARG A 24  
AA1 2 GLY A 149 ? LYS A 154 ? GLY A 149 LYS A 154 
AA1 3 LEU A 140 ? GLN A 145 ? LEU A 140 GLN A 145 
AA1 4 VAL A 43  ? VAL A 46  ? VAL A 43  VAL A 46  
AA1 5 ILE A 63  ? ASP A 67  ? ILE A 63  ASP A 67  
AA1 6 VAL A 116 ? GLY A 122 ? VAL A 116 GLY A 122 
AA1 7 VAL A 84  ? ASN A 90  ? VAL A 84  ASN A 90  
# 
loop_
_pdbx_struct_sheet_hbond.sheet_id 
_pdbx_struct_sheet_hbond.range_id_1 
_pdbx_struct_sheet_hbond.range_id_2 
_pdbx_struct_sheet_hbond.range_1_label_atom_id 
_pdbx_struct_sheet_hbond.range_1_label_comp_id 
_pdbx_struct_sheet_hbond.range_1_label_asym_id 
_pdbx_struct_sheet_hbond.range_1_label_seq_id 
_pdbx_struct_sheet_hbond.range_1_PDB_ins_code 
_pdbx_struct_sheet_hbond.range_1_auth_atom_id 
_pdbx_struct_sheet_hbond.range_1_auth_comp_id 
_pdbx_struct_sheet_hbond.range_1_auth_asym_id 
_pdbx_struct_sheet_hbond.range_1_auth_seq_id 
_pdbx_struct_sheet_hbond.range_2_label_atom_id 
_pdbx_struct_sheet_hbond.range_2_label_comp_id 
_pdbx_struct_sheet_hbond.range_2_label_asym_id 
_pdbx_struct_sheet_hbond.range_2_label_seq_id 
_pdbx_struct_sheet_hbond.range_2_PDB_ins_code 
_pdbx_struct_sheet_hbond.range_2_auth_atom_id 
_pdbx_struct_sheet_hbond.range_2_auth_comp_id 
_pdbx_struct_sheet_hbond.range_2_auth_asym_id 
_pdbx_struct_sheet_hbond.range_2_auth_seq_id 
AA1 1 2 N GLU A 21  ? N GLU A 21  O LEU A 152 ? O LEU A 152 
AA1 2 3 O GLY A 149 ? O GLY A 149 N GLN A 145 ? N GLN A 145 
AA1 3 4 O LEU A 140 ? O LEU A 140 N VAL A 44  ? N VAL A 44  
AA1 4 5 N THR A 45  ? N THR A 45  O LEU A 65  ? O LEU A 65  
AA1 5 6 N TYR A 66  ? N TYR A 66  O VAL A 120 ? O VAL A 120 
AA1 6 7 O SER A 121 ? O SER A 121 N ASN A 90  ? N ASN A 90  
# 
_pdbx_validate_torsion.id              1 
_pdbx_validate_torsion.PDB_model_num   1 
_pdbx_validate_torsion.auth_comp_id    ASP 
_pdbx_validate_torsion.auth_asym_id    A 
_pdbx_validate_torsion.auth_seq_id     147 
_pdbx_validate_torsion.PDB_ins_code    ? 
_pdbx_validate_torsion.label_alt_id    ? 
_pdbx_validate_torsion.phi             78.90 
_pdbx_validate_torsion.psi             -18.59 
# 
_pdbx_entry_details.entry_id                   8JVF 
_pdbx_entry_details.nonpolymer_details         ? 
_pdbx_entry_details.sequence_details           ? 
_pdbx_entry_details.compound_details           ? 
_pdbx_entry_details.source_details             ? 
_pdbx_entry_details.has_ligand_of_interest     Y 
_pdbx_entry_details.has_protein_modification   ? 
# 
loop_
_pdbx_unobs_or_zero_occ_residues.id 
_pdbx_unobs_or_zero_occ_residues.PDB_model_num 
_pdbx_unobs_or_zero_occ_residues.polymer_flag 
_pdbx_unobs_or_zero_occ_residues.occupancy_flag 
_pdbx_unobs_or_zero_occ_residues.auth_asym_id 
_pdbx_unobs_or_zero_occ_residues.auth_comp_id 
_pdbx_unobs_or_zero_occ_residues.auth_seq_id 
_pdbx_unobs_or_zero_occ_residues.PDB_ins_code 
_pdbx_unobs_or_zero_occ_residues.label_asym_id 
_pdbx_unobs_or_zero_occ_residues.label_comp_id 
_pdbx_unobs_or_zero_occ_residues.label_seq_id 
1  1 Y 1 A MET 1   ? A MET 1   
2  1 Y 1 A LYS 2   ? A LYS 2   
3  1 Y 1 A MET 3   ? A MET 3   
4  1 Y 1 A PHE 4   ? A PHE 4   
5  1 Y 1 A PHE 5   ? A PHE 5   
6  1 Y 1 A ARG 6   ? A ARG 6   
7  1 Y 1 A LEU 7   ? A LEU 7   
8  1 Y 1 A THR 8   ? A THR 8   
9  1 Y 1 A ARG 9   ? A ARG 9   
10 1 Y 1 A GLU 10  ? A GLU 10  
11 1 Y 1 A LEU 11  ? A LEU 11  
12 1 Y 1 A ARG 12  ? A ARG 12  
13 1 Y 1 A ASP 13  ? A ASP 13  
14 1 Y 1 A GLU 14  ? A GLU 14  
15 1 Y 1 A LEU 15  ? A LEU 15  
16 1 Y 1 A LYS 16  ? A LYS 16  
17 1 Y 1 A ARG 17  ? A ARG 17  
18 1 Y 1 A PRO 18  ? A PRO 18  
19 1 Y 1 A THR 70  ? A THR 70  
20 1 Y 1 A LYS 71  ? A LYS 71  
21 1 Y 1 A ARG 72  ? A ARG 72  
22 1 Y 1 A LYS 73  ? A LYS 73  
23 1 Y 1 A GLU 74  ? A GLU 74  
24 1 Y 1 A TYR 75  ? A TYR 75  
25 1 Y 1 A SER 76  ? A SER 76  
26 1 Y 1 A PRO 77  ? A PRO 77  
27 1 Y 1 A GLU 78  ? A GLU 78  
28 1 Y 1 A ILE 79  ? A ILE 79  
29 1 Y 1 A GLU 80  ? A GLU 80  
30 1 Y 1 A ASP 81  ? A ASP 81  
31 1 Y 1 A THR 82  ? A THR 82  
32 1 Y 1 A ALA 168 ? A ALA 168 
33 1 Y 1 A SER 169 ? A SER 169 
34 1 Y 1 A MET 170 ? A MET 170 
35 1 Y 1 A GLU 171 ? A GLU 171 
36 1 Y 1 A VAL 172 ? A VAL 172 
37 1 Y 1 A VAL 173 ? A VAL 173 
38 1 Y 1 A ARG 174 ? A ARG 174 
39 1 Y 1 A ASP 175 ? A ASP 175 
40 1 Y 1 A GLY 176 ? A GLY 176 
41 1 Y 1 A ASP 177 ? A ASP 177 
# 
loop_
_chem_comp_atom.comp_id 
_chem_comp_atom.atom_id 
_chem_comp_atom.type_symbol 
_chem_comp_atom.pdbx_aromatic_flag 
_chem_comp_atom.pdbx_stereo_config 
_chem_comp_atom.pdbx_ordinal 
ALA N      N  N N 1   
ALA CA     C  N S 2   
ALA C      C  N N 3   
ALA O      O  N N 4   
ALA CB     C  N N 5   
ALA OXT    O  N N 6   
ALA H      H  N N 7   
ALA H2     H  N N 8   
ALA HA     H  N N 9   
ALA HB1    H  N N 10  
ALA HB2    H  N N 11  
ALA HB3    H  N N 12  
ALA HXT    H  N N 13  
ARG N      N  N N 14  
ARG CA     C  N S 15  
ARG C      C  N N 16  
ARG O      O  N N 17  
ARG CB     C  N N 18  
ARG CG     C  N N 19  
ARG CD     C  N N 20  
ARG NE     N  N N 21  
ARG CZ     C  N N 22  
ARG NH1    N  N N 23  
ARG NH2    N  N N 24  
ARG OXT    O  N N 25  
ARG H      H  N N 26  
ARG H2     H  N N 27  
ARG HA     H  N N 28  
ARG HB2    H  N N 29  
ARG HB3    H  N N 30  
ARG HG2    H  N N 31  
ARG HG3    H  N N 32  
ARG HD2    H  N N 33  
ARG HD3    H  N N 34  
ARG HE     H  N N 35  
ARG HH11   H  N N 36  
ARG HH12   H  N N 37  
ARG HH21   H  N N 38  
ARG HH22   H  N N 39  
ARG HXT    H  N N 40  
ASN N      N  N N 41  
ASN CA     C  N S 42  
ASN C      C  N N 43  
ASN O      O  N N 44  
ASN CB     C  N N 45  
ASN CG     C  N N 46  
ASN OD1    O  N N 47  
ASN ND2    N  N N 48  
ASN OXT    O  N N 49  
ASN H      H  N N 50  
ASN H2     H  N N 51  
ASN HA     H  N N 52  
ASN HB2    H  N N 53  
ASN HB3    H  N N 54  
ASN HD21   H  N N 55  
ASN HD22   H  N N 56  
ASN HXT    H  N N 57  
ASP N      N  N N 58  
ASP CA     C  N S 59  
ASP C      C  N N 60  
ASP O      O  N N 61  
ASP CB     C  N N 62  
ASP CG     C  N N 63  
ASP OD1    O  N N 64  
ASP OD2    O  N N 65  
ASP OXT    O  N N 66  
ASP H      H  N N 67  
ASP H2     H  N N 68  
ASP HA     H  N N 69  
ASP HB2    H  N N 70  
ASP HB3    H  N N 71  
ASP HD2    H  N N 72  
ASP HXT    H  N N 73  
CYS N      N  N N 74  
CYS CA     C  N R 75  
CYS C      C  N N 76  
CYS O      O  N N 77  
CYS CB     C  N N 78  
CYS SG     S  N N 79  
CYS OXT    O  N N 80  
CYS H      H  N N 81  
CYS H2     H  N N 82  
CYS HA     H  N N 83  
CYS HB2    H  N N 84  
CYS HB3    H  N N 85  
CYS HG     H  N N 86  
CYS HXT    H  N N 87  
GLN N      N  N N 88  
GLN CA     C  N S 89  
GLN C      C  N N 90  
GLN O      O  N N 91  
GLN CB     C  N N 92  
GLN CG     C  N N 93  
GLN CD     C  N N 94  
GLN OE1    O  N N 95  
GLN NE2    N  N N 96  
GLN OXT    O  N N 97  
GLN H      H  N N 98  
GLN H2     H  N N 99  
GLN HA     H  N N 100 
GLN HB2    H  N N 101 
GLN HB3    H  N N 102 
GLN HG2    H  N N 103 
GLN HG3    H  N N 104 
GLN HE21   H  N N 105 
GLN HE22   H  N N 106 
GLN HXT    H  N N 107 
GLU N      N  N N 108 
GLU CA     C  N S 109 
GLU C      C  N N 110 
GLU O      O  N N 111 
GLU CB     C  N N 112 
GLU CG     C  N N 113 
GLU CD     C  N N 114 
GLU OE1    O  N N 115 
GLU OE2    O  N N 116 
GLU OXT    O  N N 117 
GLU H      H  N N 118 
GLU H2     H  N N 119 
GLU HA     H  N N 120 
GLU HB2    H  N N 121 
GLU HB3    H  N N 122 
GLU HG2    H  N N 123 
GLU HG3    H  N N 124 
GLU HE2    H  N N 125 
GLU HXT    H  N N 126 
GLY N      N  N N 127 
GLY CA     C  N N 128 
GLY C      C  N N 129 
GLY O      O  N N 130 
GLY OXT    O  N N 131 
GLY H      H  N N 132 
GLY H2     H  N N 133 
GLY HA2    H  N N 134 
GLY HA3    H  N N 135 
GLY HXT    H  N N 136 
GTP PG     P  N N 137 
GTP O1G    O  N N 138 
GTP O2G    O  N N 139 
GTP O3G    O  N N 140 
GTP O3B    O  N N 141 
GTP PB     P  N N 142 
GTP O1B    O  N N 143 
GTP O2B    O  N N 144 
GTP O3A    O  N N 145 
GTP PA     P  N N 146 
GTP O1A    O  N N 147 
GTP O2A    O  N N 148 
GTP "O5'"  O  N N 149 
GTP "C5'"  C  N N 150 
GTP "C4'"  C  N R 151 
GTP "O4'"  O  N N 152 
GTP "C3'"  C  N S 153 
GTP "O3'"  O  N N 154 
GTP "C2'"  C  N R 155 
GTP "O2'"  O  N N 156 
GTP "C1'"  C  N R 157 
GTP N9     N  Y N 158 
GTP C8     C  Y N 159 
GTP N7     N  Y N 160 
GTP C5     C  Y N 161 
GTP C6     C  N N 162 
GTP O6     O  N N 163 
GTP N1     N  N N 164 
GTP C2     C  N N 165 
GTP N2     N  N N 166 
GTP N3     N  N N 167 
GTP C4     C  Y N 168 
GTP HOG2   H  N N 169 
GTP HOG3   H  N N 170 
GTP HOB2   H  N N 171 
GTP HOA2   H  N N 172 
GTP "H5'"  H  N N 173 
GTP "H5''" H  N N 174 
GTP "H4'"  H  N N 175 
GTP "H3'"  H  N N 176 
GTP "HO3'" H  N N 177 
GTP "H2'"  H  N N 178 
GTP "HO2'" H  N N 179 
GTP "H1'"  H  N N 180 
GTP H8     H  N N 181 
GTP HN1    H  N N 182 
GTP HN21   H  N N 183 
GTP HN22   H  N N 184 
HIS N      N  N N 185 
HIS CA     C  N S 186 
HIS C      C  N N 187 
HIS O      O  N N 188 
HIS CB     C  N N 189 
HIS CG     C  Y N 190 
HIS ND1    N  Y N 191 
HIS CD2    C  Y N 192 
HIS CE1    C  Y N 193 
HIS NE2    N  Y N 194 
HIS OXT    O  N N 195 
HIS H      H  N N 196 
HIS H2     H  N N 197 
HIS HA     H  N N 198 
HIS HB2    H  N N 199 
HIS HB3    H  N N 200 
HIS HD1    H  N N 201 
HIS HD2    H  N N 202 
HIS HE1    H  N N 203 
HIS HE2    H  N N 204 
HIS HXT    H  N N 205 
HOH O      O  N N 206 
HOH H1     H  N N 207 
HOH H2     H  N N 208 
ILE N      N  N N 209 
ILE CA     C  N S 210 
ILE C      C  N N 211 
ILE O      O  N N 212 
ILE CB     C  N S 213 
ILE CG1    C  N N 214 
ILE CG2    C  N N 215 
ILE CD1    C  N N 216 
ILE OXT    O  N N 217 
ILE H      H  N N 218 
ILE H2     H  N N 219 
ILE HA     H  N N 220 
ILE HB     H  N N 221 
ILE HG12   H  N N 222 
ILE HG13   H  N N 223 
ILE HG21   H  N N 224 
ILE HG22   H  N N 225 
ILE HG23   H  N N 226 
ILE HD11   H  N N 227 
ILE HD12   H  N N 228 
ILE HD13   H  N N 229 
ILE HXT    H  N N 230 
LEU N      N  N N 231 
LEU CA     C  N S 232 
LEU C      C  N N 233 
LEU O      O  N N 234 
LEU CB     C  N N 235 
LEU CG     C  N N 236 
LEU CD1    C  N N 237 
LEU CD2    C  N N 238 
LEU OXT    O  N N 239 
LEU H      H  N N 240 
LEU H2     H  N N 241 
LEU HA     H  N N 242 
LEU HB2    H  N N 243 
LEU HB3    H  N N 244 
LEU HG     H  N N 245 
LEU HD11   H  N N 246 
LEU HD12   H  N N 247 
LEU HD13   H  N N 248 
LEU HD21   H  N N 249 
LEU HD22   H  N N 250 
LEU HD23   H  N N 251 
LEU HXT    H  N N 252 
LYS N      N  N N 253 
LYS CA     C  N S 254 
LYS C      C  N N 255 
LYS O      O  N N 256 
LYS CB     C  N N 257 
LYS CG     C  N N 258 
LYS CD     C  N N 259 
LYS CE     C  N N 260 
LYS NZ     N  N N 261 
LYS OXT    O  N N 262 
LYS H      H  N N 263 
LYS H2     H  N N 264 
LYS HA     H  N N 265 
LYS HB2    H  N N 266 
LYS HB3    H  N N 267 
LYS HG2    H  N N 268 
LYS HG3    H  N N 269 
LYS HD2    H  N N 270 
LYS HD3    H  N N 271 
LYS HE2    H  N N 272 
LYS HE3    H  N N 273 
LYS HZ1    H  N N 274 
LYS HZ2    H  N N 275 
LYS HZ3    H  N N 276 
LYS HXT    H  N N 277 
MET N      N  N N 278 
MET CA     C  N S 279 
MET C      C  N N 280 
MET O      O  N N 281 
MET CB     C  N N 282 
MET CG     C  N N 283 
MET SD     S  N N 284 
MET CE     C  N N 285 
MET OXT    O  N N 286 
MET H      H  N N 287 
MET H2     H  N N 288 
MET HA     H  N N 289 
MET HB2    H  N N 290 
MET HB3    H  N N 291 
MET HG2    H  N N 292 
MET HG3    H  N N 293 
MET HE1    H  N N 294 
MET HE2    H  N N 295 
MET HE3    H  N N 296 
MET HXT    H  N N 297 
MG  MG     MG N N 298 
PHE N      N  N N 299 
PHE CA     C  N S 300 
PHE C      C  N N 301 
PHE O      O  N N 302 
PHE CB     C  N N 303 
PHE CG     C  Y N 304 
PHE CD1    C  Y N 305 
PHE CD2    C  Y N 306 
PHE CE1    C  Y N 307 
PHE CE2    C  Y N 308 
PHE CZ     C  Y N 309 
PHE OXT    O  N N 310 
PHE H      H  N N 311 
PHE H2     H  N N 312 
PHE HA     H  N N 313 
PHE HB2    H  N N 314 
PHE HB3    H  N N 315 
PHE HD1    H  N N 316 
PHE HD2    H  N N 317 
PHE HE1    H  N N 318 
PHE HE2    H  N N 319 
PHE HZ     H  N N 320 
PHE HXT    H  N N 321 
PRO N      N  N N 322 
PRO CA     C  N S 323 
PRO C      C  N N 324 
PRO O      O  N N 325 
PRO CB     C  N N 326 
PRO CG     C  N N 327 
PRO CD     C  N N 328 
PRO OXT    O  N N 329 
PRO H      H  N N 330 
PRO HA     H  N N 331 
PRO HB2    H  N N 332 
PRO HB3    H  N N 333 
PRO HG2    H  N N 334 
PRO HG3    H  N N 335 
PRO HD2    H  N N 336 
PRO HD3    H  N N 337 
PRO HXT    H  N N 338 
SER N      N  N N 339 
SER CA     C  N S 340 
SER C      C  N N 341 
SER O      O  N N 342 
SER CB     C  N N 343 
SER OG     O  N N 344 
SER OXT    O  N N 345 
SER H      H  N N 346 
SER H2     H  N N 347 
SER HA     H  N N 348 
SER HB2    H  N N 349 
SER HB3    H  N N 350 
SER HG     H  N N 351 
SER HXT    H  N N 352 
THR N      N  N N 353 
THR CA     C  N S 354 
THR C      C  N N 355 
THR O      O  N N 356 
THR CB     C  N R 357 
THR OG1    O  N N 358 
THR CG2    C  N N 359 
THR OXT    O  N N 360 
THR H      H  N N 361 
THR H2     H  N N 362 
THR HA     H  N N 363 
THR HB     H  N N 364 
THR HG1    H  N N 365 
THR HG21   H  N N 366 
THR HG22   H  N N 367 
THR HG23   H  N N 368 
THR HXT    H  N N 369 
TYR N      N  N N 370 
TYR CA     C  N S 371 
TYR C      C  N N 372 
TYR O      O  N N 373 
TYR CB     C  N N 374 
TYR CG     C  Y N 375 
TYR CD1    C  Y N 376 
TYR CD2    C  Y N 377 
TYR CE1    C  Y N 378 
TYR CE2    C  Y N 379 
TYR CZ     C  Y N 380 
TYR OH     O  N N 381 
TYR OXT    O  N N 382 
TYR H      H  N N 383 
TYR H2     H  N N 384 
TYR HA     H  N N 385 
TYR HB2    H  N N 386 
TYR HB3    H  N N 387 
TYR HD1    H  N N 388 
TYR HD2    H  N N 389 
TYR HE1    H  N N 390 
TYR HE2    H  N N 391 
TYR HH     H  N N 392 
TYR HXT    H  N N 393 
VAL N      N  N N 394 
VAL CA     C  N S 395 
VAL C      C  N N 396 
VAL O      O  N N 397 
VAL CB     C  N N 398 
VAL CG1    C  N N 399 
VAL CG2    C  N N 400 
VAL OXT    O  N N 401 
VAL H      H  N N 402 
VAL H2     H  N N 403 
VAL HA     H  N N 404 
VAL HB     H  N N 405 
VAL HG11   H  N N 406 
VAL HG12   H  N N 407 
VAL HG13   H  N N 408 
VAL HG21   H  N N 409 
VAL HG22   H  N N 410 
VAL HG23   H  N N 411 
VAL HXT    H  N N 412 
# 
loop_
_chem_comp_bond.comp_id 
_chem_comp_bond.atom_id_1 
_chem_comp_bond.atom_id_2 
_chem_comp_bond.value_order 
_chem_comp_bond.pdbx_aromatic_flag 
_chem_comp_bond.pdbx_stereo_config 
_chem_comp_bond.pdbx_ordinal 
ALA N     CA     sing N N 1   
ALA N     H      sing N N 2   
ALA N     H2     sing N N 3   
ALA CA    C      sing N N 4   
ALA CA    CB     sing N N 5   
ALA CA    HA     sing N N 6   
ALA C     O      doub N N 7   
ALA C     OXT    sing N N 8   
ALA CB    HB1    sing N N 9   
ALA CB    HB2    sing N N 10  
ALA CB    HB3    sing N N 11  
ALA OXT   HXT    sing N N 12  
ARG N     CA     sing N N 13  
ARG N     H      sing N N 14  
ARG N     H2     sing N N 15  
ARG CA    C      sing N N 16  
ARG CA    CB     sing N N 17  
ARG CA    HA     sing N N 18  
ARG C     O      doub N N 19  
ARG C     OXT    sing N N 20  
ARG CB    CG     sing N N 21  
ARG CB    HB2    sing N N 22  
ARG CB    HB3    sing N N 23  
ARG CG    CD     sing N N 24  
ARG CG    HG2    sing N N 25  
ARG CG    HG3    sing N N 26  
ARG CD    NE     sing N N 27  
ARG CD    HD2    sing N N 28  
ARG CD    HD3    sing N N 29  
ARG NE    CZ     sing N N 30  
ARG NE    HE     sing N N 31  
ARG CZ    NH1    sing N N 32  
ARG CZ    NH2    doub N N 33  
ARG NH1   HH11   sing N N 34  
ARG NH1   HH12   sing N N 35  
ARG NH2   HH21   sing N N 36  
ARG NH2   HH22   sing N N 37  
ARG OXT   HXT    sing N N 38  
ASN N     CA     sing N N 39  
ASN N     H      sing N N 40  
ASN N     H2     sing N N 41  
ASN CA    C      sing N N 42  
ASN CA    CB     sing N N 43  
ASN CA    HA     sing N N 44  
ASN C     O      doub N N 45  
ASN C     OXT    sing N N 46  
ASN CB    CG     sing N N 47  
ASN CB    HB2    sing N N 48  
ASN CB    HB3    sing N N 49  
ASN CG    OD1    doub N N 50  
ASN CG    ND2    sing N N 51  
ASN ND2   HD21   sing N N 52  
ASN ND2   HD22   sing N N 53  
ASN OXT   HXT    sing N N 54  
ASP N     CA     sing N N 55  
ASP N     H      sing N N 56  
ASP N     H2     sing N N 57  
ASP CA    C      sing N N 58  
ASP CA    CB     sing N N 59  
ASP CA    HA     sing N N 60  
ASP C     O      doub N N 61  
ASP C     OXT    sing N N 62  
ASP CB    CG     sing N N 63  
ASP CB    HB2    sing N N 64  
ASP CB    HB3    sing N N 65  
ASP CG    OD1    doub N N 66  
ASP CG    OD2    sing N N 67  
ASP OD2   HD2    sing N N 68  
ASP OXT   HXT    sing N N 69  
CYS N     CA     sing N N 70  
CYS N     H      sing N N 71  
CYS N     H2     sing N N 72  
CYS CA    C      sing N N 73  
CYS CA    CB     sing N N 74  
CYS CA    HA     sing N N 75  
CYS C     O      doub N N 76  
CYS C     OXT    sing N N 77  
CYS CB    SG     sing N N 78  
CYS CB    HB2    sing N N 79  
CYS CB    HB3    sing N N 80  
CYS SG    HG     sing N N 81  
CYS OXT   HXT    sing N N 82  
GLN N     CA     sing N N 83  
GLN N     H      sing N N 84  
GLN N     H2     sing N N 85  
GLN CA    C      sing N N 86  
GLN CA    CB     sing N N 87  
GLN CA    HA     sing N N 88  
GLN C     O      doub N N 89  
GLN C     OXT    sing N N 90  
GLN CB    CG     sing N N 91  
GLN CB    HB2    sing N N 92  
GLN CB    HB3    sing N N 93  
GLN CG    CD     sing N N 94  
GLN CG    HG2    sing N N 95  
GLN CG    HG3    sing N N 96  
GLN CD    OE1    doub N N 97  
GLN CD    NE2    sing N N 98  
GLN NE2   HE21   sing N N 99  
GLN NE2   HE22   sing N N 100 
GLN OXT   HXT    sing N N 101 
GLU N     CA     sing N N 102 
GLU N     H      sing N N 103 
GLU N     H2     sing N N 104 
GLU CA    C      sing N N 105 
GLU CA    CB     sing N N 106 
GLU CA    HA     sing N N 107 
GLU C     O      doub N N 108 
GLU C     OXT    sing N N 109 
GLU CB    CG     sing N N 110 
GLU CB    HB2    sing N N 111 
GLU CB    HB3    sing N N 112 
GLU CG    CD     sing N N 113 
GLU CG    HG2    sing N N 114 
GLU CG    HG3    sing N N 115 
GLU CD    OE1    doub N N 116 
GLU CD    OE2    sing N N 117 
GLU OE2   HE2    sing N N 118 
GLU OXT   HXT    sing N N 119 
GLY N     CA     sing N N 120 
GLY N     H      sing N N 121 
GLY N     H2     sing N N 122 
GLY CA    C      sing N N 123 
GLY CA    HA2    sing N N 124 
GLY CA    HA3    sing N N 125 
GLY C     O      doub N N 126 
GLY C     OXT    sing N N 127 
GLY OXT   HXT    sing N N 128 
GTP PG    O1G    doub N N 129 
GTP PG    O2G    sing N N 130 
GTP PG    O3G    sing N N 131 
GTP PG    O3B    sing N N 132 
GTP O2G   HOG2   sing N N 133 
GTP O3G   HOG3   sing N N 134 
GTP O3B   PB     sing N N 135 
GTP PB    O1B    doub N N 136 
GTP PB    O2B    sing N N 137 
GTP PB    O3A    sing N N 138 
GTP O2B   HOB2   sing N N 139 
GTP O3A   PA     sing N N 140 
GTP PA    O1A    doub N N 141 
GTP PA    O2A    sing N N 142 
GTP PA    "O5'"  sing N N 143 
GTP O2A   HOA2   sing N N 144 
GTP "O5'" "C5'"  sing N N 145 
GTP "C5'" "C4'"  sing N N 146 
GTP "C5'" "H5'"  sing N N 147 
GTP "C5'" "H5''" sing N N 148 
GTP "C4'" "O4'"  sing N N 149 
GTP "C4'" "C3'"  sing N N 150 
GTP "C4'" "H4'"  sing N N 151 
GTP "O4'" "C1'"  sing N N 152 
GTP "C3'" "O3'"  sing N N 153 
GTP "C3'" "C2'"  sing N N 154 
GTP "C3'" "H3'"  sing N N 155 
GTP "O3'" "HO3'" sing N N 156 
GTP "C2'" "O2'"  sing N N 157 
GTP "C2'" "C1'"  sing N N 158 
GTP "C2'" "H2'"  sing N N 159 
GTP "O2'" "HO2'" sing N N 160 
GTP "C1'" N9     sing N N 161 
GTP "C1'" "H1'"  sing N N 162 
GTP N9    C8     sing Y N 163 
GTP N9    C4     sing Y N 164 
GTP C8    N7     doub Y N 165 
GTP C8    H8     sing N N 166 
GTP N7    C5     sing Y N 167 
GTP C5    C6     sing N N 168 
GTP C5    C4     doub Y N 169 
GTP C6    O6     doub N N 170 
GTP C6    N1     sing N N 171 
GTP N1    C2     sing N N 172 
GTP N1    HN1    sing N N 173 
GTP C2    N2     sing N N 174 
GTP C2    N3     doub N N 175 
GTP N2    HN21   sing N N 176 
GTP N2    HN22   sing N N 177 
GTP N3    C4     sing N N 178 
HIS N     CA     sing N N 179 
HIS N     H      sing N N 180 
HIS N     H2     sing N N 181 
HIS CA    C      sing N N 182 
HIS CA    CB     sing N N 183 
HIS CA    HA     sing N N 184 
HIS C     O      doub N N 185 
HIS C     OXT    sing N N 186 
HIS CB    CG     sing N N 187 
HIS CB    HB2    sing N N 188 
HIS CB    HB3    sing N N 189 
HIS CG    ND1    sing Y N 190 
HIS CG    CD2    doub Y N 191 
HIS ND1   CE1    doub Y N 192 
HIS ND1   HD1    sing N N 193 
HIS CD2   NE2    sing Y N 194 
HIS CD2   HD2    sing N N 195 
HIS CE1   NE2    sing Y N 196 
HIS CE1   HE1    sing N N 197 
HIS NE2   HE2    sing N N 198 
HIS OXT   HXT    sing N N 199 
HOH O     H1     sing N N 200 
HOH O     H2     sing N N 201 
ILE N     CA     sing N N 202 
ILE N     H      sing N N 203 
ILE N     H2     sing N N 204 
ILE CA    C      sing N N 205 
ILE CA    CB     sing N N 206 
ILE CA    HA     sing N N 207 
ILE C     O      doub N N 208 
ILE C     OXT    sing N N 209 
ILE CB    CG1    sing N N 210 
ILE CB    CG2    sing N N 211 
ILE CB    HB     sing N N 212 
ILE CG1   CD1    sing N N 213 
ILE CG1   HG12   sing N N 214 
ILE CG1   HG13   sing N N 215 
ILE CG2   HG21   sing N N 216 
ILE CG2   HG22   sing N N 217 
ILE CG2   HG23   sing N N 218 
ILE CD1   HD11   sing N N 219 
ILE CD1   HD12   sing N N 220 
ILE CD1   HD13   sing N N 221 
ILE OXT   HXT    sing N N 222 
LEU N     CA     sing N N 223 
LEU N     H      sing N N 224 
LEU N     H2     sing N N 225 
LEU CA    C      sing N N 226 
LEU CA    CB     sing N N 227 
LEU CA    HA     sing N N 228 
LEU C     O      doub N N 229 
LEU C     OXT    sing N N 230 
LEU CB    CG     sing N N 231 
LEU CB    HB2    sing N N 232 
LEU CB    HB3    sing N N 233 
LEU CG    CD1    sing N N 234 
LEU CG    CD2    sing N N 235 
LEU CG    HG     sing N N 236 
LEU CD1   HD11   sing N N 237 
LEU CD1   HD12   sing N N 238 
LEU CD1   HD13   sing N N 239 
LEU CD2   HD21   sing N N 240 
LEU CD2   HD22   sing N N 241 
LEU CD2   HD23   sing N N 242 
LEU OXT   HXT    sing N N 243 
LYS N     CA     sing N N 244 
LYS N     H      sing N N 245 
LYS N     H2     sing N N 246 
LYS CA    C      sing N N 247 
LYS CA    CB     sing N N 248 
LYS CA    HA     sing N N 249 
LYS C     O      doub N N 250 
LYS C     OXT    sing N N 251 
LYS CB    CG     sing N N 252 
LYS CB    HB2    sing N N 253 
LYS CB    HB3    sing N N 254 
LYS CG    CD     sing N N 255 
LYS CG    HG2    sing N N 256 
LYS CG    HG3    sing N N 257 
LYS CD    CE     sing N N 258 
LYS CD    HD2    sing N N 259 
LYS CD    HD3    sing N N 260 
LYS CE    NZ     sing N N 261 
LYS CE    HE2    sing N N 262 
LYS CE    HE3    sing N N 263 
LYS NZ    HZ1    sing N N 264 
LYS NZ    HZ2    sing N N 265 
LYS NZ    HZ3    sing N N 266 
LYS OXT   HXT    sing N N 267 
MET N     CA     sing N N 268 
MET N     H      sing N N 269 
MET N     H2     sing N N 270 
MET CA    C      sing N N 271 
MET CA    CB     sing N N 272 
MET CA    HA     sing N N 273 
MET C     O      doub N N 274 
MET C     OXT    sing N N 275 
MET CB    CG     sing N N 276 
MET CB    HB2    sing N N 277 
MET CB    HB3    sing N N 278 
MET CG    SD     sing N N 279 
MET CG    HG2    sing N N 280 
MET CG    HG3    sing N N 281 
MET SD    CE     sing N N 282 
MET CE    HE1    sing N N 283 
MET CE    HE2    sing N N 284 
MET CE    HE3    sing N N 285 
MET OXT   HXT    sing N N 286 
PHE N     CA     sing N N 287 
PHE N     H      sing N N 288 
PHE N     H2     sing N N 289 
PHE CA    C      sing N N 290 
PHE CA    CB     sing N N 291 
PHE CA    HA     sing N N 292 
PHE C     O      doub N N 293 
PHE C     OXT    sing N N 294 
PHE CB    CG     sing N N 295 
PHE CB    HB2    sing N N 296 
PHE CB    HB3    sing N N 297 
PHE CG    CD1    doub Y N 298 
PHE CG    CD2    sing Y N 299 
PHE CD1   CE1    sing Y N 300 
PHE CD1   HD1    sing N N 301 
PHE CD2   CE2    doub Y N 302 
PHE CD2   HD2    sing N N 303 
PHE CE1   CZ     doub Y N 304 
PHE CE1   HE1    sing N N 305 
PHE CE2   CZ     sing Y N 306 
PHE CE2   HE2    sing N N 307 
PHE CZ    HZ     sing N N 308 
PHE OXT   HXT    sing N N 309 
PRO N     CA     sing N N 310 
PRO N     CD     sing N N 311 
PRO N     H      sing N N 312 
PRO CA    C      sing N N 313 
PRO CA    CB     sing N N 314 
PRO CA    HA     sing N N 315 
PRO C     O      doub N N 316 
PRO C     OXT    sing N N 317 
PRO CB    CG     sing N N 318 
PRO CB    HB2    sing N N 319 
PRO CB    HB3    sing N N 320 
PRO CG    CD     sing N N 321 
PRO CG    HG2    sing N N 322 
PRO CG    HG3    sing N N 323 
PRO CD    HD2    sing N N 324 
PRO CD    HD3    sing N N 325 
PRO OXT   HXT    sing N N 326 
SER N     CA     sing N N 327 
SER N     H      sing N N 328 
SER N     H2     sing N N 329 
SER CA    C      sing N N 330 
SER CA    CB     sing N N 331 
SER CA    HA     sing N N 332 
SER C     O      doub N N 333 
SER C     OXT    sing N N 334 
SER CB    OG     sing N N 335 
SER CB    HB2    sing N N 336 
SER CB    HB3    sing N N 337 
SER OG    HG     sing N N 338 
SER OXT   HXT    sing N N 339 
THR N     CA     sing N N 340 
THR N     H      sing N N 341 
THR N     H2     sing N N 342 
THR CA    C      sing N N 343 
THR CA    CB     sing N N 344 
THR CA    HA     sing N N 345 
THR C     O      doub N N 346 
THR C     OXT    sing N N 347 
THR CB    OG1    sing N N 348 
THR CB    CG2    sing N N 349 
THR CB    HB     sing N N 350 
THR OG1   HG1    sing N N 351 
THR CG2   HG21   sing N N 352 
THR CG2   HG22   sing N N 353 
THR CG2   HG23   sing N N 354 
THR OXT   HXT    sing N N 355 
TYR N     CA     sing N N 356 
TYR N     H      sing N N 357 
TYR N     H2     sing N N 358 
TYR CA    C      sing N N 359 
TYR CA    CB     sing N N 360 
TYR CA    HA     sing N N 361 
TYR C     O      doub N N 362 
TYR C     OXT    sing N N 363 
TYR CB    CG     sing N N 364 
TYR CB    HB2    sing N N 365 
TYR CB    HB3    sing N N 366 
TYR CG    CD1    doub Y N 367 
TYR CG    CD2    sing Y N 368 
TYR CD1   CE1    sing Y N 369 
TYR CD1   HD1    sing N N 370 
TYR CD2   CE2    doub Y N 371 
TYR CD2   HD2    sing N N 372 
TYR CE1   CZ     doub Y N 373 
TYR CE1   HE1    sing N N 374 
TYR CE2   CZ     sing Y N 375 
TYR CE2   HE2    sing N N 376 
TYR CZ    OH     sing N N 377 
TYR OH    HH     sing N N 378 
TYR OXT   HXT    sing N N 379 
VAL N     CA     sing N N 380 
VAL N     H      sing N N 381 
VAL N     H2     sing N N 382 
VAL CA    C      sing N N 383 
VAL CA    CB     sing N N 384 
VAL CA    HA     sing N N 385 
VAL C     O      doub N N 386 
VAL C     OXT    sing N N 387 
VAL CB    CG1    sing N N 388 
VAL CB    CG2    sing N N 389 
VAL CB    HB     sing N N 390 
VAL CG1   HG11   sing N N 391 
VAL CG1   HG12   sing N N 392 
VAL CG1   HG13   sing N N 393 
VAL CG2   HG21   sing N N 394 
VAL CG2   HG22   sing N N 395 
VAL CG2   HG23   sing N N 396 
VAL OXT   HXT    sing N N 397 
# 
_pdbx_audit_support.funding_organization   'Japan Society for the Promotion of Science (JSPS)' 
_pdbx_audit_support.country                Japan 
_pdbx_audit_support.grant_number           ? 
_pdbx_audit_support.ordinal                1 
# 
loop_
_pdbx_entity_instance_feature.ordinal 
_pdbx_entity_instance_feature.comp_id 
_pdbx_entity_instance_feature.asym_id 
_pdbx_entity_instance_feature.seq_num 
_pdbx_entity_instance_feature.auth_comp_id 
_pdbx_entity_instance_feature.auth_asym_id 
_pdbx_entity_instance_feature.auth_seq_num 
_pdbx_entity_instance_feature.feature_type 
_pdbx_entity_instance_feature.details 
1 GTP ? ? GTP ? ? 'SUBJECT OF INVESTIGATION' ? 
2 MG  ? ? MG  ? ? 'SUBJECT OF INVESTIGATION' ? 
# 
_atom_sites.entry_id                    8JVF 
_atom_sites.Cartn_transf_matrix[1][1]   ? 
_atom_sites.Cartn_transf_matrix[1][2]   ? 
_atom_sites.Cartn_transf_matrix[1][3]   ? 
_atom_sites.Cartn_transf_matrix[2][1]   ? 
_atom_sites.Cartn_transf_matrix[2][2]   ? 
_atom_sites.Cartn_transf_matrix[2][3]   ? 
_atom_sites.Cartn_transf_matrix[3][1]   ? 
_atom_sites.Cartn_transf_matrix[3][2]   ? 
_atom_sites.Cartn_transf_matrix[3][3]   ? 
_atom_sites.Cartn_transf_vector[1]      ? 
_atom_sites.Cartn_transf_vector[2]      ? 
_atom_sites.Cartn_transf_vector[3]      ? 
_atom_sites.Cartn_transform_axes        ? 
_atom_sites.fract_transf_matrix[1][1]   0.01039418 
_atom_sites.fract_transf_matrix[1][2]   -0.00266608 
_atom_sites.fract_transf_matrix[1][3]   -0.01463568 
_atom_sites.fract_transf_matrix[2][1]   0.01083955 
_atom_sites.fract_transf_matrix[2][2]   0.01358567 
_atom_sites.fract_transf_matrix[2][3]   0.00522338 
_atom_sites.fract_transf_matrix[3][1]   0.00458021 
_atom_sites.fract_transf_matrix[3][2]   -0.00527445 
_atom_sites.fract_transf_matrix[3][3]   0.00421365 
_atom_sites.fract_transf_vector[1]      -0.379499 
_atom_sites.fract_transf_vector[2]      -0.048523 
_atom_sites.fract_transf_vector[3]      0.126661 
_atom_sites.solution_primary            ? 
_atom_sites.solution_secondary          ? 
_atom_sites.solution_hydrogens          ? 
_atom_sites.special_details             ? 
# 
loop_
_atom_type.symbol 
_atom_type.pdbx_scat_Z 
_atom_type.pdbx_N_electrons 
_atom_type.scat_Cromer_Mann_a1 
_atom_type.scat_Cromer_Mann_b1 
_atom_type.scat_Cromer_Mann_a2 
_atom_type.scat_Cromer_Mann_b2 
_atom_type.scat_Cromer_Mann_a3 
_atom_type.scat_Cromer_Mann_b3 
_atom_type.scat_Cromer_Mann_a4 
_atom_type.scat_Cromer_Mann_b4 
_atom_type.scat_Cromer_Mann_c 
C  6  6  2.3103  20.8439 1.0201 10.2075 1.5888 0.5687  0.8651 51.6512 0.2156   
H  1  1  0.4930  10.5109 0.3229 26.1257 0.1402 3.1424  0.0408 57.7997 0.0030   
MG 12 12 5.4265  2.8275  2.1759 79.2611 1.2283 0.3808  2.3099 7.1937  0.9382   
N  7  7  12.2220 0.0057  3.1346 9.8933  2.0141 28.9975 1.1672 0.5826  -11.5379 
O  8  8  3.0487  13.2771 2.2870 5.7011  1.5464 0.3239  0.8671 32.9089 0.2508   
P  15 15 6.4348  1.9067  4.1793 27.1570 1.7801 0.5260  1.4909 68.1645 1.2732   
S  16 16 6.9054  1.4679  5.2035 22.2151 1.4379 0.2536  1.5863 56.1720 1.0555   
# 
loop_
_atom_site.group_PDB 
_atom_site.id 
_atom_site.type_symbol 
_atom_site.label_atom_id 
_atom_site.label_alt_id 
_atom_site.label_comp_id 
_atom_site.label_asym_id 
_atom_site.label_entity_id 
_atom_site.label_seq_id 
_atom_site.pdbx_PDB_ins_code 
_atom_site.Cartn_x 
_atom_site.Cartn_y 
_atom_site.Cartn_z 
_atom_site.occupancy 
_atom_site.B_iso_or_equiv 
_atom_site.pdbx_formal_charge 
_atom_site.auth_seq_id 
_atom_site.auth_comp_id 
_atom_site.auth_asym_id 
_atom_site.auth_atom_id 
_atom_site.pdbx_PDB_model_num 
_atom_site.calc_flag 
ATOM   1    N  N     . LEU A 1 19  ? 7.776   2.627   8.572   1.000 92.769  0 19  LEU A N     1 ? 
ATOM   2    C  CA    . LEU A 1 19  ? 8.324   3.941   8.989   1.000 97.854  0 19  LEU A CA    1 ? 
ATOM   3    C  C     . LEU A 1 19  ? 7.353   4.632   9.944   1.000 105.863 0 19  LEU A C     1 ? 
ATOM   4    O  O     . LEU A 1 19  ? 7.777   5.216   10.939  1.000 125.833 0 19  LEU A O     1 ? 
ATOM   5    C  CB    . LEU A 1 19  ? 8.609   4.793   7.775   1.000 85.755  0 19  LEU A CB    1 ? 
ATOM   6    N  N     . GLY A 1 20  ? 6.053   4.555   9.632   1.000 91.761  0 20  GLY A N     1 ? 
ATOM   7    C  CA    . GLY A 1 20  ? 5.021   5.253   10.387  1.000 82.122  0 20  GLY A CA    1 ? 
ATOM   8    C  C     . GLY A 1 20  ? 4.645   4.506   11.666  1.000 76.286  0 20  GLY A C     1 ? 
ATOM   9    O  O     . GLY A 1 20  ? 5.506   3.913   12.313  1.000 92.303  0 20  GLY A O     1 ? 
ATOM   10   N  N     . GLU A 1 21  ? 3.354   4.537   12.023  1.000 65.946  0 21  GLU A N     1 ? 
ATOM   11   C  CA    . GLU A 1 21  ? 2.905   4.012   13.304  1.000 72.201  0 21  GLU A CA    1 ? 
ATOM   12   C  C     . GLU A 1 21  ? 2.321   2.611   13.132  1.000 71.209  0 21  GLU A C     1 ? 
ATOM   13   O  O     . GLU A 1 21  ? 1.413   2.395   12.333  1.000 73.884  0 21  GLU A O     1 ? 
ATOM   14   C  CB    . GLU A 1 21  ? 1.894   4.952   13.964  1.000 73.693  0 21  GLU A CB    1 ? 
ATOM   15   C  CG    . GLU A 1 21  ? 0.703   5.303   13.093  1.000 80.860  0 21  GLU A CG    1 ? 
ATOM   16   C  CD    . GLU A 1 21  ? -0.503  5.797   13.873  1.000 87.849  0 21  GLU A CD    1 ? 
ATOM   17   O  OE1   . GLU A 1 21  ? -0.466  5.722   15.117  1.000 89.733  0 21  GLU A OE1   1 ? 
ATOM   18   O  OE2   . GLU A 1 21  ? -1.475  6.252   13.238  1.000 90.359  0 21  GLU A OE2   1 ? 
ATOM   19   N  N     . LEU A 1 22  ? 2.840   1.675   13.934  1.000 67.034  0 22  LEU A N     1 ? 
ATOM   20   C  CA    . LEU A 1 22  ? 2.275   0.344   14.076  1.000 66.589  0 22  LEU A CA    1 ? 
ATOM   21   C  C     . LEU A 1 22  ? 1.051   0.399   14.985  1.000 63.166  0 22  LEU A C     1 ? 
ATOM   22   O  O     . LEU A 1 22  ? 1.084   1.024   16.040  1.000 61.364  0 22  LEU A O     1 ? 
ATOM   23   C  CB    . LEU A 1 22  ? 3.352   -0.578  14.653  1.000 61.403  0 22  LEU A CB    1 ? 
ATOM   24   C  CG    . LEU A 1 22  ? 2.876   -1.945  15.138  1.000 68.003  0 22  LEU A CG    1 ? 
ATOM   25   C  CD1   . LEU A 1 22  ? 2.306   -2.773  13.993  1.000 62.655  0 22  LEU A CD1   1 ? 
ATOM   26   C  CD2   . LEU A 1 22  ? 4.016   -2.691  15.814  1.000 72.284  0 22  LEU A CD2   1 ? 
ATOM   27   N  N     . VAL A 1 23  ? -0.044  -0.214  14.529  1.000 61.072  0 23  VAL A N     1 ? 
ATOM   28   C  CA    . VAL A 1 23  ? -1.260  -0.338  15.316  1.000 57.610  0 23  VAL A CA    1 ? 
ATOM   29   C  C     . VAL A 1 23  ? -1.477  -1.814  15.638  1.000 67.191  0 23  VAL A C     1 ? 
ATOM   30   O  O     . VAL A 1 23  ? -1.614  -2.637  14.734  1.000 65.410  0 23  VAL A O     1 ? 
ATOM   31   C  CB    . VAL A 1 23  ? -2.465  0.256   14.564  1.000 58.552  0 23  VAL A CB    1 ? 
ATOM   32   C  CG1   . VAL A 1 23  ? -3.715  0.290   15.426  1.000 61.883  0 23  VAL A CG1   1 ? 
ATOM   33   C  CG2   . VAL A 1 23  ? -2.155  1.637   14.014  1.000 65.977  0 23  VAL A CG2   1 ? 
ATOM   34   N  N     . ARG A 1 24  ? -1.474  -2.139  16.936  1.000 66.601  0 24  ARG A N     1 ? 
ATOM   35   C  CA    . ARG A 1 24  ? -1.393  -3.517  17.391  1.000 62.093  0 24  ARG A CA    1 ? 
ATOM   36   C  C     . ARG A 1 24  ? -2.799  -4.043  17.657  1.000 53.599  0 24  ARG A C     1 ? 
ATOM   37   O  O     . ARG A 1 24  ? -3.729  -3.269  17.868  1.000 47.961  0 24  ARG A O     1 ? 
ATOM   38   C  CB    . ARG A 1 24  ? -0.553  -3.614  18.668  1.000 72.692  0 24  ARG A CB    1 ? 
ATOM   39   C  CG    . ARG A 1 24  ? 0.857   -3.059  18.540  1.000 78.358  0 24  ARG A CG    1 ? 
ATOM   40   C  CD    . ARG A 1 24  ? 1.609   -3.151  19.855  1.000 80.320  0 24  ARG A CD    1 ? 
ATOM   41   N  NE    . ARG A 1 24  ? 3.047   -3.275  19.665  1.000 81.350  0 24  ARG A NE    1 ? 
ATOM   42   C  CZ    . ARG A 1 24  ? 3.660   -4.365  19.214  1.000 86.014  0 24  ARG A CZ    1 ? 
ATOM   43   N  NH1   . ARG A 1 24  ? 2.978   -5.481  19.024  1.000 95.018  0 24  ARG A NH1   1 ? 
ATOM   44   N  NH2   . ARG A 1 24  ? 4.957   -4.335  18.959  1.000 73.552  0 24  ARG A NH2   1 ? 
ATOM   45   N  N     . GLY A 1 25  ? -2.921  -5.372  17.724  1.000 46.027  0 25  GLY A N     1 ? 
ATOM   46   C  CA    . GLY A 1 25  ? -4.202  -6.009  17.990  1.000 45.209  0 25  GLY A CA    1 ? 
ATOM   47   C  C     . GLY A 1 25  ? -4.432  -7.216  17.087  1.000 48.939  0 25  GLY A C     1 ? 
ATOM   48   O  O     . GLY A 1 25  ? -3.885  -7.300  15.987  1.000 45.639  0 25  GLY A O     1 ? 
ATOM   49   N  N     . PRO A 1 26  ? -5.255  -8.193  17.520  1.000 45.302  0 26  PRO A N     1 ? 
ATOM   50   C  CA    . PRO A 1 26  ? -5.662  -9.289  16.644  1.000 45.286  0 26  PRO A CA    1 ? 
ATOM   51   C  C     . PRO A 1 26  ? -6.532  -8.768  15.503  1.000 45.440  0 26  PRO A C     1 ? 
ATOM   52   O  O     . PRO A 1 26  ? -7.285  -7.813  15.683  1.000 44.732  0 26  PRO A O     1 ? 
ATOM   53   C  CB    . PRO A 1 26  ? -6.438  -10.221 17.586  1.000 47.647  0 26  PRO A CB    1 ? 
ATOM   54   C  CG    . PRO A 1 26  ? -7.009  -9.292  18.647  1.000 45.417  0 26  PRO A CG    1 ? 
ATOM   55   C  CD    . PRO A 1 26  ? -5.975  -8.194  18.805  1.000 50.931  0 26  PRO A CD    1 ? 
ATOM   56   N  N     . ILE A 1 27  ? -6.352  -9.346  14.309  1.000 38.715  0 27  ILE A N     1 ? 
ATOM   57   C  CA    . ILE A 1 27  ? -7.218  -9.057  13.179  1.000 41.626  0 27  ILE A CA    1 ? 
ATOM   58   C  C     . ILE A 1 27  ? -8.670  -9.240  13.623  1.000 41.479  0 27  ILE A C     1 ? 
ATOM   59   O  O     . ILE A 1 27  ? -9.003  -10.268 14.200  1.000 41.991  0 27  ILE A O     1 ? 
ATOM   60   C  CB    . ILE A 1 27  ? -6.859  -9.961  11.980  1.000 41.280  0 27  ILE A CB    1 ? 
ATOM   61   C  CG1   . ILE A 1 27  ? -5.410  -9.761  11.527  1.000 42.840  0 27  ILE A CG1   1 ? 
ATOM   62   C  CG2   . ILE A 1 27  ? -7.829  -9.751  10.827  1.000 40.730  0 27  ILE A CG2   1 ? 
ATOM   63   C  CD1   . ILE A 1 27  ? -4.966  -10.737 10.460  1.000 40.946  0 27  ILE A CD1   1 ? 
ATOM   64   N  N     . PRO A 1 28  ? -9.603  -8.301  13.329  1.000 50.634  0 28  PRO A N     1 ? 
ATOM   65   C  CA    . PRO A 1 28  ? -9.309  -7.104  12.536  1.000 46.984  0 28  PRO A CA    1 ? 
ATOM   66   C  C     . PRO A 1 28  ? -9.384  -5.775  13.286  1.000 49.046  0 28  PRO A C     1 ? 
ATOM   67   O  O     . PRO A 1 28  ? -9.722  -4.744  12.703  1.000 46.398  0 28  PRO A O     1 ? 
ATOM   68   C  CB    . PRO A 1 28  ? -10.465 -7.165  11.529  1.000 44.034  0 28  PRO A CB    1 ? 
ATOM   69   C  CG    . PRO A 1 28  ? -11.644 -7.595  12.389  1.000 51.610  0 28  PRO A CG    1 ? 
ATOM   70   C  CD    . PRO A 1 28  ? -11.054 -8.527  13.434  1.000 49.045  0 28  PRO A CD    1 ? 
ATOM   71   N  N     . GLU A 1 29  ? -9.014  -5.798  14.568  1.000 46.834  0 29  GLU A N     1 ? 
ATOM   72   C  CA    . GLU A 1 29  ? -9.325  -4.709  15.481  1.000 51.798  0 29  GLU A CA    1 ? 
ATOM   73   C  C     . GLU A 1 29  ? -8.592  -3.441  15.044  1.000 43.726  0 29  GLU A C     1 ? 
ATOM   74   O  O     . GLU A 1 29  ? -9.168  -2.354  15.063  1.000 50.225  0 29  GLU A O     1 ? 
ATOM   75   C  CB    . GLU A 1 29  ? -9.011  -5.137  16.919  1.000 53.134  0 29  GLU A CB    1 ? 
ATOM   76   C  CG    . GLU A 1 29  ? -9.802  -6.367  17.348  1.000 60.348  0 29  GLU A CG    1 ? 
ATOM   77   C  CD    . GLU A 1 29  ? -9.738  -6.753  18.819  1.000 67.161  0 29  GLU A CD    1 ? 
ATOM   78   O  OE1   . GLU A 1 29  ? -9.196  -5.962  19.617  1.000 58.959  0 29  GLU A OE1   1 ? 
ATOM   79   O  OE2   . GLU A 1 29  ? -10.243 -7.848  19.161  1.000 70.576  0 29  GLU A OE2   1 ? 
ATOM   80   N  N     . PRO A 1 30  ? -7.332  -3.535  14.562  1.000 41.137  0 30  PRO A N     1 ? 
ATOM   81   C  CA    . PRO A 1 30  ? -6.600  -2.354  14.100  1.000 41.417  0 30  PRO A CA    1 ? 
ATOM   82   C  C     . PRO A 1 30  ? -7.247  -1.630  12.921  1.000 46.097  0 30  PRO A C     1 ? 
ATOM   83   O  O     . PRO A 1 30  ? -7.098  -0.416  12.777  1.000 48.727  0 30  PRO A O     1 ? 
ATOM   84   C  CB    . PRO A 1 30  ? -5.235  -2.920  13.679  1.000 43.339  0 30  PRO A CB    1 ? 
ATOM   85   C  CG    . PRO A 1 30  ? -5.096  -4.197  14.481  1.000 43.014  0 30  PRO A CG    1 ? 
ATOM   86   C  CD    . PRO A 1 30  ? -6.502  -4.751  14.555  1.000 39.437  0 30  PRO A CD    1 ? 
ATOM   87   N  N     . TYR A 1 31  ? -7.925  -2.396  12.059  1.000 44.408  0 31  TYR A N     1 ? 
ATOM   88   C  CA    . TYR A 1 31  ? -8.628  -1.835  10.916  1.000 44.217  0 31  TYR A CA    1 ? 
ATOM   89   C  C     . TYR A 1 31  ? -9.827  -1.037  11.421  1.000 44.266  0 31  TYR A C     1 ? 
ATOM   90   O  O     . TYR A 1 31  ? -10.145 0.026   10.890  1.000 41.453  0 31  TYR A O     1 ? 
ATOM   91   C  CB    . TYR A 1 31  ? -9.016  -2.942  9.926   1.000 41.318  0 31  TYR A CB    1 ? 
ATOM   92   C  CG    . TYR A 1 31  ? -7.835  -3.689  9.352   1.000 40.997  0 31  TYR A CG    1 ? 
ATOM   93   C  CD1   . TYR A 1 31  ? -7.145  -3.199  8.255   1.000 37.282  0 31  TYR A CD1   1 ? 
ATOM   94   C  CD2   . TYR A 1 31  ? -7.312  -4.802  9.996   1.000 32.999  0 31  TYR A CD2   1 ? 
ATOM   95   C  CE1   . TYR A 1 31  ? -5.985  -3.801  7.800   1.000 37.469  0 31  TYR A CE1   1 ? 
ATOM   96   C  CE2   . TYR A 1 31  ? -6.178  -5.443  9.526   1.000 37.269  0 31  TYR A CE2   1 ? 
ATOM   97   C  CZ    . TYR A 1 31  ? -5.514  -4.942  8.421   1.000 39.451  0 31  TYR A CZ    1 ? 
ATOM   98   O  OH    . TYR A 1 31  ? -4.382  -5.558  7.956   1.000 37.862  0 31  TYR A OH    1 ? 
ATOM   99   N  N     . LEU A 1 32  ? -10.435 -1.530  12.503  1.000 46.471  0 32  LEU A N     1 ? 
ATOM   100  C  CA    . LEU A 1 32  ? -11.620 -0.914  13.076  1.000 47.847  0 32  LEU A CA    1 ? 
ATOM   101  C  C     . LEU A 1 32  ? -11.236 0.386   13.777  1.000 49.065  0 32  LEU A C     1 ? 
ATOM   102  O  O     . LEU A 1 32  ? -11.980 1.361   13.723  1.000 51.672  0 32  LEU A O     1 ? 
ATOM   103  C  CB    . LEU A 1 32  ? -12.264 -1.902  14.049  1.000 47.587  0 32  LEU A CB    1 ? 
ATOM   104  C  CG    . LEU A 1 32  ? -12.937 -3.103  13.390  1.000 44.927  0 32  LEU A CG    1 ? 
ATOM   105  C  CD1   . LEU A 1 32  ? -13.408 -4.103  14.430  1.000 49.845  0 32  LEU A CD1   1 ? 
ATOM   106  C  CD2   . LEU A 1 32  ? -14.095 -2.656  12.515  1.000 45.420  0 32  LEU A CD2   1 ? 
ATOM   107  N  N     . LYS A 1 33  ? -10.039 0.405   14.369  1.000 54.016  0 33  LYS A N     1 ? 
ATOM   108  C  CA    . LYS A 1 33  ? -9.569  1.561   15.115  1.000 56.464  0 33  LYS A CA    1 ? 
ATOM   109  C  C     . LYS A 1 33  ? -9.293  2.730   14.174  1.000 62.896  0 33  LYS A C     1 ? 
ATOM   110  O  O     . LYS A 1 33  ? -9.494  3.878   14.557  1.000 59.154  0 33  LYS A O     1 ? 
ATOM   111  C  CB    . LYS A 1 33  ? -8.298  1.215   15.898  1.000 59.310  0 33  LYS A CB    1 ? 
ATOM   112  C  CG    . LYS A 1 33  ? -8.503  0.266   17.070  1.000 70.530  0 33  LYS A CG    1 ? 
ATOM   113  C  CD    . LYS A 1 33  ? -7.242  0.038   17.875  1.000 83.765  0 33  LYS A CD    1 ? 
ATOM   114  C  CE    . LYS A 1 33  ? -7.099  -1.384  18.375  1.000 87.801  0 33  LYS A CE    1 ? 
ATOM   115  N  NZ    . LYS A 1 33  ? -5.678  -1.800  18.418  1.000 83.590  0 33  LYS A NZ    1 ? 
ATOM   116  N  N     . VAL A 1 34  ? -8.794  2.434   12.966  1.000 59.083  0 34  VAL A N     1 ? 
ATOM   117  C  CA    . VAL A 1 34  ? -8.285  3.462   12.069  1.000 50.760  0 34  VAL A CA    1 ? 
ATOM   118  C  C     . VAL A 1 34  ? -9.313  3.766   10.980  1.000 46.478  0 34  VAL A C     1 ? 
ATOM   119  O  O     . VAL A 1 34  ? -9.040  4.519   10.050  1.000 47.958  0 34  VAL A O     1 ? 
ATOM   120  C  CB    . VAL A 1 34  ? -6.941  3.048   11.441  1.000 59.517  0 34  VAL A CB    1 ? 
ATOM   121  C  CG1   . VAL A 1 34  ? -5.896  2.743   12.500  1.000 63.605  0 34  VAL A CG1   1 ? 
ATOM   122  C  CG2   . VAL A 1 34  ? -7.097  1.874   10.484  1.000 57.400  0 34  VAL A CG2   1 ? 
ATOM   123  N  N     . ARG A 1 35  ? -10.503 3.176   11.095  1.000 44.290  0 35  ARG A N     1 ? 
ATOM   124  C  CA    . ARG A 1 35  ? -11.438 3.173   9.985   1.000 48.227  0 35  ARG A CA    1 ? 
ATOM   125  C  C     . ARG A 1 35  ? -11.782 4.605   9.581   1.000 56.955  0 35  ARG A C     1 ? 
ATOM   126  O  O     . ARG A 1 35  ? -11.731 4.947   8.396   1.000 53.856  0 35  ARG A O     1 ? 
ATOM   127  C  CB    . ARG A 1 35  ? -12.690 2.384   10.366  1.000 43.472  0 35  ARG A CB    1 ? 
ATOM   128  C  CG    . ARG A 1 35  ? -13.757 2.387   9.286   1.000 49.519  0 35  ARG A CG    1 ? 
ATOM   129  C  CD    . ARG A 1 35  ? -14.816 1.343   9.556   1.000 57.004  0 35  ARG A CD    1 ? 
ATOM   130  N  NE    . ARG A 1 35  ? -15.769 1.259   8.459   1.000 66.053  0 35  ARG A NE    1 ? 
ATOM   131  C  CZ    . ARG A 1 35  ? -17.002 1.755   8.492   1.000 73.430  0 35  ARG A CZ    1 ? 
ATOM   132  N  NH1   . ARG A 1 35  ? -17.347 2.618   9.432   1.000 80.882  0 35  ARG A NH1   1 ? 
ATOM   133  N  NH2   . ARG A 1 35  ? -17.874 1.413   7.559   1.000 71.331  0 35  ARG A NH2   1 ? 
ATOM   134  N  N     . GLY A 1 36  ? -12.126 5.428   10.582  1.000 61.179  0 36  GLY A N     1 ? 
ATOM   135  C  CA    . GLY A 1 36  ? -12.521 6.816   10.378  1.000 51.064  0 36  GLY A CA    1 ? 
ATOM   136  C  C     . GLY A 1 36  ? -11.467 7.605   9.603   1.000 44.692  0 36  GLY A C     1 ? 
ATOM   137  O  O     . GLY A 1 36  ? -11.794 8.384   8.712   1.000 50.454  0 36  GLY A O     1 ? 
ATOM   138  N  N     . GLU A 1 37  ? -10.197 7.315   9.892   1.000 48.489  0 37  GLU A N     1 ? 
ATOM   139  C  CA    . GLU A 1 37  ? -9.086  7.933   9.195   1.000 54.079  0 37  GLU A CA    1 ? 
ATOM   140  C  C     . GLU A 1 37  ? -8.990  7.405   7.762   1.000 63.878  0 37  GLU A C     1 ? 
ATOM   141  O  O     . GLU A 1 37  ? -8.597  8.142   6.861   1.000 66.828  0 37  GLU A O     1 ? 
ATOM   142  C  CB    . GLU A 1 37  ? -7.791  7.674   9.964   1.000 59.573  0 37  GLU A CB    1 ? 
ATOM   143  C  CG    . GLU A 1 37  ? -6.599  8.423   9.404   1.000 67.506  0 37  GLU A CG    1 ? 
ATOM   144  C  CD    . GLU A 1 37  ? -5.400  8.445   10.332  1.000 80.054  0 37  GLU A CD    1 ? 
ATOM   145  O  OE1   . GLU A 1 37  ? -5.330  7.572   11.219  1.000 83.211  0 37  GLU A OE1   1 ? 
ATOM   146  O  OE2   . GLU A 1 37  ? -4.578  9.376   10.212  1.000 99.383  0 37  GLU A OE2   1 ? 
ATOM   147  N  N     . LEU A 1 38  ? -9.304  6.118   7.555   1.000 58.086  0 38  LEU A N     1 ? 
ATOM   148  C  CA    . LEU A 1 38  ? -9.161  5.518   6.238   1.000 55.098  0 38  LEU A CA    1 ? 
ATOM   149  C  C     . LEU A 1 38  ? -10.246 6.055   5.311   1.000 54.258  0 38  LEU A C     1 ? 
ATOM   150  O  O     . LEU A 1 38  ? -10.075 6.068   4.093   1.000 56.216  0 38  LEU A O     1 ? 
ATOM   151  C  CB    . LEU A 1 38  ? -9.247  3.992   6.339   1.000 52.706  0 38  LEU A CB    1 ? 
ATOM   152  C  CG    . LEU A 1 38  ? -8.111  3.313   7.097   1.000 49.437  0 38  LEU A CG    1 ? 
ATOM   153  C  CD1   . LEU A 1 38  ? -8.268  1.801   7.062   1.000 47.460  0 38  LEU A CD1   1 ? 
ATOM   154  C  CD2   . LEU A 1 38  ? -6.760  3.726   6.535   1.000 53.186  0 38  LEU A CD2   1 ? 
ATOM   155  N  N     . GLU A 1 39  ? -11.362 6.488   5.905   1.000 55.693  0 39  GLU A N     1 ? 
ATOM   156  C  CA    . GLU A 1 39  ? -12.508 6.946   5.133   1.000 61.067  0 39  GLU A CA    1 ? 
ATOM   157  C  C     . GLU A 1 39  ? -12.327 8.400   4.702   1.000 59.040  0 39  GLU A C     1 ? 
ATOM   158  O  O     . GLU A 1 39  ? -13.066 8.875   3.846   1.000 58.079  0 39  GLU A O     1 ? 
ATOM   159  C  CB    . GLU A 1 39  ? -13.795 6.805   5.942   1.000 57.526  0 39  GLU A CB    1 ? 
ATOM   160  C  CG    . GLU A 1 39  ? -14.353 5.399   5.920   1.000 66.778  0 39  GLU A CG    1 ? 
ATOM   161  C  CD    . GLU A 1 39  ? -15.436 5.143   6.949   1.000 68.961  0 39  GLU A CD    1 ? 
ATOM   162  O  OE1   . GLU A 1 39  ? -15.336 5.701   8.057   1.000 76.233  0 39  GLU A OE1   1 ? 
ATOM   163  O  OE2   . GLU A 1 39  ? -16.353 4.361   6.650   1.000 82.596  0 39  GLU A OE2   1 ? 
ATOM   164  N  N     . LYS A 1 40  ? -11.371 9.109   5.313   1.000 54.493  0 40  LYS A N     1 ? 
ATOM   165  C  CA    . LYS A 1 40  ? -11.229 10.538  5.082   1.000 66.092  0 40  LYS A CA    1 ? 
ATOM   166  C  C     . LYS A 1 40  ? -9.988  10.832  4.238   1.000 64.900  0 40  LYS A C     1 ? 
ATOM   167  O  O     . LYS A 1 40  ? -9.651  11.992  4.020   1.000 70.613  0 40  LYS A O     1 ? 
ATOM   168  C  CB    . LYS A 1 40  ? -11.187 11.268  6.405   1.000 58.994  0 40  LYS A CB    1 ? 
ATOM   169  N  N     . HIS A 1 41  ? -9.310  9.781   3.759   1.000 63.205  0 41  HIS A N     1 ? 
ATOM   170  C  CA    . HIS A 1 41  ? -8.128  9.947   2.928   1.000 54.650  0 41  HIS A CA    1 ? 
ATOM   171  C  C     . HIS A 1 41  ? -8.114  8.882   1.831   1.000 57.526  0 41  HIS A C     1 ? 
ATOM   172  O  O     . HIS A 1 41  ? -8.815  7.877   1.924   1.000 57.276  0 41  HIS A O     1 ? 
ATOM   173  C  CB    . HIS A 1 41  ? -6.850  9.901   3.776   1.000 66.179  0 41  HIS A CB    1 ? 
ATOM   174  C  CG    . HIS A 1 41  ? -6.707  11.016  4.765   1.000 84.477  0 41  HIS A CG    1 ? 
ATOM   175  N  ND1   . HIS A 1 41  ? -6.445  12.320  4.402   1.000 85.881  0 41  HIS A ND1   1 ? 
ATOM   176  C  CD2   . HIS A 1 41  ? -6.733  11.006  6.106   1.000 82.616  0 41  HIS A CD2   1 ? 
ATOM   177  C  CE1   . HIS A 1 41  ? -6.353  13.068  5.492   1.000 83.007  0 41  HIS A CE1   1 ? 
ATOM   178  N  NE2   . HIS A 1 41  ? -6.522  12.290  6.538   1.000 81.601  0 41  HIS A NE2   1 ? 
ATOM   179  N  N     . PRO A 1 42  ? -7.362  9.101   0.727   1.000 61.690  0 42  PRO A N     1 ? 
ATOM   180  C  CA    . PRO A 1 42  ? -7.018  8.026   -0.203  1.000 52.295  0 42  PRO A CA    1 ? 
ATOM   181  C  C     . PRO A 1 42  ? -6.121  6.984   0.455   1.000 52.176  0 42  PRO A C     1 ? 
ATOM   182  O  O     . PRO A 1 42  ? -5.184  7.344   1.161   1.000 49.797  0 42  PRO A O     1 ? 
ATOM   183  C  CB    . PRO A 1 42  ? -6.239  8.717   -1.335  1.000 56.899  0 42  PRO A CB    1 ? 
ATOM   184  C  CG    . PRO A 1 42  ? -6.567  10.194  -1.201  1.000 59.706  0 42  PRO A CG    1 ? 
ATOM   185  C  CD    . PRO A 1 42  ? -6.895  10.416  0.262   1.000 61.468  0 42  PRO A CD    1 ? 
ATOM   186  N  N     . VAL A 1 43  ? -6.385  5.699   0.174   1.000 46.430  0 43  VAL A N     1 ? 
ATOM   187  C  CA    . VAL A 1 43  ? -5.693  4.614   0.855   1.000 44.551  0 43  VAL A CA    1 ? 
ATOM   188  C  C     . VAL A 1 43  ? -4.985  3.730   -0.173  1.000 42.069  0 43  VAL A C     1 ? 
ATOM   189  O  O     . VAL A 1 43  ? -5.581  3.326   -1.172  1.000 43.429  0 43  VAL A O     1 ? 
ATOM   190  C  CB    . VAL A 1 43  ? -6.660  3.790   1.728   1.000 46.673  0 43  VAL A CB    1 ? 
ATOM   191  C  CG1   . VAL A 1 43  ? -6.004  2.523   2.255   1.000 45.740  0 43  VAL A CG1   1 ? 
ATOM   192  C  CG2   . VAL A 1 43  ? -7.221  4.608   2.879   1.000 51.584  0 43  VAL A CG2   1 ? 
ATOM   193  N  N     . VAL A 1 44  ? -3.727  3.385   0.131   1.000 37.587  0 44  VAL A N     1 ? 
ATOM   194  C  CA    . VAL A 1 44  ? -2.978  2.372   -0.598  1.000 43.314  0 44  VAL A CA    1 ? 
ATOM   195  C  C     . VAL A 1 44  ? -2.664  1.214   0.349   1.000 42.178  0 44  VAL A C     1 ? 
ATOM   196  O  O     . VAL A 1 44  ? -2.137  1.430   1.438   1.000 49.263  0 44  VAL A O     1 ? 
ATOM   197  C  CB    . VAL A 1 44  ? -1.697  2.981   -1.203  1.000 42.693  0 44  VAL A CB    1 ? 
ATOM   198  C  CG1   . VAL A 1 44  ? -0.760  1.929   -1.778  1.000 41.300  0 44  VAL A CG1   1 ? 
ATOM   199  C  CG2   . VAL A 1 44  ? -2.034  4.029   -2.253  1.000 46.385  0 44  VAL A CG2   1 ? 
ATOM   200  N  N     . THR A 1 45  ? -3.001  -0.014  -0.066  1.000 40.297  0 45  THR A N     1 ? 
ATOM   201  C  CA    . THR A 1 45  ? -2.753  -1.194  0.748   1.000 37.178  0 45  THR A CA    1 ? 
ATOM   202  C  C     . THR A 1 45  ? -1.678  -2.051  0.092   1.000 37.602  0 45  THR A C     1 ? 
ATOM   203  O  O     . THR A 1 45  ? -1.670  -2.205  -1.126  1.000 42.356  0 45  THR A O     1 ? 
ATOM   204  C  CB    . THR A 1 45  ? -4.021  -2.022  0.993   1.000 34.739  0 45  THR A CB    1 ? 
ATOM   205  O  OG1   . THR A 1 45  ? -4.618  -2.390  -0.250  1.000 34.852  0 45  THR A OG1   1 ? 
ATOM   206  C  CG2   . THR A 1 45  ? -5.043  -1.292  1.834   1.000 37.729  0 45  THR A CG2   1 ? 
ATOM   207  N  N     . VAL A 1 46  ? -0.771  -2.575  0.926   1.000 38.430  0 46  VAL A N     1 ? 
ATOM   208  C  CA    . VAL A 1 46  ? 0.236   -3.541  0.517   1.000 38.501  0 46  VAL A CA    1 ? 
ATOM   209  C  C     . VAL A 1 46  ? 0.011   -4.841  1.296   1.000 35.959  0 46  VAL A C     1 ? 
ATOM   210  O  O     . VAL A 1 46  ? 0.124   -4.872  2.518   1.000 40.220  0 46  VAL A O     1 ? 
ATOM   211  C  CB    . VAL A 1 46  ? 1.657   -2.987  0.756   1.000 45.666  0 46  VAL A CB    1 ? 
ATOM   212  C  CG1   . VAL A 1 46  ? 2.730   -4.007  0.404   1.000 43.902  0 46  VAL A CG1   1 ? 
ATOM   213  C  CG2   . VAL A 1 46  ? 1.897   -1.682  0.010   1.000 45.032  0 46  VAL A CG2   1 ? 
ATOM   214  N  N     . GLY A 1 47  ? -0.357  -5.903  0.575   1.000 38.213  0 47  GLY A N     1 ? 
ATOM   215  C  CA    . GLY A 1 47  ? -0.509  -7.229  1.146   1.000 33.294  0 47  GLY A CA    1 ? 
ATOM   216  C  C     . GLY A 1 47  ? -1.940  -7.739  1.008   1.000 34.832  0 47  GLY A C     1 ? 
ATOM   217  O  O     . GLY A 1 47  ? -2.889  -6.954  1.053   1.000 34.768  0 47  GLY A O     1 ? 
ATOM   218  N  N     . ASP A 1 48  ? -2.078  -9.065  0.915   1.000 34.765  0 48  ASP A N     1 ? 
ATOM   219  C  CA    . ASP A 1 48  ? -3.370  -9.712  0.739   1.000 42.553  0 48  ASP A CA    1 ? 
ATOM   220  C  C     . ASP A 1 48  ? -4.240  -9.529  1.983   1.000 38.442  0 48  ASP A C     1 ? 
ATOM   221  O  O     . ASP A 1 48  ? -5.451  -9.349  1.866   1.000 36.112  0 48  ASP A O     1 ? 
ATOM   222  C  CB    . ASP A 1 48  ? -3.202  -11.207 0.462   1.000 55.054  0 48  ASP A CB    1 ? 
ATOM   223  C  CG    . ASP A 1 48  ? -3.134  -11.569 -1.010  1.000 76.006  0 48  ASP A CG    1 ? 
ATOM   224  O  OD1   . ASP A 1 48  ? -4.197  -11.530 -1.662  1.000 105.888 0 48  ASP A OD1   1 ? 
ATOM   225  O  OD2   . ASP A 1 48  ? -2.034  -11.964 -1.469  1.000 68.193  0 48  ASP A OD2   1 ? 
ATOM   226  N  N     . VAL A 1 49  ? -3.631  -9.681  3.167   1.000 38.515  0 49  VAL A N     1 ? 
ATOM   227  C  CA    . VAL A 1 49  ? -4.366  -9.625  4.422   1.000 38.231  0 49  VAL A CA    1 ? 
ATOM   228  C  C     . VAL A 1 49  ? -4.795  -8.178  4.673   1.000 31.883  0 49  VAL A C     1 ? 
ATOM   229  O  O     . VAL A 1 49  ? -5.966  -7.908  4.906   1.000 33.160  0 49  VAL A O     1 ? 
ATOM   230  C  CB    . VAL A 1 49  ? -3.536  -10.206 5.586   1.000 42.636  0 49  VAL A CB    1 ? 
ATOM   231  C  CG1   . VAL A 1 49  ? -4.272  -10.121 6.915   1.000 41.358  0 49  VAL A CG1   1 ? 
ATOM   232  C  CG2   . VAL A 1 49  ? -3.113  -11.646 5.313   1.000 39.213  0 49  VAL A CG2   1 ? 
ATOM   233  N  N     . VAL A 1 50  ? -3.882  -7.238  4.435   1.000 34.127  0 50  VAL A N     1 ? 
ATOM   234  C  CA    . VAL A 1 50  ? -4.166  -5.826  4.626   1.000 35.643  0 50  VAL A CA    1 ? 
ATOM   235  C  C     . VAL A 1 50  ? -5.282  -5.405  3.672   1.000 41.136  0 50  VAL A C     1 ? 
ATOM   236  O  O     . VAL A 1 50  ? -6.297  -4.857  4.103   1.000 35.945  0 50  VAL A O     1 ? 
ATOM   237  C  CB    . VAL A 1 50  ? -2.897  -4.978  4.429   1.000 37.234  0 50  VAL A CB    1 ? 
ATOM   238  C  CG1   . VAL A 1 50  ? -3.189  -3.486  4.504   1.000 39.190  0 50  VAL A CG1   1 ? 
ATOM   239  C  CG2   . VAL A 1 50  ? -1.807  -5.368  5.419   1.000 36.210  0 50  VAL A CG2   1 ? 
ATOM   240  N  N     . THR A 1 51  ? -5.119  -5.741  2.387   1.000 36.878  0 51  THR A N     1 ? 
ATOM   241  C  CA    . THR A 1 51  ? -6.080  -5.362  1.365   1.000 32.405  0 51  THR A CA    1 ? 
ATOM   242  C  C     . THR A 1 51  ? -7.468  -5.889  1.728   1.000 33.240  0 51  THR A C     1 ? 
ATOM   243  O  O     . THR A 1 51  ? -8.430  -5.122  1.753   1.000 31.605  0 51  THR A O     1 ? 
ATOM   244  C  CB    . THR A 1 51  ? -5.651  -5.851  -0.024  1.000 30.238  0 51  THR A CB    1 ? 
ATOM   245  O  OG1   . THR A 1 51  ? -4.401  -5.241  -0.349  1.000 26.631  0 51  THR A OG1   1 ? 
ATOM   246  C  CG2   . THR A 1 51  ? -6.674  -5.535  -1.091  1.000 29.931  0 51  THR A CG2   1 ? 
ATOM   247  N  N     . GLU A 1 52  ? -7.568  -7.204  1.970   1.000 34.909  0 52  GLU A N     1 ? 
ATOM   248  C  CA    . GLU A 1 52  ? -8.853  -7.833  2.239   1.000 40.423  0 52  GLU A CA    1 ? 
ATOM   249  C  C     . GLU A 1 52  ? -9.524  -7.175  3.445   1.000 37.003  0 52  GLU A C     1 ? 
ATOM   250  O  O     . GLU A 1 52  ? -10.731 -6.950  3.435   1.000 37.053  0 52  GLU A O     1 ? 
ATOM   251  C  CB    . GLU A 1 52  ? -8.686  -9.322  2.445   1.000 39.162  0 52  GLU A CB    1 ? 
ATOM   252  N  N     . ASN A 1 53  ? -8.733  -6.806  4.458   1.000 33.588  0 53  ASN A N     1 ? 
ATOM   253  C  CA    . ASN A 1 53  ? -9.298  -6.337  5.713   1.000 37.534  0 53  ASN A CA    1 ? 
ATOM   254  C  C     . ASN A 1 53  ? -9.828  -4.915  5.546   1.000 38.878  0 53  ASN A C     1 ? 
ATOM   255  O  O     . ASN A 1 53  ? -10.849 -4.561  6.137   1.000 40.015  0 53  ASN A O     1 ? 
ATOM   256  C  CB    . ASN A 1 53  ? -8.298  -6.462  6.863   1.000 37.853  0 53  ASN A CB    1 ? 
ATOM   257  C  CG    . ASN A 1 53  ? -8.375  -7.827  7.515   1.000 37.922  0 53  ASN A CG    1 ? 
ATOM   258  O  OD1   . ASN A 1 53  ? -7.582  -8.720  7.214   1.000 34.326  0 53  ASN A OD1   1 ? 
ATOM   259  N  ND2   . ASN A 1 53  ? -9.430  -8.046  8.280   1.000 34.969  0 53  ASN A ND2   1 ? 
ATOM   260  N  N     . VAL A 1 54  ? -9.169  -4.122  4.694   1.000 34.463  0 54  VAL A N     1 ? 
ATOM   261  C  CA    . VAL A 1 54  ? -9.624  -2.771  4.416   1.000 33.095  0 54  VAL A CA    1 ? 
ATOM   262  C  C     . VAL A 1 54  ? -10.909 -2.815  3.584   1.000 36.870  0 54  VAL A C     1 ? 
ATOM   263  O  O     . VAL A 1 54  ? -11.870 -2.111  3.892   1.000 34.372  0 54  VAL A O     1 ? 
ATOM   264  C  CB    . VAL A 1 54  ? -8.510  -1.949  3.750   1.000 32.645  0 54  VAL A CB    1 ? 
ATOM   265  C  CG1   . VAL A 1 54  ? -9.029  -0.636  3.184   1.000 39.146  0 54  VAL A CG1   1 ? 
ATOM   266  C  CG2   . VAL A 1 54  ? -7.359  -1.707  4.717   1.000 30.302  0 54  VAL A CG2   1 ? 
ATOM   267  N  N     . LEU A 1 55  ? -10.982 -3.724  2.605   1.000 32.250  0 55  LEU A N     1 ? 
ATOM   268  C  CA    . LEU A 1 55  ? -12.187 -3.855  1.799   1.000 35.572  0 55  LEU A CA    1 ? 
ATOM   269  C  C     . LEU A 1 55  ? -13.388 -4.203  2.684   1.000 40.627  0 55  LEU A C     1 ? 
ATOM   270  O  O     . LEU A 1 55  ? -14.486 -3.693  2.480   1.000 48.150  0 55  LEU A O     1 ? 
ATOM   271  C  CB    . LEU A 1 55  ? -11.971 -4.917  0.715   1.000 33.319  0 55  LEU A CB    1 ? 
ATOM   272  C  CG    . LEU A 1 55  ? -11.033 -4.519  -0.426  1.000 39.063  0 55  LEU A CG    1 ? 
ATOM   273  C  CD1   . LEU A 1 55  ? -10.682 -5.725  -1.294  1.000 36.584  0 55  LEU A CD1   1 ? 
ATOM   274  C  CD2   . LEU A 1 55  ? -11.643 -3.412  -1.279  1.000 35.519  0 55  LEU A CD2   1 ? 
ATOM   275  N  N     . LYS A 1 56  ? -13.177 -5.059  3.687   1.000 39.448  0 56  LYS A N     1 ? 
ATOM   276  C  CA    . LYS A 1 56  ? -14.288 -5.632  4.427   1.000 40.908  0 56  LYS A CA    1 ? 
ATOM   277  C  C     . LYS A 1 56  ? -14.853 -4.632  5.434   1.000 39.337  0 56  LYS A C     1 ? 
ATOM   278  O  O     . LYS A 1 56  ? -15.978 -4.801  5.894   1.000 49.136  0 56  LYS A O     1 ? 
ATOM   279  C  CB    . LYS A 1 56  ? -13.865 -6.934  5.111   1.000 43.086  0 56  LYS A CB    1 ? 
ATOM   280  C  CG    . LYS A 1 56  ? -13.778 -8.129  4.170   1.000 46.720  0 56  LYS A CG    1 ? 
ATOM   281  C  CD    . LYS A 1 56  ? -13.629 -9.458  4.866   1.000 50.633  0 56  LYS A CD    1 ? 
ATOM   282  C  CE    . LYS A 1 56  ? -12.483 -9.483  5.850   1.000 52.123  0 56  LYS A CE    1 ? 
ATOM   283  N  NZ    . LYS A 1 56  ? -12.430 -10.776 6.568   1.000 61.801  0 56  LYS A NZ    1 ? 
ATOM   284  N  N     . ILE A 1 57  ? -14.110 -3.558  5.715   1.000 38.748  0 57  ILE A N     1 ? 
ATOM   285  C  CA    . ILE A 1 57  ? -14.650 -2.450  6.486   1.000 42.772  0 57  ILE A CA    1 ? 
ATOM   286  C  C     . ILE A 1 57  ? -15.091 -1.315  5.558   1.000 46.262  0 57  ILE A C     1 ? 
ATOM   287  O  O     . ILE A 1 57  ? -15.205 -0.172  5.990   1.000 49.759  0 57  ILE A O     1 ? 
ATOM   288  C  CB    . ILE A 1 57  ? -13.635 -1.972  7.542   1.000 41.729  0 57  ILE A CB    1 ? 
ATOM   289  C  CG1   . ILE A 1 57  ? -12.347 -1.439  6.910   1.000 46.349  0 57  ILE A CG1   1 ? 
ATOM   290  C  CG2   . ILE A 1 57  ? -13.357 -3.076  8.546   1.000 48.326  0 57  ILE A CG2   1 ? 
ATOM   291  C  CD1   . ILE A 1 57  ? -11.561 -0.513  7.809   1.000 45.676  0 57  ILE A CD1   1 ? 
ATOM   292  N  N     . GLY A 1 58  ? -15.345 -1.633  4.283   1.000 48.481  0 58  GLY A N     1 ? 
ATOM   293  C  CA    . GLY A 1 58  ? -16.101 -0.757  3.402   1.000 48.072  0 58  GLY A CA    1 ? 
ATOM   294  C  C     . GLY A 1 58  ? -15.258 0.356   2.777   1.000 45.422  0 58  GLY A C     1 ? 
ATOM   295  O  O     . GLY A 1 58  ? -15.796 1.279   2.178   1.000 48.704  0 58  GLY A O     1 ? 
ATOM   296  N  N     . VAL A 1 59  ? -13.933 0.260   2.899   1.000 43.457  0 59  VAL A N     1 ? 
ATOM   297  C  CA    . VAL A 1 59  ? -13.041 1.227   2.287   1.000 44.504  0 59  VAL A CA    1 ? 
ATOM   298  C  C     . VAL A 1 59  ? -12.483 0.625   0.999   1.000 43.438  0 59  VAL A C     1 ? 
ATOM   299  O  O     . VAL A 1 59  ? -12.055 -0.525  0.989   1.000 44.352  0 59  VAL A O     1 ? 
ATOM   300  C  CB    . VAL A 1 59  ? -11.924 1.630   3.267   1.000 47.736  0 59  VAL A CB    1 ? 
ATOM   301  C  CG1   . VAL A 1 59  ? -10.796 2.382   2.574   1.000 50.395  0 59  VAL A CG1   1 ? 
ATOM   302  C  CG2   . VAL A 1 59  ? -12.476 2.439   4.431   1.000 51.276  0 59  VAL A CG2   1 ? 
ATOM   303  N  N     . LYS A 1 60  ? -12.476 1.419   -0.080  1.000 48.024  0 60  LYS A N     1 ? 
ATOM   304  C  CA    . LYS A 1 60  ? -11.896 1.001   -1.349  1.000 45.320  0 60  LYS A CA    1 ? 
ATOM   305  C  C     . LYS A 1 60  ? -10.549 1.685   -1.540  1.000 43.392  0 60  LYS A C     1 ? 
ATOM   306  O  O     . LYS A 1 60  ? -10.474 2.902   -1.712  1.000 47.651  0 60  LYS A O     1 ? 
ATOM   307  C  CB    . LYS A 1 60  ? -12.837 1.310   -2.517  1.000 54.145  0 60  LYS A CB    1 ? 
ATOM   308  C  CG    . LYS A 1 60  ? -13.998 0.334   -2.659  1.000 70.704  0 60  LYS A CG    1 ? 
ATOM   309  C  CD    . LYS A 1 60  ? -14.830 0.529   -3.905  1.000 84.486  0 60  LYS A CD    1 ? 
ATOM   310  C  CE    . LYS A 1 60  ? -15.915 -0.517  -4.049  1.000 90.523  0 60  LYS A CE    1 ? 
ATOM   311  N  NZ    . LYS A 1 60  ? -16.953 -0.102  -5.022  1.000 89.684  0 60  LYS A NZ    1 ? 
ATOM   312  N  N     . PRO A 1 61  ? -9.439  0.918   -1.489  1.000 37.421  0 61  PRO A N     1 ? 
ATOM   313  C  CA    . PRO A 1 61  ? -8.115  1.463   -1.772  1.000 40.606  0 61  PRO A CA    1 ? 
ATOM   314  C  C     . PRO A 1 61  ? -8.062  2.002   -3.195  1.000 41.951  0 61  PRO A C     1 ? 
ATOM   315  O  O     . PRO A 1 61  ? -8.720  1.459   -4.081  1.000 36.966  0 61  PRO A O     1 ? 
ATOM   316  C  CB    . PRO A 1 61  ? -7.169  0.265   -1.611  1.000 40.458  0 61  PRO A CB    1 ? 
ATOM   317  C  CG    . PRO A 1 61  ? -7.956  -0.725  -0.783  1.000 42.468  0 61  PRO A CG    1 ? 
ATOM   318  C  CD    . PRO A 1 61  ? -9.401  -0.515  -1.179  1.000 39.380  0 61  PRO A CD    1 ? 
ATOM   319  N  N     . ILE A 1 62  ? -7.308  3.091   -3.389  1.000 40.865  0 62  ILE A N     1 ? 
ATOM   320  C  CA    . ILE A 1 62  ? -7.047  3.599   -4.726  1.000 41.838  0 62  ILE A CA    1 ? 
ATOM   321  C  C     . ILE A 1 62  ? -6.065  2.659   -5.421  1.000 37.796  0 62  ILE A C     1 ? 
ATOM   322  O  O     . ILE A 1 62  ? -6.149  2.465   -6.628  1.000 41.232  0 62  ILE A O     1 ? 
ATOM   323  C  CB    . ILE A 1 62  ? -6.536  5.054   -4.703  1.000 41.781  0 62  ILE A CB    1 ? 
ATOM   324  C  CG1   . ILE A 1 62  ? -5.270  5.211   -3.858  1.000 45.869  0 62  ILE A CG1   1 ? 
ATOM   325  C  CG2   . ILE A 1 62  ? -7.633  6.009   -4.261  1.000 39.447  0 62  ILE A CG2   1 ? 
ATOM   326  C  CD1   . ILE A 1 62  ? -4.438  6.420   -4.227  1.000 50.658  0 62  ILE A CD1   1 ? 
ATOM   327  N  N     . ILE A 1 63  ? -5.131  2.094   -4.647  1.000 36.575  0 63  ILE A N     1 ? 
ATOM   328  C  CA    . ILE A 1 63  ? -4.207  1.089   -5.147  1.000 39.176  0 63  ILE A CA    1 ? 
ATOM   329  C  C     . ILE A 1 63  ? -4.049  0.002   -4.087  1.000 40.256  0 63  ILE A C     1 ? 
ATOM   330  O  O     . ILE A 1 63  ? -3.957  0.297   -2.899  1.000 41.740  0 63  ILE A O     1 ? 
ATOM   331  C  CB    . ILE A 1 63  ? -2.852  1.721   -5.518  1.000 40.487  0 63  ILE A CB    1 ? 
ATOM   332  C  CG1   . ILE A 1 63  ? -2.999  2.808   -6.586  1.000 44.211  0 63  ILE A CG1   1 ? 
ATOM   333  C  CG2   . ILE A 1 63  ? -1.855  0.651   -5.941  1.000 40.165  0 63  ILE A CG2   1 ? 
ATOM   334  C  CD1   . ILE A 1 63  ? -1.698  3.496   -6.936  1.000 49.267  0 63  ILE A CD1   1 ? 
ATOM   335  N  N     . ALA A 1 64  ? -4.103  -1.256  -4.531  1.000 37.915  0 64  ALA A N     1 ? 
ATOM   336  C  CA    . ALA A 1 64  ? -3.824  -2.402  -3.683  1.000 37.555  0 64  ALA A CA    1 ? 
ATOM   337  C  C     . ALA A 1 64  ? -2.791  -3.280  -4.379  1.000 41.258  0 64  ALA A C     1 ? 
ATOM   338  O  O     . ALA A 1 64  ? -2.972  -3.611  -5.548  1.000 41.449  0 64  ALA A O     1 ? 
ATOM   339  C  CB    . ALA A 1 64  ? -5.098  -3.167  -3.417  1.000 37.066  0 64  ALA A CB    1 ? 
ATOM   340  N  N     . LEU A 1 65  ? -1.665  -3.531  -3.696  1.000 45.272  0 65  LEU A N     1 ? 
ATOM   341  C  CA    . LEU A 1 65  ? -0.613  -4.411  -4.183  1.000 46.535  0 65  LEU A CA    1 ? 
ATOM   342  C  C     . LEU A 1 65  ? -0.619  -5.690  -3.364  1.000 45.232  0 65  LEU A C     1 ? 
ATOM   343  O  O     . LEU A 1 65  ? -0.387  -5.637  -2.161  1.000 48.195  0 65  LEU A O     1 ? 
ATOM   344  C  CB    . LEU A 1 65  ? 0.759   -3.755  -4.009  1.000 53.006  0 65  LEU A CB    1 ? 
ATOM   345  C  CG    . LEU A 1 65  ? 1.003   -2.461  -4.771  1.000 63.246  0 65  LEU A CG    1 ? 
ATOM   346  C  CD1   . LEU A 1 65  ? 0.682   -1.258  -3.897  1.000 78.488  0 65  LEU A CD1   1 ? 
ATOM   347  C  CD2   . LEU A 1 65  ? 2.439   -2.406  -5.260  1.000 56.886  0 65  LEU A CD2   1 ? 
ATOM   348  N  N     . TYR A 1 66  ? -0.641  -6.836  -4.042  1.000 44.585  0 66  TYR A N     1 ? 
ATOM   349  C  CA    . TYR A 1 66  ? -0.600  -8.095  -3.324  1.000 45.367  0 66  TYR A CA    1 ? 
ATOM   350  C  C     . TYR A 1 66  ? -0.021  -9.205  -4.196  1.000 48.098  0 66  TYR A C     1 ? 
ATOM   351  O  O     . TYR A 1 66  ? 0.027   -9.108  -5.423  1.000 40.923  0 66  TYR A O     1 ? 
ATOM   352  C  CB    . TYR A 1 66  ? -1.978  -8.441  -2.754  1.000 44.270  0 66  TYR A CB    1 ? 
ATOM   353  C  CG    . TYR A 1 66  ? -3.144  -8.309  -3.701  1.000 46.459  0 66  TYR A CG    1 ? 
ATOM   354  C  CD1   . TYR A 1 66  ? -3.796  -7.097  -3.871  1.000 50.008  0 66  TYR A CD1   1 ? 
ATOM   355  C  CD2   . TYR A 1 66  ? -3.682  -9.423  -4.321  1.000 40.408  0 66  TYR A CD2   1 ? 
ATOM   356  C  CE1   . TYR A 1 66  ? -4.934  -6.993  -4.654  1.000 46.604  0 66  TYR A CE1   1 ? 
ATOM   357  C  CE2   . TYR A 1 66  ? -4.790  -9.327  -5.146  1.000 46.674  0 66  TYR A CE2   1 ? 
ATOM   358  C  CZ    . TYR A 1 66  ? -5.431  -8.110  -5.298  1.000 47.871  0 66  TYR A CZ    1 ? 
ATOM   359  O  OH    . TYR A 1 66  ? -6.539  -8.012  -6.104  1.000 53.435  0 66  TYR A OH    1 ? 
ATOM   360  N  N     . ASP A 1 67  ? 0.473   -10.233 -3.504  1.000 44.386  0 67  ASP A N     1 ? 
ATOM   361  C  CA    . ASP A 1 67  ? 1.084   -11.387 -4.132  1.000 48.457  0 67  ASP A CA    1 ? 
ATOM   362  C  C     . ASP A 1 67  ? -0.016  -12.275 -4.701  1.000 49.624  0 67  ASP A C     1 ? 
ATOM   363  O  O     . ASP A 1 67  ? -1.042  -12.493 -4.062  1.000 56.522  0 67  ASP A O     1 ? 
ATOM   364  C  CB    . ASP A 1 67  ? 1.960   -12.149 -3.133  1.000 49.441  0 67  ASP A CB    1 ? 
ATOM   365  C  CG    . ASP A 1 67  ? 3.207   -11.391 -2.707  1.000 55.195  0 67  ASP A CG    1 ? 
ATOM   366  O  OD1   . ASP A 1 67  ? 3.566   -10.413 -3.394  1.000 59.315  0 67  ASP A OD1   1 ? 
ATOM   367  O  OD2   . ASP A 1 67  ? 3.814   -11.788 -1.694  1.000 67.871  0 67  ASP A OD2   1 ? 
ATOM   368  N  N     . LEU A 1 68  ? 0.238   -12.811 -5.896  1.000 48.686  0 68  LEU A N     1 ? 
ATOM   369  C  CA    . LEU A 1 68  ? -0.597  -13.844 -6.479  1.000 62.736  0 68  LEU A CA    1 ? 
ATOM   370  C  C     . LEU A 1 68  ? -0.506  -15.127 -5.658  1.000 76.099  0 68  LEU A C     1 ? 
ATOM   371  O  O     . LEU A 1 68  ? 0.587   -15.585 -5.322  1.000 72.745  0 68  LEU A O     1 ? 
ATOM   372  C  CB    . LEU A 1 68  ? -0.132  -14.083 -7.917  1.000 64.339  0 68  LEU A CB    1 ? 
ATOM   373  C  CG    . LEU A 1 68  ? -0.876  -13.282 -8.981  1.000 58.126  0 68  LEU A CG    1 ? 
ATOM   374  C  CD1   . LEU A 1 68  ? -0.331  -13.593 -10.363 1.000 69.677  0 68  LEU A CD1   1 ? 
ATOM   375  C  CD2   . LEU A 1 68  ? -2.370  -13.567 -8.920  1.000 68.238  0 68  LEU A CD2   1 ? 
ATOM   376  N  N     . LYS A 1 69  ? -1.674  -15.716 -5.375  1.000 89.535  0 69  LYS A N     1 ? 
ATOM   377  C  CA    . LYS A 1 69  ? -1.757  -17.073 -4.860  1.000 94.975  0 69  LYS A CA    1 ? 
ATOM   378  C  C     . LYS A 1 69  ? -3.042  -17.725 -5.387  1.000 96.521  0 69  LYS A C     1 ? 
ATOM   379  O  O     . LYS A 1 69  ? -3.339  -18.849 -4.939  1.000 114.583 0 69  LYS A O     1 ? 
ATOM   380  C  CB    . LYS A 1 69  ? -1.719  -17.064 -3.328  1.000 91.819  0 69  LYS A CB    1 ? 
ATOM   381  C  CG    . LYS A 1 69  ? -0.438  -16.514 -2.714  1.000 90.687  0 69  LYS A CG    1 ? 
ATOM   382  C  CD    . LYS A 1 69  ? -0.597  -16.077 -1.273  1.000 88.313  0 69  LYS A CD    1 ? 
ATOM   383  C  CE    . LYS A 1 69  ? 0.598   -15.308 -0.754  1.000 84.913  0 69  LYS A CE    1 ? 
ATOM   384  N  NZ    . LYS A 1 69  ? 0.274   -14.581 0.496   1.000 85.697  0 69  LYS A NZ    1 ? 
ATOM   385  N  N     . ALA A 1 83  ? -12.375 -2.479  -10.962 1.000 72.514  0 83  ALA A N     1 ? 
ATOM   386  C  CA    . ALA A 1 83  ? -10.946 -2.151  -10.739 1.000 66.163  0 83  ALA A CA    1 ? 
ATOM   387  C  C     . ALA A 1 83  ? -10.115 -2.564  -11.955 1.000 62.462  0 83  ALA A C     1 ? 
ATOM   388  O  O     . ALA A 1 83  ? -10.446 -3.521  -12.648 1.000 63.102  0 83  ALA A O     1 ? 
ATOM   389  C  CB    . ALA A 1 83  ? -10.455 -2.827  -9.485  1.000 65.761  0 83  ALA A CB    1 ? 
ATOM   390  N  N     . VAL A 1 84  ? -9.007  -1.848  -12.168 1.000 49.413  0 84  VAL A N     1 ? 
ATOM   391  C  CA    . VAL A 1 84  ? -8.025  -2.177  -13.188 1.000 45.884  0 84  VAL A CA    1 ? 
ATOM   392  C  C     . VAL A 1 84  ? -6.946  -3.061  -12.571 1.000 39.529  0 84  VAL A C     1 ? 
ATOM   393  O  O     . VAL A 1 84  ? -6.431  -2.744  -11.503 1.000 39.932  0 84  VAL A O     1 ? 
ATOM   394  C  CB    . VAL A 1 84  ? -7.413  -0.887  -13.770 1.000 46.349  0 84  VAL A CB    1 ? 
ATOM   395  C  CG1   . VAL A 1 84  ? -6.164  -1.162  -14.590 1.000 44.553  0 84  VAL A CG1   1 ? 
ATOM   396  C  CG2   . VAL A 1 84  ? -8.431  -0.101  -14.580 1.000 53.542  0 84  VAL A CG2   1 ? 
ATOM   397  N  N     . PHE A 1 85  ? -6.539  -4.108  -13.299 1.000 38.569  0 85  PHE A N     1 ? 
ATOM   398  C  CA    . PHE A 1 85  ? -5.527  -5.038  -12.819 1.000 42.177  0 85  PHE A CA    1 ? 
ATOM   399  C  C     . PHE A 1 85  ? -4.219  -4.807  -13.572 1.000 41.174  0 85  PHE A C     1 ? 
ATOM   400  O  O     . PHE A 1 85  ? -4.212  -4.688  -14.792 1.000 39.834  0 85  PHE A O     1 ? 
ATOM   401  C  CB    . PHE A 1 85  ? -6.027  -6.481  -12.959 1.000 48.361  0 85  PHE A CB    1 ? 
ATOM   402  C  CG    . PHE A 1 85  ? -7.198  -6.824  -12.072 1.000 48.342  0 85  PHE A CG    1 ? 
ATOM   403  C  CD1   . PHE A 1 85  ? -8.491  -6.490  -12.441 1.000 58.924  0 85  PHE A CD1   1 ? 
ATOM   404  C  CD2   . PHE A 1 85  ? -6.999  -7.376  -10.817 1.000 51.380  0 85  PHE A CD2   1 ? 
ATOM   405  C  CE1   . PHE A 1 85  ? -9.559  -6.735  -11.591 1.000 59.803  0 85  PHE A CE1   1 ? 
ATOM   406  C  CE2   . PHE A 1 85  ? -8.069  -7.630  -9.973  1.000 50.796  0 85  PHE A CE2   1 ? 
ATOM   407  C  CZ    . PHE A 1 85  ? -9.344  -7.292  -10.353 1.000 55.580  0 85  PHE A CZ    1 ? 
ATOM   408  N  N     . LEU A 1 86  ? -3.114  -4.682  -12.828 1.000 42.280  0 86  LEU A N     1 ? 
ATOM   409  C  CA    . LEU A 1 86  ? -1.782  -4.711  -13.408 1.000 35.083  0 86  LEU A CA    1 ? 
ATOM   410  C  C     . LEU A 1 86  ? -1.021  -5.905  -12.838 1.000 40.698  0 86  LEU A C     1 ? 
ATOM   411  O  O     . LEU A 1 86  ? -1.133  -6.211  -11.650 1.000 43.840  0 86  LEU A O     1 ? 
ATOM   412  C  CB    . LEU A 1 86  ? -1.055  -3.395  -13.103 1.000 37.453  0 86  LEU A CB    1 ? 
ATOM   413  C  CG    . LEU A 1 86  ? -1.770  -2.116  -13.537 1.000 41.803  0 86  LEU A CG    1 ? 
ATOM   414  C  CD1   . LEU A 1 86  ? -1.075  -0.890  -12.962 1.000 45.762  0 86  LEU A CD1   1 ? 
ATOM   415  C  CD2   . LEU A 1 86  ? -1.845  -2.015  -15.053 1.000 39.291  0 86  LEU A CD2   1 ? 
ATOM   416  N  N     . THR A 1 87  ? -0.324  -6.629  -13.719 1.000 43.763  0 87  THR A N     1 ? 
ATOM   417  C  CA    . THR A 1 87  ? 0.479   -7.777  -13.326 1.000 45.575  0 87  THR A CA    1 ? 
ATOM   418  C  C     . THR A 1 87  ? 1.955   -7.405  -13.427 1.000 47.095  0 87  THR A C     1 ? 
ATOM   419  O  O     . THR A 1 87  ? 2.336   -6.570  -14.243 1.000 49.656  0 87  THR A O     1 ? 
ATOM   420  C  CB    . THR A 1 87  ? 0.135   -9.014  -14.165 1.000 44.183  0 87  THR A CB    1 ? 
ATOM   421  O  OG1   . THR A 1 87  ? 0.127   -8.650  -15.548 1.000 44.197  0 87  THR A OG1   1 ? 
ATOM   422  C  CG2   . THR A 1 87  ? -1.203  -9.614  -13.793 1.000 41.162  0 87  THR A CG2   1 ? 
ATOM   423  N  N     . VAL A 1 88  ? 2.761   -7.982  -12.534 1.000 50.077  0 88  VAL A N     1 ? 
ATOM   424  C  CA    . VAL A 1 88  ? 4.187   -7.710  -12.496 1.000 48.641  0 88  VAL A CA    1 ? 
ATOM   425  C  C     . VAL A 1 88  ? 4.876   -8.849  -11.747 1.000 55.397  0 88  VAL A C     1 ? 
ATOM   426  O  O     . VAL A 1 88  ? 4.281   -9.464  -10.860 1.000 53.168  0 88  VAL A O     1 ? 
ATOM   427  C  CB    . VAL A 1 88  ? 4.465   -6.339  -11.854 1.000 55.530  0 88  VAL A CB    1 ? 
ATOM   428  C  CG1   . VAL A 1 88  ? 4.309   -6.384  -10.341 1.000 60.986  0 88  VAL A CG1   1 ? 
ATOM   429  C  CG2   . VAL A 1 88  ? 5.829   -5.791  -12.245 1.000 58.862  0 88  VAL A CG2   1 ? 
ATOM   430  N  N     . THR A 1 89  ? 6.069   -9.217  -12.227 1.000 65.512  0 89  THR A N     1 ? 
ATOM   431  C  CA    . THR A 1 89  ? 6.905   -10.206 -11.567 1.000 72.049  0 89  THR A CA    1 ? 
ATOM   432  C  C     . THR A 1 89  ? 8.003   -9.481  -10.799 1.000 67.920  0 89  THR A C     1 ? 
ATOM   433  O  O     . THR A 1 89  ? 8.622   -8.555  -11.319 1.000 68.097  0 89  THR A O     1 ? 
ATOM   434  C  CB    . THR A 1 89  ? 7.520   -11.192 -12.568 1.000 71.893  0 89  THR A CB    1 ? 
ATOM   435  O  OG1   . THR A 1 89  ? 8.318   -10.435 -13.479 1.000 82.467  0 89  THR A OG1   1 ? 
ATOM   436  C  CG2   . THR A 1 89  ? 6.488   -11.988 -13.332 1.000 76.969  0 89  THR A CG2   1 ? 
ATOM   437  N  N     . ASN A 1 90  ? 8.205   -9.880  -9.541  1.000 61.836  0 90  ASN A N     1 ? 
ATOM   438  C  CA    . ASN A 1 90  ? 9.199   -9.236  -8.702  1.000 68.871  0 90  ASN A CA    1 ? 
ATOM   439  C  C     . ASN A 1 90  ? 9.822   -10.273 -7.772  1.000 74.655  0 90  ASN A C     1 ? 
ATOM   440  O  O     . ASN A 1 90  ? 9.213   -10.667 -6.778  1.000 62.944  0 90  ASN A O     1 ? 
ATOM   441  C  CB    . ASN A 1 90  ? 8.598   -8.074  -7.912  1.000 70.509  0 90  ASN A CB    1 ? 
ATOM   442  C  CG    . ASN A 1 90  ? 9.650   -7.216  -7.245  1.000 74.342  0 90  ASN A CG    1 ? 
ATOM   443  O  OD1   . ASN A 1 90  ? 10.260  -6.368  -7.891  1.000 64.172  0 90  ASN A OD1   1 ? 
ATOM   444  N  ND2   . ASN A 1 90  ? 9.838   -7.402  -5.948  1.000 75.176  0 90  ASN A ND2   1 ? 
ATOM   445  N  N     . PRO A 1 91  ? 11.045  -10.757 -8.086  1.000 80.464  0 91  PRO A N     1 ? 
ATOM   446  C  CA    . PRO A 1 91  ? 11.748  -11.710 -7.228  1.000 84.373  0 91  PRO A CA    1 ? 
ATOM   447  C  C     . PRO A 1 91  ? 11.820  -11.252 -5.775  1.000 79.042  0 91  PRO A C     1 ? 
ATOM   448  O  O     . PRO A 1 91  ? 12.133  -10.094 -5.504  1.000 75.582  0 91  PRO A O     1 ? 
ATOM   449  C  CB    . PRO A 1 91  ? 13.153  -11.771 -7.845  1.000 86.155  0 91  PRO A CB    1 ? 
ATOM   450  C  CG    . PRO A 1 91  ? 12.922  -11.457 -9.309  1.000 89.416  0 91  PRO A CG    1 ? 
ATOM   451  C  CD    . PRO A 1 91  ? 11.793  -10.446 -9.315  1.000 83.842  0 91  PRO A CD    1 ? 
ATOM   452  N  N     . PRO A 1 92  ? 11.519  -12.147 -4.806  1.000 77.014  0 92  PRO A N     1 ? 
ATOM   453  C  CA    . PRO A 1 92  ? 11.529  -11.796 -3.385  1.000 83.973  0 92  PRO A CA    1 ? 
ATOM   454  C  C     . PRO A 1 92  ? 12.739  -10.979 -2.939  1.000 87.762  0 92  PRO A C     1 ? 
ATOM   455  O  O     . PRO A 1 92  ? 13.867  -11.246 -3.349  1.000 77.628  0 92  PRO A O     1 ? 
ATOM   456  C  CB    . PRO A 1 92  ? 11.530  -13.171 -2.704  1.000 76.141  0 92  PRO A CB    1 ? 
ATOM   457  C  CG    . PRO A 1 92  ? 10.736  -14.045 -3.652  1.000 80.266  0 92  PRO A CG    1 ? 
ATOM   458  C  CD    . PRO A 1 92  ? 11.052  -13.523 -5.039  1.000 78.360  0 92  PRO A CD    1 ? 
ATOM   459  N  N     . GLY A 1 93  ? 12.475  -9.972  -2.100  1.000 93.132  0 93  GLY A N     1 ? 
ATOM   460  C  CA    . GLY A 1 93  ? 13.511  -9.086  -1.595  1.000 98.553  0 93  GLY A CA    1 ? 
ATOM   461  C  C     . GLY A 1 93  ? 14.268  -8.387  -2.721  1.000 106.049 0 93  GLY A C     1 ? 
ATOM   462  O  O     . GLY A 1 93  ? 15.496  -8.351  -2.718  1.000 119.736 0 93  GLY A O     1 ? 
ATOM   463  N  N     . THR A 1 94  ? 13.522  -7.840  -3.686  1.000 107.829 0 94  THR A N     1 ? 
ATOM   464  C  CA    . THR A 1 94  ? 14.074  -6.883  -4.631  1.000 97.153  0 94  THR A CA    1 ? 
ATOM   465  C  C     . THR A 1 94  ? 13.065  -5.759  -4.847  1.000 92.764  0 94  THR A C     1 ? 
ATOM   466  O  O     . THR A 1 94  ? 11.906  -5.872  -4.454  1.000 97.942  0 94  THR A O     1 ? 
ATOM   467  C  CB    . THR A 1 94  ? 14.456  -7.560  -5.954  1.000 96.564  0 94  THR A CB    1 ? 
ATOM   468  O  OG1   . THR A 1 94  ? 13.258  -7.879  -6.662  1.000 95.767  0 94  THR A OG1   1 ? 
ATOM   469  C  CG2   . THR A 1 94  ? 15.276  -8.816  -5.757  1.000 99.830  0 94  THR A CG2   1 ? 
ATOM   470  N  N     . ILE A 1 95  ? 13.546  -4.650  -5.417  1.000 80.996  0 95  ILE A N     1 ? 
ATOM   471  C  CA    . ILE A 1 95  ? 12.686  -3.683  -6.074  1.000 76.536  0 95  ILE A CA    1 ? 
ATOM   472  C  C     . ILE A 1 95  ? 13.159  -3.530  -7.516  1.000 78.709  0 95  ILE A C     1 ? 
ATOM   473  O  O     . ILE A 1 95  ? 14.094  -2.782  -7.792  1.000 83.011  0 95  ILE A O     1 ? 
ATOM   474  C  CB    . ILE A 1 95  ? 12.680  -2.336  -5.323  1.000 79.094  0 95  ILE A CB    1 ? 
ATOM   475  C  CG1   . ILE A 1 95  ? 12.140  -2.486  -3.899  1.000 76.309  0 95  ILE A CG1   1 ? 
ATOM   476  C  CG2   . ILE A 1 95  ? 11.912  -1.283  -6.110  1.000 85.155  0 95  ILE A CG2   1 ? 
ATOM   477  C  CD1   . ILE A 1 95  ? 11.933  -1.174  -3.171  1.000 72.699  0 95  ILE A CD1   1 ? 
ATOM   478  N  N     . THR A 1 96  ? 12.503  -4.267  -8.419  1.000 76.986  0 96  THR A N     1 ? 
ATOM   479  C  CA    . THR A 1 96  ? 12.831  -4.248  -9.834  1.000 69.018  0 96  THR A CA    1 ? 
ATOM   480  C  C     . THR A 1 96  ? 12.472  -2.881  -10.413 1.000 73.744  0 96  THR A C     1 ? 
ATOM   481  O  O     . THR A 1 96  ? 11.820  -2.077  -9.750  1.000 77.586  0 96  THR A O     1 ? 
ATOM   482  C  CB    . THR A 1 96  ? 12.114  -5.390  -10.565 1.000 70.391  0 96  THR A CB    1 ? 
ATOM   483  O  OG1   . THR A 1 96  ? 10.708  -5.217  -10.390 1.000 75.788  0 96  THR A OG1   1 ? 
ATOM   484  C  CG2   . THR A 1 96  ? 12.516  -6.759  -10.062 1.000 65.228  0 96  THR A CG2   1 ? 
ATOM   485  N  N     . LYS A 1 97  ? 12.933  -2.617  -11.642 1.000 77.311  0 97  LYS A N     1 ? 
ATOM   486  C  CA    . LYS A 1 97  ? 12.493  -1.450  -12.390 1.000 74.893  0 97  LYS A CA    1 ? 
ATOM   487  C  C     . LYS A 1 97  ? 11.021  -1.610  -12.758 1.000 70.270  0 97  LYS A C     1 ? 
ATOM   488  O  O     . LYS A 1 97  ? 10.281  -0.631  -12.819 1.000 66.103  0 97  LYS A O     1 ? 
ATOM   489  C  CB    . LYS A 1 97  ? 13.344  -1.261  -13.621 1.000 72.895  0 97  LYS A CB    1 ? 
ATOM   490  N  N     . ALA A 1 98  ? 10.609  -2.862  -12.983 1.000 59.087  0 98  ALA A N     1 ? 
ATOM   491  C  CA    . ALA A 1 98  ? 9.277   -3.160  -13.475 1.000 56.222  0 98  ALA A CA    1 ? 
ATOM   492  C  C     . ALA A 1 98  ? 8.233   -2.856  -12.395 1.000 67.228  0 98  ALA A C     1 ? 
ATOM   493  O  O     . ALA A 1 98  ? 7.199   -2.252  -12.680 1.000 58.045  0 98  ALA A O     1 ? 
ATOM   494  C  CB    . ALA A 1 98  ? 9.224   -4.596  -13.930 1.000 52.016  0 98  ALA A CB    1 ? 
ATOM   495  N  N     . LEU A 1 99  ? 8.543   -3.203  -11.139 1.000 61.317  0 99  LEU A N     1 ? 
ATOM   496  C  CA    . LEU A 1 99  ? 7.635   -2.935  -10.038 1.000 56.399  0 99  LEU A CA    1 ? 
ATOM   497  C  C     . LEU A 1 99  ? 7.481   -1.428  -9.875  1.000 57.851  0 99  LEU A C     1 ? 
ATOM   498  O  O     . LEU A 1 99  ? 6.376   -0.937  -9.660  1.000 63.859  0 99  LEU A O     1 ? 
ATOM   499  C  CB    . LEU A 1 99  ? 8.153   -3.590  -8.754  1.000 57.808  0 99  LEU A CB    1 ? 
ATOM   500  C  CG    . LEU A 1 99  ? 7.322   -3.318  -7.496  1.000 65.319  0 99  LEU A CG    1 ? 
ATOM   501  C  CD1   . LEU A 1 99  ? 5.971   -4.019  -7.564  1.000 60.348  0 99  LEU A CD1   1 ? 
ATOM   502  C  CD2   . LEU A 1 99  ? 8.070   -3.740  -6.239  1.000 67.895  0 99  LEU A CD2   1 ? 
ATOM   503  N  N     . LEU A 1 100 ? 8.590   -0.696  -10.029 1.000 61.527  0 100 LEU A N     1 ? 
ATOM   504  C  CA    . LEU A 1 100 ? 8.586   0.740   -9.806  1.000 58.642  0 100 LEU A CA    1 ? 
ATOM   505  C  C     . LEU A 1 100 ? 7.743   1.417   -10.883 1.000 57.199  0 100 LEU A C     1 ? 
ATOM   506  O  O     . LEU A 1 100 ? 7.071   2.410   -10.611 1.000 62.239  0 100 LEU A O     1 ? 
ATOM   507  C  CB    . LEU A 1 100 ? 10.024  1.266   -9.817  1.000 69.452  0 100 LEU A CB    1 ? 
ATOM   508  C  CG    . LEU A 1 100 ? 10.825  1.029   -8.537  1.000 69.787  0 100 LEU A CG    1 ? 
ATOM   509  C  CD1   . LEU A 1 100 ? 12.258  1.512   -8.696  1.000 69.883  0 100 LEU A CD1   1 ? 
ATOM   510  C  CD2   . LEU A 1 100 ? 10.167  1.711   -7.350  1.000 64.897  0 100 LEU A CD2   1 ? 
ATOM   511  N  N     . ASP A 1 101 ? 7.798   0.874   -12.105 1.000 57.778  0 101 ASP A N     1 ? 
ATOM   512  C  CA    . ASP A 1 101 ? 7.057   1.422   -13.230 1.000 62.519  0 101 ASP A CA    1 ? 
ATOM   513  C  C     . ASP A 1 101 ? 5.569   1.146   -13.030 1.000 53.063  0 101 ASP A C     1 ? 
ATOM   514  O  O     . ASP A 1 101 ? 4.735   2.012   -13.289 1.000 50.387  0 101 ASP A O     1 ? 
ATOM   515  C  CB    . ASP A 1 101 ? 7.534   0.841   -14.566 1.000 70.020  0 101 ASP A CB    1 ? 
ATOM   516  C  CG    . ASP A 1 101 ? 8.954   1.220   -14.951 1.000 79.671  0 101 ASP A CG    1 ? 
ATOM   517  O  OD1   . ASP A 1 101 ? 9.464   2.226   -14.412 1.000 75.741  0 101 ASP A OD1   1 ? 
ATOM   518  O  OD2   . ASP A 1 101 ? 9.551   0.488   -15.767 1.000 83.186  0 101 ASP A OD2   1 ? 
ATOM   519  N  N     . THR A 1 102 ? 5.254   -0.084  -12.597 1.000 50.030  0 102 THR A N     1 ? 
ATOM   520  C  CA    . THR A 1 102 ? 3.874   -0.506  -12.422 1.000 49.631  0 102 THR A CA    1 ? 
ATOM   521  C  C     . THR A 1 102 ? 3.219   0.359   -11.348 1.000 50.132  0 102 THR A C     1 ? 
ATOM   522  O  O     . THR A 1 102 ? 2.088   0.809   -11.526 1.000 41.843  0 102 THR A O     1 ? 
ATOM   523  C  CB    . THR A 1 102 ? 3.775   -1.999  -12.085 1.000 52.453  0 102 THR A CB    1 ? 
ATOM   524  O  OG1   . THR A 1 102 ? 4.440   -2.755  -13.100 1.000 50.059  0 102 THR A OG1   1 ? 
ATOM   525  C  CG2   . THR A 1 102 ? 2.343   -2.474  -11.976 1.000 54.479  0 102 THR A CG2   1 ? 
ATOM   526  N  N     . VAL A 1 103 ? 3.981   0.679   -10.292 1.000 48.550  0 103 VAL A N     1 ? 
ATOM   527  C  CA    . VAL A 1 103 ? 3.458   1.476   -9.194  1.000 52.297  0 103 VAL A CA    1 ? 
ATOM   528  C  C     . VAL A 1 103 ? 3.208   2.904   -9.678  1.000 52.610  0 103 VAL A C     1 ? 
ATOM   529  O  O     . VAL A 1 103 ? 2.159   3.481   -9.394  1.000 47.965  0 103 VAL A O     1 ? 
ATOM   530  C  CB    . VAL A 1 103 ? 4.383   1.445   -7.964  1.000 52.592  0 103 VAL A CB    1 ? 
ATOM   531  C  CG1   . VAL A 1 103 ? 4.020   2.532   -6.962  1.000 52.523  0 103 VAL A CG1   1 ? 
ATOM   532  C  CG2   . VAL A 1 103 ? 4.383   0.082   -7.288  1.000 50.063  0 103 VAL A CG2   1 ? 
ATOM   533  N  N     . ARG A 1 104 ? 4.170   3.471   -10.413 1.000 55.915  0 104 ARG A N     1 ? 
ATOM   534  C  CA    . ARG A 1 104 ? 4.002   4.801   -10.978 1.000 57.720  0 104 ARG A CA    1 ? 
ATOM   535  C  C     . ARG A 1 104 ? 2.788   4.821   -11.903 1.000 46.545  0 104 ARG A C     1 ? 
ATOM   536  O  O     . ARG A 1 104 ? 2.004   5.764   -11.869 1.000 47.002  0 104 ARG A O     1 ? 
ATOM   537  C  CB    . ARG A 1 104 ? 5.249   5.247   -11.747 1.000 73.756  0 104 ARG A CB    1 ? 
ATOM   538  C  CG    . ARG A 1 104 ? 5.103   6.611   -12.409 1.000 84.122  0 104 ARG A CG    1 ? 
ATOM   539  C  CD    . ARG A 1 104 ? 6.088   6.828   -13.543 1.000 94.819  0 104 ARG A CD    1 ? 
ATOM   540  N  NE    . ARG A 1 104 ? 7.398   7.227   -13.052 1.000 112.193 0 104 ARG A NE    1 ? 
ATOM   541  C  CZ    . ARG A 1 104 ? 8.475   6.447   -13.038 1.000 122.597 0 104 ARG A CZ    1 ? 
ATOM   542  N  NH1   . ARG A 1 104 ? 8.426   5.232   -13.554 1.000 131.763 0 104 ARG A NH1   1 ? 
ATOM   543  N  NH2   . ARG A 1 104 ? 9.603   6.891   -12.510 1.000 119.588 0 104 ARG A NH2   1 ? 
ATOM   544  N  N     . LYS A 1 105 ? 2.649   3.797   -12.752 1.000 45.715  0 105 LYS A N     1 ? 
ATOM   545  C  CA    . LYS A 1 105 ? 1.507   3.733   -13.651 1.000 49.965  0 105 LYS A CA    1 ? 
ATOM   546  C  C     . LYS A 1 105 ? 0.220   3.691   -12.829 1.000 51.420  0 105 LYS A C     1 ? 
ATOM   547  O  O     . LYS A 1 105 ? -0.755  4.372   -13.151 1.000 48.990  0 105 LYS A O     1 ? 
ATOM   548  C  CB    . LYS A 1 105 ? 1.595   2.523   -14.585 1.000 50.304  0 105 LYS A CB    1 ? 
ATOM   549  C  CG    . LYS A 1 105 ? 0.440   2.404   -15.572 1.000 57.971  0 105 LYS A CG    1 ? 
ATOM   550  C  CD    . LYS A 1 105 ? 0.489   1.170   -16.449 1.000 67.030  0 105 LYS A CD    1 ? 
ATOM   551  C  CE    . LYS A 1 105 ? -0.595  1.159   -17.508 1.000 76.541  0 105 LYS A CE    1 ? 
ATOM   552  N  NZ    . LYS A 1 105 ? -0.650  -0.139  -18.224 1.000 82.543  0 105 LYS A NZ    1 ? 
ATOM   553  N  N     . ALA A 1 106 ? 0.244   2.915   -11.739 1.000 43.962  0 106 ALA A N     1 ? 
ATOM   554  C  CA    . ALA A 1 106 ? -0.932  2.736   -10.904 1.000 44.111  0 106 ALA A CA    1 ? 
ATOM   555  C  C     . ALA A 1 106 ? -1.417  4.090   -10.395 1.000 38.856  0 106 ALA A C     1 ? 
ATOM   556  O  O     . ALA A 1 106 ? -2.617  4.355   -10.368 1.000 39.831  0 106 ALA A O     1 ? 
ATOM   557  C  CB    . ALA A 1 106 ? -0.617  1.797   -9.766  1.000 46.026  0 106 ALA A CB    1 ? 
ATOM   558  N  N     . PHE A 1 107 ? -0.473  4.926   -9.952  1.000 40.823  0 107 PHE A N     1 ? 
ATOM   559  C  CA    . PHE A 1 107 ? -0.796  6.217   -9.368  1.000 46.217  0 107 PHE A CA    1 ? 
ATOM   560  C  C     . PHE A 1 107 ? -1.339  7.155   -10.442 1.000 46.534  0 107 PHE A C     1 ? 
ATOM   561  O  O     . PHE A 1 107 ? -2.217  7.975   -10.165 1.000 40.625  0 107 PHE A O     1 ? 
ATOM   562  C  CB    . PHE A 1 107 ? 0.425   6.817   -8.669  1.000 42.752  0 107 PHE A CB    1 ? 
ATOM   563  C  CG    . PHE A 1 107 ? 0.551   6.417   -7.224  1.000 47.506  0 107 PHE A CG    1 ? 
ATOM   564  C  CD1   . PHE A 1 107 ? -0.409  6.799   -6.301  1.000 47.666  0 107 PHE A CD1   1 ? 
ATOM   565  C  CD2   . PHE A 1 107 ? 1.568   5.572   -6.806  1.000 51.665  0 107 PHE A CD2   1 ? 
ATOM   566  C  CE1   . PHE A 1 107 ? -0.309  6.409   -4.974  1.000 50.714  0 107 PHE A CE1   1 ? 
ATOM   567  C  CE2   . PHE A 1 107 ? 1.666   5.183   -5.480  1.000 50.822  0 107 PHE A CE2   1 ? 
ATOM   568  C  CZ    . PHE A 1 107 ? 0.714   5.581   -4.572  1.000 46.230  0 107 PHE A CZ    1 ? 
ATOM   569  N  N     . GLY A 1 108 ? -0.834  6.984   -11.670 1.000 44.867  0 108 GLY A N     1 ? 
ATOM   570  C  CA    . GLY A 1 108 ? -1.391  7.655   -12.832 1.000 46.739  0 108 GLY A CA    1 ? 
ATOM   571  C  C     . GLY A 1 108 ? -2.873  7.338   -13.010 1.000 47.839  0 108 GLY A C     1 ? 
ATOM   572  O  O     . GLY A 1 108 ? -3.691  8.241   -13.175 1.000 50.669  0 108 GLY A O     1 ? 
ATOM   573  N  N     . LEU A 1 109 ? -3.211  6.048   -12.912 1.000 43.069  0 109 LEU A N     1 ? 
ATOM   574  C  CA    . LEU A 1 109 ? -4.570  5.590   -13.145 1.000 43.605  0 109 LEU A CA    1 ? 
ATOM   575  C  C     . LEU A 1 109 ? -5.471  6.044   -11.998 1.000 44.133  0 109 LEU A C     1 ? 
ATOM   576  O  O     . LEU A 1 109 ? -6.656  6.312   -12.195 1.000 41.859  0 109 LEU A O     1 ? 
ATOM   577  C  CB    . LEU A 1 109 ? -4.558  4.065   -13.283 1.000 42.348  0 109 LEU A CB    1 ? 
ATOM   578  C  CG    . LEU A 1 109 ? -4.034  3.537   -14.618 1.000 46.827  0 109 LEU A CG    1 ? 
ATOM   579  C  CD1   . LEU A 1 109 ? -3.751  2.044   -14.544 1.000 43.078  0 109 LEU A CD1   1 ? 
ATOM   580  C  CD2   . LEU A 1 109 ? -5.022  3.832   -15.738 1.000 51.694  0 109 LEU A CD2   1 ? 
ATOM   581  N  N     . ALA A 1 110 ? -4.894  6.143   -10.797 1.000 42.321  0 110 ALA A N     1 ? 
ATOM   582  C  CA    . ALA A 1 110 ? -5.660  6.508   -9.615  1.000 42.282  0 110 ALA A CA    1 ? 
ATOM   583  C  C     . ALA A 1 110 ? -5.959  8.007   -9.621  1.000 39.798  0 110 ALA A C     1 ? 
ATOM   584  O  O     . ALA A 1 110 ? -7.013  8.428   -9.154  1.000 37.117  0 110 ALA A O     1 ? 
ATOM   585  C  CB    . ALA A 1 110 ? -4.919  6.096   -8.365  1.000 42.095  0 110 ALA A CB    1 ? 
ATOM   586  N  N     . GLU A 1 111 ? -5.021  8.811   -10.139 1.000 45.879  0 111 GLU A N     1 ? 
ATOM   587  C  CA    . GLU A 1 111 ? -5.253  10.235  -10.326 1.000 53.718  0 111 GLU A CA    1 ? 
ATOM   588  C  C     . GLU A 1 111 ? -6.540  10.441  -11.125 1.000 54.227  0 111 GLU A C     1 ? 
ATOM   589  O  O     . GLU A 1 111 ? -7.229  11.440  -10.933 1.000 48.857  0 111 GLU A O     1 ? 
ATOM   590  C  CB    . GLU A 1 111 ? -4.052  10.891  -11.015 1.000 64.703  0 111 GLU A CB    1 ? 
ATOM   591  C  CG    . GLU A 1 111 ? -4.196  12.397  -11.207 1.000 80.067  0 111 GLU A CG    1 ? 
ATOM   592  C  CD    . GLU A 1 111 ? -4.956  12.837  -12.451 1.000 93.178  0 111 GLU A CD    1 ? 
ATOM   593  O  OE1   . GLU A 1 111 ? -5.096  12.017  -13.381 1.000 83.928  0 111 GLU A OE1   1 ? 
ATOM   594  O  OE2   . GLU A 1 111 ? -5.418  14.000  -12.488 1.000 91.180  0 111 GLU A OE2   1 ? 
ATOM   595  N  N     . ARG A 1 112 ? -6.880  9.459   -11.974 1.000 45.160  0 112 ARG A N     1 ? 
ATOM   596  C  CA    . ARG A 1 112 ? -7.978  9.578   -12.919 1.000 46.763  0 112 ARG A CA    1 ? 
ATOM   597  C  C     . ARG A 1 112 ? -9.225  8.880   -12.384 1.000 45.452  0 112 ARG A C     1 ? 
ATOM   598  O  O     . ARG A 1 112 ? -10.228 8.783   -13.088 1.000 41.734  0 112 ARG A O     1 ? 
ATOM   599  C  CB    . ARG A 1 112 ? -7.578  8.997   -14.280 1.000 49.064  0 112 ARG A CB    1 ? 
ATOM   600  C  CG    . ARG A 1 112 ? -6.627  9.887   -15.069 1.000 60.162  0 112 ARG A CG    1 ? 
ATOM   601  C  CD    . ARG A 1 112 ? -6.424  9.444   -16.503 1.000 70.738  0 112 ARG A CD    1 ? 
ATOM   602  N  NE    . ARG A 1 112 ? -5.314  8.513   -16.645 1.000 88.138  0 112 ARG A NE    1 ? 
ATOM   603  C  CZ    . ARG A 1 112 ? -4.031  8.828   -16.487 1.000 110.481 0 112 ARG A CZ    1 ? 
ATOM   604  N  NH1   . ARG A 1 112 ? -3.683  10.050  -16.125 1.000 113.148 0 112 ARG A NH1   1 ? 
ATOM   605  N  NH2   . ARG A 1 112 ? -3.098  7.913   -16.689 1.000 108.810 0 112 ARG A NH2   1 ? 
ATOM   606  N  N     . GLY A 1 113 ? -9.132  8.337   -11.165 1.000 46.957  0 113 GLY A N     1 ? 
ATOM   607  C  CA    . GLY A 1 113 ? -10.300 7.839   -10.457 1.000 46.082  0 113 GLY A CA    1 ? 
ATOM   608  C  C     . GLY A 1 113 ? -10.536 6.344   -10.670 1.000 45.722  0 113 GLY A C     1 ? 
ATOM   609  O  O     . GLY A 1 113 ? -11.606 5.843   -10.344 1.000 47.623  0 113 GLY A O     1 ? 
ATOM   610  N  N     . ARG A 1 114 ? -9.527  5.639   -11.193 1.000 44.570  0 114 ARG A N     1 ? 
ATOM   611  C  CA    . ARG A 1 114 ? -9.531  4.184   -11.228 1.000 49.432  0 114 ARG A CA    1 ? 
ATOM   612  C  C     . ARG A 1 114 ? -8.944  3.642   -9.926  1.000 46.689  0 114 ARG A C     1 ? 
ATOM   613  O  O     . ARG A 1 114 ? -7.976  4.191   -9.403  1.000 55.227  0 114 ARG A O     1 ? 
ATOM   614  C  CB    . ARG A 1 114 ? -8.711  3.666   -12.415 1.000 54.545  0 114 ARG A CB    1 ? 
ATOM   615  C  CG    . ARG A 1 114 ? -9.181  4.170   -13.773 1.000 64.833  0 114 ARG A CG    1 ? 
ATOM   616  C  CD    . ARG A 1 114 ? -10.311 3.325   -14.325 1.000 78.058  0 114 ARG A CD    1 ? 
ATOM   617  N  NE    . ARG A 1 114 ? -10.981 3.957   -15.453 1.000 93.010  0 114 ARG A NE    1 ? 
ATOM   618  C  CZ    . ARG A 1 114 ? -12.225 3.685   -15.837 1.000 97.652  0 114 ARG A CZ    1 ? 
ATOM   619  N  NH1   . ARG A 1 114 ? -12.926 2.760   -15.205 1.000 99.146  0 114 ARG A NH1   1 ? 
ATOM   620  N  NH2   . ARG A 1 114 ? -12.768 4.351   -16.841 1.000 88.383  0 114 ARG A NH2   1 ? 
ATOM   621  N  N     . ASN A 1 115 ? -9.566  2.584   -9.394  1.000 44.879  0 115 ASN A N     1 ? 
ATOM   622  C  CA    . ASN A 1 115 ? -8.945  1.728   -8.395  1.000 44.293  0 115 ASN A CA    1 ? 
ATOM   623  C  C     . ASN A 1 115 ? -8.078  0.700   -9.113  1.000 41.054  0 115 ASN A C     1 ? 
ATOM   624  O  O     . ASN A 1 115 ? -8.496  0.126   -10.111 1.000 49.175  0 115 ASN A O     1 ? 
ATOM   625  C  CB    . ASN A 1 115 ? -9.981  1.012   -7.523  1.000 47.199  0 115 ASN A CB    1 ? 
ATOM   626  C  CG    . ASN A 1 115 ? -10.954 1.966   -6.866  1.000 54.104  0 115 ASN A CG    1 ? 
ATOM   627  O  OD1   . ASN A 1 115 ? -10.547 2.854   -6.122  1.000 55.221  0 115 ASN A OD1   1 ? 
ATOM   628  N  ND2   . ASN A 1 115 ? -12.231 1.831   -7.183  1.000 60.509  0 115 ASN A ND2   1 ? 
ATOM   629  N  N     . VAL A 1 116 ? -6.864  0.487   -8.606  1.000 36.977  0 116 VAL A N     1 ? 
ATOM   630  C  CA    . VAL A 1 116 ? -5.906  -0.383  -9.265  1.000 40.756  0 116 VAL A CA    1 ? 
ATOM   631  C  C     . VAL A 1 116 ? -5.512  -1.504  -8.308  1.000 38.204  0 116 VAL A C     1 ? 
ATOM   632  O  O     . VAL A 1 116 ? -5.059  -1.236  -7.197  1.000 42.443  0 116 VAL A O     1 ? 
ATOM   633  C  CB    . VAL A 1 116 ? -4.666  0.404   -9.731  1.000 38.117  0 116 VAL A CB    1 ? 
ATOM   634  C  CG1   . VAL A 1 116 ? -3.733  -0.462  -10.564 1.000 35.232  0 116 VAL A CG1   1 ? 
ATOM   635  C  CG2   . VAL A 1 116 ? -5.054  1.666   -10.479 1.000 39.665  0 116 VAL A CG2   1 ? 
ATOM   636  N  N     . HIS A 1 117 ? -5.605  -2.747  -8.793  1.000 35.008  0 117 HIS A N     1 ? 
ATOM   637  C  CA    . HIS A 1 117 ? -5.017  -3.896  -8.121  1.000 39.506  0 117 HIS A CA    1 ? 
ATOM   638  C  C     . HIS A 1 117 ? -3.768  -4.337  -8.880  1.000 36.533  0 117 HIS A C     1 ? 
ATOM   639  O  O     . HIS A 1 117 ? -3.850  -4.689  -10.051 1.000 41.467  0 117 HIS A O     1 ? 
ATOM   640  C  CB    . HIS A 1 117 ? -6.032  -5.036  -7.979  1.000 40.407  0 117 HIS A CB    1 ? 
ATOM   641  C  CG    . HIS A 1 117 ? -7.192  -4.709  -7.096  1.000 47.265  0 117 HIS A CG    1 ? 
ATOM   642  N  ND1   . HIS A 1 117 ? -8.127  -5.644  -6.711  1.000 58.221  0 117 HIS A ND1   1 ? 
ATOM   643  C  CD2   . HIS A 1 117 ? -7.563  -3.556  -6.518  1.000 56.697  0 117 HIS A CD2   1 ? 
ATOM   644  C  CE1   . HIS A 1 117 ? -9.034  -5.062  -5.940  1.000 67.871  0 117 HIS A CE1   1 ? 
ATOM   645  N  NE2   . HIS A 1 117 ? -8.703  -3.798  -5.798  1.000 58.084  0 117 HIS A NE2   1 ? 
ATOM   646  N  N     . ILE A 1 118 ? -2.614  -4.216  -8.212  1.000 35.248  0 118 ILE A N     1 ? 
ATOM   647  C  CA    . ILE A 1 118 ? -1.342  -4.724  -8.696  1.000 36.906  0 118 ILE A CA    1 ? 
ATOM   648  C  C     . ILE A 1 118 ? -1.108  -6.119  -8.120  1.000 40.027  0 118 ILE A C     1 ? 
ATOM   649  O  O     . ILE A 1 118 ? -0.865  -6.261  -6.923  1.000 44.842  0 118 ILE A O     1 ? 
ATOM   650  C  CB    . ILE A 1 118 ? -0.206  -3.758  -8.310  1.000 38.743  0 118 ILE A CB    1 ? 
ATOM   651  C  CG1   . ILE A 1 118 ? -0.475  -2.340  -8.822  1.000 38.800  0 118 ILE A CG1   1 ? 
ATOM   652  C  CG2   . ILE A 1 118 ? 1.143   -4.283  -8.789  1.000 40.361  0 118 ILE A CG2   1 ? 
ATOM   653  C  CD1   . ILE A 1 118 ? 0.410   -1.291  -8.193  1.000 38.968  0 118 ILE A CD1   1 ? 
ATOM   654  N  N     . LEU A 1 119 ? -1.156  -7.130  -8.996  1.000 35.418  0 119 LEU A N     1 ? 
ATOM   655  C  CA    . LEU A 1 119 ? -0.931  -8.517  -8.621  1.000 41.848  0 119 LEU A CA    1 ? 
ATOM   656  C  C     . LEU A 1 119 ? 0.521   -8.900  -8.915  1.000 45.494  0 119 LEU A C     1 ? 
ATOM   657  O  O     . LEU A 1 119 ? 0.959   -8.871  -10.065 1.000 46.198  0 119 LEU A O     1 ? 
ATOM   658  C  CB    . LEU A 1 119 ? -1.911  -9.407  -9.392  1.000 42.819  0 119 LEU A CB    1 ? 
ATOM   659  C  CG    . LEU A 1 119 ? -3.329  -9.476  -8.828  1.000 47.204  0 119 LEU A CG    1 ? 
ATOM   660  C  CD1   . LEU A 1 119 ? -3.896  -8.090  -8.587  1.000 53.483  0 119 LEU A CD1   1 ? 
ATOM   661  C  CD2   . LEU A 1 119 ? -4.242  -10.251 -9.761  1.000 56.652  0 119 LEU A CD2   1 ? 
ATOM   662  N  N     . VAL A 1 120 ? 1.268   -9.213  -7.850  1.000 45.019  0 120 VAL A N     1 ? 
ATOM   663  C  CA    . VAL A 1 120 ? 2.703   -9.426  -7.945  1.000 47.504  0 120 VAL A CA    1 ? 
ATOM   664  C  C     . VAL A 1 120 ? 2.967   -10.927 -7.954  1.000 51.002  0 120 VAL A C     1 ? 
ATOM   665  O  O     . VAL A 1 120 ? 2.421   -11.655 -7.130  1.000 52.549  0 120 VAL A O     1 ? 
ATOM   666  C  CB    . VAL A 1 120 ? 3.467   -8.733  -6.801  1.000 45.005  0 120 VAL A CB    1 ? 
ATOM   667  C  CG1   . VAL A 1 120 ? 4.942   -9.104  -6.807  1.000 51.000  0 120 VAL A CG1   1 ? 
ATOM   668  C  CG2   . VAL A 1 120 ? 3.303   -7.223  -6.839  1.000 45.849  0 120 VAL A CG2   1 ? 
ATOM   669  N  N     . SER A 1 121 ? 3.731   -11.383 -8.953  1.000 49.010  0 121 SER A N     1 ? 
ATOM   670  C  CA    . SER A 1 121 ? 4.305   -12.718 -8.937  1.000 57.425  0 121 SER A CA    1 ? 
ATOM   671  C  C     . SER A 1 121 ? 5.751   -12.642 -8.459  1.000 54.065  0 121 SER A C     1 ? 
ATOM   672  O  O     . SER A 1 121 ? 6.568   -11.922 -9.033  1.000 48.577  0 121 SER A O     1 ? 
ATOM   673  C  CB    . SER A 1 121 ? 4.206   -13.379 -10.282 1.000 61.078  0 121 SER A CB    1 ? 
ATOM   674  O  OG    . SER A 1 121 ? 2.857   -13.714 -10.570 1.000 74.851  0 121 SER A OG    1 ? 
ATOM   675  N  N     . GLY A 1 122 ? 6.023   -13.317 -7.340  1.000 61.706  0 122 GLY A N     1 ? 
ATOM   676  C  CA    . GLY A 1 122 ? 7.216   -13.050 -6.553  1.000 65.956  0 122 GLY A CA    1 ? 
ATOM   677  C  C     . GLY A 1 122 ? 6.858   -12.584 -5.145  1.000 60.953  0 122 GLY A C     1 ? 
ATOM   678  O  O     . GLY A 1 122 ? 6.115   -13.262 -4.440  1.000 66.039  0 122 GLY A O     1 ? 
ATOM   679  N  N     . GLU A 1 123 ? 7.363   -11.410 -4.756  1.000 67.135  0 123 GLU A N     1 ? 
ATOM   680  C  CA    . GLU A 1 123 ? 7.023   -10.840 -3.463  1.000 73.340  0 123 GLU A CA    1 ? 
ATOM   681  C  C     . GLU A 1 123 ? 7.091   -9.319  -3.514  1.000 68.088  0 123 GLU A C     1 ? 
ATOM   682  O  O     . GLU A 1 123 ? 8.006   -8.746  -4.099  1.000 73.426  0 123 GLU A O     1 ? 
ATOM   683  C  CB    . GLU A 1 123 ? 7.943   -11.387 -2.371  1.000 86.456  0 123 GLU A CB    1 ? 
ATOM   684  C  CG    . GLU A 1 123 ? 7.429   -12.672 -1.751  1.000 95.247  0 123 GLU A CG    1 ? 
ATOM   685  C  CD    . GLU A 1 123 ? 8.161   -13.111 -0.496  1.000 106.461 0 123 GLU A CD    1 ? 
ATOM   686  O  OE1   . GLU A 1 123 ? 8.894   -12.282 0.079   1.000 105.807 0 123 GLU A OE1   1 ? 
ATOM   687  O  OE2   . GLU A 1 123 ? 7.995   -14.281 -0.103  1.000 112.847 0 123 GLU A OE2   1 ? 
ATOM   688  N  N     . GLU A 1 124 ? 6.164   -8.695  -2.778  1.000 72.526  0 124 GLU A N     1 ? 
ATOM   689  C  CA    . GLU A 1 124 ? 5.987   -7.254  -2.767  1.000 73.373  0 124 GLU A CA    1 ? 
ATOM   690  C  C     . GLU A 1 124 ? 6.427   -6.717  -1.406  1.000 83.249  0 124 GLU A C     1 ? 
ATOM   691  O  O     . GLU A 1 124 ? 5.872   -5.746  -0.896  1.000 68.536  0 124 GLU A O     1 ? 
ATOM   692  C  CB    . GLU A 1 124 ? 4.531   -6.920  -3.109  1.000 73.201  0 124 GLU A CB    1 ? 
ATOM   693  C  CG    . GLU A 1 124 ? 3.596   -6.848  -1.913  1.000 77.859  0 124 GLU A CG    1 ? 
ATOM   694  C  CD    . GLU A 1 124 ? 3.282   -8.172  -1.237  1.000 82.530  0 124 GLU A CD    1 ? 
ATOM   695  O  OE1   . GLU A 1 124 ? 4.218   -8.789  -0.691  1.000 90.878  0 124 GLU A OE1   1 ? 
ATOM   696  O  OE2   . GLU A 1 124 ? 2.092   -8.565  -1.232  1.000 76.811  0 124 GLU A OE2   1 ? 
ATOM   697  N  N     . ASP A 1 125 ? 7.500   -7.311  -0.874  1.000 95.708  0 125 ASP A N     1 ? 
ATOM   698  C  CA    . ASP A 1 125 ? 7.876   -7.146  0.521   1.000 106.018 0 125 ASP A CA    1 ? 
ATOM   699  C  C     . ASP A 1 125 ? 8.330   -5.709  0.776   1.000 97.348  0 125 ASP A C     1 ? 
ATOM   700  O  O     . ASP A 1 125 ? 8.306   -5.244  1.911   1.000 88.024  0 125 ASP A O     1 ? 
ATOM   701  C  CB    . ASP A 1 125 ? 8.956   -8.158  0.919   1.000 106.779 0 125 ASP A CB    1 ? 
ATOM   702  C  CG    . ASP A 1 125 ? 10.007  -8.396  -0.153  1.000 108.519 0 125 ASP A CG    1 ? 
ATOM   703  O  OD1   . ASP A 1 125 ? 9.937   -7.730  -1.208  1.000 120.161 0 125 ASP A OD1   1 ? 
ATOM   704  O  OD2   . ASP A 1 125 ? 10.874  -9.261  0.066   1.000 102.747 0 125 ASP A OD2   1 ? 
ATOM   705  N  N     . LEU A 1 126 ? 8.733   -5.005  -0.287  1.000 92.970  0 126 LEU A N     1 ? 
ATOM   706  C  CA    . LEU A 1 126 ? 9.382   -3.713  -0.137  1.000 88.931  0 126 LEU A CA    1 ? 
ATOM   707  C  C     . LEU A 1 126 ? 8.500   -2.614  -0.721  1.000 80.053  0 126 LEU A C     1 ? 
ATOM   708  O  O     . LEU A 1 126 ? 8.842   -1.435  -0.644  1.000 67.209  0 126 LEU A O     1 ? 
ATOM   709  C  CB    . LEU A 1 126 ? 10.745  -3.774  -0.832  1.000 98.983  0 126 LEU A CB    1 ? 
ATOM   710  C  CG    . LEU A 1 126 ? 11.660  -4.910  -0.372  1.000 108.181 0 126 LEU A CG    1 ? 
ATOM   711  C  CD1   . LEU A 1 126 ? 12.983  -4.890  -1.124  1.000 105.210 0 126 LEU A CD1   1 ? 
ATOM   712  C  CD2   . LEU A 1 126 ? 11.902  -4.841  1.130   1.000 107.848 0 126 LEU A CD2   1 ? 
ATOM   713  N  N     . ALA A 1 127 ? 7.314   -3.004  -1.202  1.000 73.340  0 127 ALA A N     1 ? 
ATOM   714  C  CA    . ALA A 1 127 ? 6.556   -2.197  -2.144  1.000 70.125  0 127 ALA A CA    1 ? 
ATOM   715  C  C     . ALA A 1 127 ? 6.020   -0.936  -1.474  1.000 59.420  0 127 ALA A C     1 ? 
ATOM   716  O  O     . ALA A 1 127 ? 5.565   -0.022  -2.159  1.000 68.234  0 127 ALA A O     1 ? 
ATOM   717  C  CB    . ALA A 1 127 ? 5.434   -3.013  -2.734  1.000 75.000  0 127 ALA A CB    1 ? 
ATOM   718  N  N     . ALA A 1 128 ? 6.090   -0.882  -0.140  1.000 56.498  0 128 ALA A N     1 ? 
ATOM   719  C  CA    . ALA A 1 128 ? 5.559   0.247   0.607   1.000 56.675  0 128 ALA A CA    1 ? 
ATOM   720  C  C     . ALA A 1 128 ? 6.395   1.496   0.337   1.000 59.488  0 128 ALA A C     1 ? 
ATOM   721  O  O     . ALA A 1 128 ? 5.908   2.614   0.488   1.000 54.155  0 128 ALA A O     1 ? 
ATOM   722  C  CB    . ALA A 1 128 ? 5.525   -0.080  2.078   1.000 59.232  0 128 ALA A CB    1 ? 
ATOM   723  N  N     . ILE A 1 129 ? 7.667   1.288   -0.024  1.000 64.400  0 129 ILE A N     1 ? 
ATOM   724  C  CA    . ILE A 1 129 ? 8.618   2.374   -0.206  1.000 61.429  0 129 ILE A CA    1 ? 
ATOM   725  C  C     . ILE A 1 129 ? 8.229   3.175   -1.445  1.000 56.847  0 129 ILE A C     1 ? 
ATOM   726  O  O     . ILE A 1 129 ? 7.922   4.363   -1.355  1.000 56.336  0 129 ILE A O     1 ? 
ATOM   727  C  CB    . ILE A 1 129 ? 10.057  1.824   -0.299  1.000 71.580  0 129 ILE A CB    1 ? 
ATOM   728  C  CG1   . ILE A 1 129 ? 10.451  1.051   0.962   1.000 73.399  0 129 ILE A CG1   1 ? 
ATOM   729  C  CG2   . ILE A 1 129 ? 11.050  2.934   -0.608  1.000 77.421  0 129 ILE A CG2   1 ? 
ATOM   730  C  CD1   . ILE A 1 129 ? 10.144  1.781   2.253   1.000 74.694  0 129 ILE A CD1   1 ? 
ATOM   731  N  N     . PRO A 1 130 ? 8.189   2.541   -2.640  1.000 51.340  0 130 PRO A N     1 ? 
ATOM   732  C  CA    . PRO A 1 130 ? 7.726   3.218   -3.850  1.000 59.464  0 130 PRO A CA    1 ? 
ATOM   733  C  C     . PRO A 1 130 ? 6.314   3.784   -3.718  1.000 57.993  0 130 PRO A C     1 ? 
ATOM   734  O  O     . PRO A 1 130 ? 6.046   4.893   -4.174  1.000 62.965  0 130 PRO A O     1 ? 
ATOM   735  C  CB    . PRO A 1 130 ? 7.794   2.141   -4.944  1.000 61.153  0 130 PRO A CB    1 ? 
ATOM   736  C  CG    . PRO A 1 130 ? 7.874   0.818   -4.202  1.000 59.825  0 130 PRO A CG    1 ? 
ATOM   737  C  CD    . PRO A 1 130 ? 8.525   1.131   -2.874  1.000 55.319  0 130 PRO A CD    1 ? 
ATOM   738  N  N     . ALA A 1 131 ? 5.442   3.064   -3.007  1.000 60.509  0 131 ALA A N     1 ? 
ATOM   739  C  CA    . ALA A 1 131 ? 4.094   3.552   -2.759  1.000 57.260  0 131 ALA A CA    1 ? 
ATOM   740  C  C     . ALA A 1 131 ? 4.155   4.949   -2.143  1.000 55.792  0 131 ALA A C     1 ? 
ATOM   741  O  O     . ALA A 1 131 ? 3.404   5.837   -2.541  1.000 64.378  0 131 ALA A O     1 ? 
ATOM   742  C  CB    . ALA A 1 131 ? 3.343   2.582   -1.881  1.000 53.154  0 131 ALA A CB    1 ? 
ATOM   743  N  N     . VAL A 1 132 ? 5.092   5.147   -1.209  1.000 60.381  0 132 VAL A N     1 ? 
ATOM   744  C  CA    . VAL A 1 132 ? 5.238   6.414   -0.507  1.000 64.774  0 132 VAL A CA    1 ? 
ATOM   745  C  C     . VAL A 1 132 ? 5.879   7.447   -1.434  1.000 63.749  0 132 VAL A C     1 ? 
ATOM   746  O  O     . VAL A 1 132 ? 5.474   8.607   -1.442  1.000 59.504  0 132 VAL A O     1 ? 
ATOM   747  C  CB    . VAL A 1 132 ? 6.048   6.254   0.795   1.000 67.013  0 132 VAL A CB    1 ? 
ATOM   748  C  CG1   . VAL A 1 132 ? 6.424   7.599   1.396   1.000 71.439  0 132 VAL A CG1   1 ? 
ATOM   749  C  CG2   . VAL A 1 132 ? 5.312   5.403   1.819   1.000 63.881  0 132 VAL A CG2   1 ? 
ATOM   750  N  N     . LEU A 1 133 ? 6.872   7.023   -2.224  1.000 59.338  0 133 LEU A N     1 ? 
ATOM   751  C  CA    . LEU A 1 133 ? 7.527   7.916   -3.164  1.000 65.169  0 133 LEU A CA    1 ? 
ATOM   752  C  C     . LEU A 1 133 ? 6.487   8.605   -4.043  1.000 69.094  0 133 LEU A C     1 ? 
ATOM   753  O  O     . LEU A 1 133 ? 6.403   9.831   -4.052  1.000 75.234  0 133 LEU A O     1 ? 
ATOM   754  C  CB    . LEU A 1 133 ? 8.524   7.124   -4.012  1.000 74.033  0 133 LEU A CB    1 ? 
ATOM   755  C  CG    . LEU A 1 133 ? 9.942   7.048   -3.450  1.000 86.774  0 133 LEU A CG    1 ? 
ATOM   756  C  CD1   . LEU A 1 133 ? 10.892  6.413   -4.453  1.000 82.739  0 133 LEU A CD1   1 ? 
ATOM   757  C  CD2   . LEU A 1 133 ? 10.440  8.426   -3.043  1.000 92.278  0 133 LEU A CD2   1 ? 
ATOM   758  N  N     . TYR A 1 134 ? 5.692   7.810   -4.769  1.000 68.961  0 134 TYR A N     1 ? 
ATOM   759  C  CA    . TYR A 1 134 ? 4.960   8.307   -5.925  1.000 68.251  0 134 TYR A CA    1 ? 
ATOM   760  C  C     . TYR A 1 134 ? 3.590   8.841   -5.515  1.000 62.809  0 134 TYR A C     1 ? 
ATOM   761  O  O     . TYR A 1 134 ? 2.850   9.345   -6.356  1.000 71.880  0 134 TYR A O     1 ? 
ATOM   762  C  CB    . TYR A 1 134 ? 4.815   7.212   -6.983  1.000 64.319  0 134 TYR A CB    1 ? 
ATOM   763  C  CG    . TYR A 1 134 ? 6.112   6.831   -7.650  1.000 77.864  0 134 TYR A CG    1 ? 
ATOM   764  C  CD1   . TYR A 1 134 ? 6.736   7.689   -8.539  1.000 83.465  0 134 TYR A CD1   1 ? 
ATOM   765  C  CD2   . TYR A 1 134 ? 6.760   5.650   -7.329  1.000 82.539  0 134 TYR A CD2   1 ? 
ATOM   766  C  CE1   . TYR A 1 134 ? 7.949   7.369   -9.124  1.000 84.877  0 134 TYR A CE1   1 ? 
ATOM   767  C  CE2   . TYR A 1 134 ? 7.970   5.308   -7.912  1.000 95.183  0 134 TYR A CE2   1 ? 
ATOM   768  C  CZ    . TYR A 1 134 ? 8.570   6.174   -8.809  1.000 95.525  0 134 TYR A CZ    1 ? 
ATOM   769  O  OH    . TYR A 1 134 ? 9.772   5.840   -9.386  1.000 102.230 0 134 TYR A OH    1 ? 
ATOM   770  N  N     . ALA A 1 135 ? 3.266   8.748   -4.222  1.000 61.313  0 135 ALA A N     1 ? 
ATOM   771  C  CA    . ALA A 1 135 ? 1.907   8.983   -3.759  1.000 69.515  0 135 ALA A CA    1 ? 
ATOM   772  C  C     . ALA A 1 135 ? 1.650   10.480  -3.608  1.000 74.546  0 135 ALA A C     1 ? 
ATOM   773  O  O     . ALA A 1 135 ? 2.537   11.232  -3.207  1.000 72.977  0 135 ALA A O     1 ? 
ATOM   774  C  CB    . ALA A 1 135 ? 1.676   8.259   -2.456  1.000 72.056  0 135 ALA A CB    1 ? 
ATOM   775  N  N     . PRO A 1 136 ? 0.400   10.948  -3.817  1.000 79.326  0 136 PRO A N     1 ? 
ATOM   776  C  CA    . PRO A 1 136 ? 0.026   12.305  -3.429  1.000 80.897  0 136 PRO A CA    1 ? 
ATOM   777  C  C     . PRO A 1 136 ? 0.091   12.463  -1.912  1.000 86.048  0 136 PRO A C     1 ? 
ATOM   778  O  O     . PRO A 1 136 ? -0.055  11.489  -1.178  1.000 89.411  0 136 PRO A O     1 ? 
ATOM   779  C  CB    . PRO A 1 136 ? -1.403  12.472  -3.971  1.000 71.135  0 136 PRO A CB    1 ? 
ATOM   780  C  CG    . PRO A 1 136 ? -1.943  11.057  -4.082  1.000 73.863  0 136 PRO A CG    1 ? 
ATOM   781  C  CD    . PRO A 1 136 ? -0.738  10.173  -4.338  1.000 78.088  0 136 PRO A CD    1 ? 
ATOM   782  N  N     . LEU A 1 137 ? 0.348   13.694  -1.458  1.000 82.836  0 137 LEU A N     1 ? 
ATOM   783  C  CA    . LEU A 1 137 ? 0.493   13.978  -0.040  1.000 81.157  0 137 LEU A CA    1 ? 
ATOM   784  C  C     . LEU A 1 137 ? -0.863  13.824  0.645   1.000 72.857  0 137 LEU A C     1 ? 
ATOM   785  O  O     . LEU A 1 137 ? -1.894  14.145  0.062   1.000 71.178  0 137 LEU A O     1 ? 
ATOM   786  C  CB    . LEU A 1 137 ? 1.054   15.396  0.118   1.000 88.640  0 137 LEU A CB    1 ? 
ATOM   787  C  CG    . LEU A 1 137 ? 2.479   15.596  -0.399  1.000 84.713  0 137 LEU A CG    1 ? 
ATOM   788  C  CD1   . LEU A 1 137 ? 2.701   17.027  -0.863  1.000 86.325  0 137 LEU A CD1   1 ? 
ATOM   789  C  CD2   . LEU A 1 137 ? 3.498   15.224  0.664   1.000 79.837  0 137 LEU A CD2   1 ? 
ATOM   790  N  N     . GLY A 1 138 ? -0.859  13.259  1.858   1.000 74.378  0 138 GLY A N     1 ? 
ATOM   791  C  CA    . GLY A 1 138 ? -2.090  13.026  2.600   1.000 80.032  0 138 GLY A CA    1 ? 
ATOM   792  C  C     . GLY A 1 138 ? -2.684  11.645  2.326   1.000 73.118  0 138 GLY A C     1 ? 
ATOM   793  O  O     . GLY A 1 138 ? -3.757  11.314  2.829   1.000 69.114  0 138 GLY A O     1 ? 
ATOM   794  N  N     . THR A 1 139 ? -1.979  10.855  1.510   1.000 67.636  0 139 THR A N     1 ? 
ATOM   795  C  CA    . THR A 1 139 ? -2.342  9.470   1.256   1.000 69.573  0 139 THR A CA    1 ? 
ATOM   796  C  C     . THR A 1 139 ? -1.909  8.606   2.436   1.000 65.283  0 139 THR A C     1 ? 
ATOM   797  O  O     . THR A 1 139 ? -0.784  8.732   2.913   1.000 68.411  0 139 THR A O     1 ? 
ATOM   798  C  CB    . THR A 1 139 ? -1.684  8.953   -0.030  1.000 64.604  0 139 THR A CB    1 ? 
ATOM   799  O  OG1   . THR A 1 139 ? -2.228  9.680   -1.133  1.000 69.564  0 139 THR A OG1   1 ? 
ATOM   800  C  CG2   . THR A 1 139 ? -1.889  7.468   -0.234  1.000 65.182  0 139 THR A CG2   1 ? 
ATOM   801  N  N     . LEU A 1 140 ? -2.786  7.688   2.857   1.000 60.301  0 140 LEU A N     1 ? 
ATOM   802  C  CA    . LEU A 1 140 ? -2.423  6.678   3.839   1.000 57.954  0 140 LEU A CA    1 ? 
ATOM   803  C  C     . LEU A 1 140 ? -1.947  5.416   3.123   1.000 50.358  0 140 LEU A C     1 ? 
ATOM   804  O  O     . LEU A 1 140 ? -2.660  4.874   2.284   1.000 59.782  0 140 LEU A O     1 ? 
ATOM   805  C  CB    . LEU A 1 140 ? -3.635  6.385   4.729   1.000 54.111  0 140 LEU A CB    1 ? 
ATOM   806  C  CG    . LEU A 1 140 ? -4.238  7.601   5.431   1.000 58.350  0 140 LEU A CG    1 ? 
ATOM   807  C  CD1   . LEU A 1 140 ? -5.527  7.231   6.146   1.000 53.882  0 140 LEU A CD1   1 ? 
ATOM   808  C  CD2   . LEU A 1 140 ? -3.247  8.215   6.408   1.000 62.739  0 140 LEU A CD2   1 ? 
ATOM   809  N  N     . VAL A 1 141 ? -0.725  4.977   3.451   1.000 48.519  0 141 VAL A N     1 ? 
ATOM   810  C  CA    . VAL A 1 141 ? -0.206  3.695   3.003   1.000 44.789  0 141 VAL A CA    1 ? 
ATOM   811  C  C     . VAL A 1 141 ? -0.209  2.719   4.178   1.000 48.889  0 141 VAL A C     1 ? 
ATOM   812  O  O     . VAL A 1 141 ? 0.310   3.027   5.248   1.000 48.454  0 141 VAL A O     1 ? 
ATOM   813  C  CB    . VAL A 1 141 ? 1.204   3.839   2.400   1.000 46.167  0 141 VAL A CB    1 ? 
ATOM   814  C  CG1   . VAL A 1 141 ? 1.736   2.506   1.883   1.000 51.428  0 141 VAL A CG1   1 ? 
ATOM   815  C  CG2   . VAL A 1 141 ? 1.243   4.893   1.303   1.000 50.952  0 141 VAL A CG2   1 ? 
ATOM   816  N  N     . LEU A 1 142 ? -0.774  1.525   3.956   1.000 49.146  0 142 LEU A N     1 ? 
ATOM   817  C  CA    . LEU A 1 142 ? -0.835  0.489   4.976   1.000 47.189  0 142 LEU A CA    1 ? 
ATOM   818  C  C     . LEU A 1 142 ? -0.068  -0.740  4.504   1.000 47.627  0 142 LEU A C     1 ? 
ATOM   819  O  O     . LEU A 1 142 ? -0.204  -1.154  3.354   1.000 52.986  0 142 LEU A O     1 ? 
ATOM   820  C  CB    . LEU A 1 142 ? -2.298  0.133   5.253   1.000 48.949  0 142 LEU A CB    1 ? 
ATOM   821  C  CG    . LEU A 1 142 ? -3.075  1.113   6.131   1.000 46.642  0 142 LEU A CG    1 ? 
ATOM   822  C  CD1   . LEU A 1 142 ? -3.449  2.365   5.359   1.000 53.209  0 142 LEU A CD1   1 ? 
ATOM   823  C  CD2   . LEU A 1 142 ? -4.324  0.453   6.696   1.000 56.210  0 142 LEU A CD2   1 ? 
ATOM   824  N  N     . TYR A 1 143 ? 0.690   -1.349  5.421   1.000 48.760  0 143 TYR A N     1 ? 
ATOM   825  C  CA    . TYR A 1 143 ? 1.247   -2.675  5.205   1.000 49.739  0 143 TYR A CA    1 ? 
ATOM   826  C  C     . TYR A 1 143 ? 1.237   -3.440  6.528   1.000 48.517  0 143 TYR A C     1 ? 
ATOM   827  O  O     . TYR A 1 143 ? 0.944   -2.868  7.576   1.000 44.839  0 143 TYR A O     1 ? 
ATOM   828  C  CB    . TYR A 1 143 ? 2.646   -2.575  4.587   1.000 56.754  0 143 TYR A CB    1 ? 
ATOM   829  C  CG    . TYR A 1 143 ? 3.733   -2.141  5.537   1.000 60.716  0 143 TYR A CG    1 ? 
ATOM   830  C  CD1   . TYR A 1 143 ? 4.115   -0.812  5.620   1.000 62.158  0 143 TYR A CD1   1 ? 
ATOM   831  C  CD2   . TYR A 1 143 ? 4.408   -3.060  6.326   1.000 57.301  0 143 TYR A CD2   1 ? 
ATOM   832  C  CE1   . TYR A 1 143 ? 5.116   -0.400  6.484   1.000 61.106  0 143 TYR A CE1   1 ? 
ATOM   833  C  CE2   . TYR A 1 143 ? 5.412   -2.666  7.195   1.000 61.030  0 143 TYR A CE2   1 ? 
ATOM   834  C  CZ    . TYR A 1 143 ? 5.767   -1.330  7.275   1.000 66.484  0 143 TYR A CZ    1 ? 
ATOM   835  O  OH    . TYR A 1 143 ? 6.752   -0.913  8.135   1.000 63.410  0 143 TYR A OH    1 ? 
ATOM   836  N  N     . GLY A 1 144 ? 1.489   -4.751  6.455   1.000 46.010  0 144 GLY A N     1 ? 
ATOM   837  C  CA    . GLY A 1 144 ? 1.323   -5.627  7.604   1.000 51.534  0 144 GLY A CA    1 ? 
ATOM   838  C  C     . GLY A 1 144 ? 2.652   -5.941  8.288   1.000 44.761  0 144 GLY A C     1 ? 
ATOM   839  O  O     . GLY A 1 144 ? 3.626   -6.306  7.633   1.000 46.703  0 144 GLY A O     1 ? 
ATOM   840  N  N     . GLN A 1 145 ? 2.673   -5.798  9.616   1.000 46.727  0 145 GLN A N     1 ? 
ATOM   841  C  CA    . GLN A 1 145 ? 3.817   -6.196  10.421  1.000 52.109  0 145 GLN A CA    1 ? 
ATOM   842  C  C     . GLN A 1 145 ? 3.573   -7.605  10.953  1.000 44.032  0 145 GLN A C     1 ? 
ATOM   843  O  O     . GLN A 1 145 ? 2.711   -7.804  11.805  1.000 52.765  0 145 GLN A O     1 ? 
ATOM   844  C  CB    . GLN A 1 145 ? 4.034   -5.199  11.563  1.000 58.573  0 145 GLN A CB    1 ? 
ATOM   845  C  CG    . GLN A 1 145 ? 5.407   -5.299  12.216  1.000 62.885  0 145 GLN A CG    1 ? 
ATOM   846  C  CD    . GLN A 1 145 ? 6.533   -5.191  11.217  1.000 75.128  0 145 GLN A CD    1 ? 
ATOM   847  O  OE1   . GLN A 1 145 ? 7.299   -6.131  11.015  1.000 78.170  0 145 GLN A OE1   1 ? 
ATOM   848  N  NE2   . GLN A 1 145 ? 6.627   -4.045  10.560  1.000 81.683  0 145 GLN A NE2   1 ? 
ATOM   849  N  N     . PRO A 1 146 ? 4.247   -8.635  10.398  1.000 46.058  0 146 PRO A N     1 ? 
ATOM   850  C  CA    . PRO A 1 146 ? 3.924   -10.024 10.722  1.000 54.414  0 146 PRO A CA    1 ? 
ATOM   851  C  C     . PRO A 1 146 ? 3.661   -10.252 12.211  1.000 57.360  0 146 PRO A C     1 ? 
ATOM   852  O  O     . PRO A 1 146 ? 4.498   -9.933  13.052  1.000 58.071  0 146 PRO A O     1 ? 
ATOM   853  C  CB    . PRO A 1 146 ? 5.168   -10.784 10.240  1.000 53.274  0 146 PRO A CB    1 ? 
ATOM   854  C  CG    . PRO A 1 146 ? 5.679   -9.954  9.080   1.000 50.022  0 146 PRO A CG    1 ? 
ATOM   855  C  CD    . PRO A 1 146 ? 5.378   -8.521  9.465   1.000 49.469  0 146 PRO A CD    1 ? 
ATOM   856  N  N     . ASP A 1 147 ? 2.434   -10.695 12.514  1.000 57.855  0 147 ASP A N     1 ? 
ATOM   857  C  CA    . ASP A 1 147 ? 2.048   -11.174 13.832  1.000 58.599  0 147 ASP A CA    1 ? 
ATOM   858  C  C     . ASP A 1 147 ? 1.785   -9.987  14.756  1.000 64.542  0 147 ASP A C     1 ? 
ATOM   859  O  O     . ASP A 1 147 ? 1.010   -10.107 15.705  1.000 65.886  0 147 ASP A O     1 ? 
ATOM   860  C  CB    . ASP A 1 147 ? 3.073   -12.165 14.398  1.000 57.177  0 147 ASP A CB    1 ? 
ATOM   861  C  CG    . ASP A 1 147 ? 3.117   -13.490 13.652  1.000 62.767  0 147 ASP A CG    1 ? 
ATOM   862  O  OD1   . ASP A 1 147 ? 2.477   -13.589 12.585  1.000 71.093  0 147 ASP A OD1   1 ? 
ATOM   863  O  OD2   . ASP A 1 147 ? 3.801   -14.413 14.132  1.000 76.323  0 147 ASP A OD2   1 ? 
ATOM   864  N  N     . GLU A 1 148 ? 2.298   -8.810  14.378  1.000 63.669  0 148 GLU A N     1 ? 
ATOM   865  C  CA    . GLU A 1 148 ? 2.368   -7.670  15.279  1.000 61.688  0 148 GLU A CA    1 ? 
ATOM   866  C  C     . GLU A 1 148 ? 1.189   -6.723  15.051  1.000 62.625  0 148 GLU A C     1 ? 
ATOM   867  O  O     . GLU A 1 148 ? 0.549   -6.298  16.012  1.000 61.039  0 148 GLU A O     1 ? 
ATOM   868  C  CB    . GLU A 1 148 ? 3.693   -6.972  15.097  1.000 62.840  0 148 GLU A CB    1 ? 
ATOM   869  N  N     . GLY A 1 149 ? 0.936   -6.349  13.786  1.000 55.263  0 149 GLY A N     1 ? 
ATOM   870  C  CA    . GLY A 1 149 ? -0.188  -5.480  13.461  1.000 48.431  0 149 GLY A CA    1 ? 
ATOM   871  C  C     . GLY A 1 149 ? -0.053  -4.804  12.096  1.000 46.164  0 149 GLY A C     1 ? 
ATOM   872  O  O     . GLY A 1 149 ? 0.575   -5.340  11.188  1.000 56.123  0 149 GLY A O     1 ? 
ATOM   873  N  N     . VAL A 1 150 ? -0.627  -3.599  11.986  1.000 45.541  0 150 VAL A N     1 ? 
ATOM   874  C  CA    . VAL A 1 150 ? -0.709  -2.871  10.730  1.000 55.671  0 150 VAL A CA    1 ? 
ATOM   875  C  C     . VAL A 1 150 ? 0.077   -1.569  10.860  1.000 51.225  0 150 VAL A C     1 ? 
ATOM   876  O  O     . VAL A 1 150 ? -0.245  -0.735  11.699  1.000 55.002  0 150 VAL A O     1 ? 
ATOM   877  C  CB    . VAL A 1 150 ? -2.173  -2.574  10.349  1.000 56.272  0 150 VAL A CB    1 ? 
ATOM   878  C  CG1   . VAL A 1 150 ? -2.275  -1.874  9.004   1.000 63.442  0 150 VAL A CG1   1 ? 
ATOM   879  C  CG2   . VAL A 1 150 ? -3.028  -3.829  10.363  1.000 62.008  0 150 VAL A CG2   1 ? 
ATOM   880  N  N     . VAL A 1 151 ? 1.009   -1.342  9.930   1.000 60.524  0 151 VAL A N     1 ? 
ATOM   881  C  CA    . VAL A 1 151 ? 1.730   -0.084  9.864   1.000 56.250  0 151 VAL A CA    1 ? 
ATOM   882  C  C     . VAL A 1 151 ? 0.954   0.885   8.979   1.000 52.807  0 151 VAL A C     1 ? 
ATOM   883  O  O     . VAL A 1 151 ? 0.658   0.587   7.826   1.000 55.372  0 151 VAL A O     1 ? 
ATOM   884  C  CB    . VAL A 1 151 ? 3.166   -0.277  9.348   1.000 58.753  0 151 VAL A CB    1 ? 
ATOM   885  C  CG1   . VAL A 1 151 ? 3.918   1.043   9.294   1.000 61.353  0 151 VAL A CG1   1 ? 
ATOM   886  C  CG2   . VAL A 1 151 ? 3.928   -1.294  10.181  1.000 59.480  0 151 VAL A CG2   1 ? 
ATOM   887  N  N     . LEU A 1 152 ? 0.716   2.080   9.520   1.000 53.146  0 152 LEU A N     1 ? 
ATOM   888  C  CA    . LEU A 1 152 ? -0.006  3.133   8.828   1.000 55.173  0 152 LEU A CA    1 ? 
ATOM   889  C  C     . LEU A 1 152 ? 0.916   4.344   8.657   1.000 55.894  0 152 LEU A C     1 ? 
ATOM   890  O  O     . LEU A 1 152 ? 1.574   4.760   9.604   1.000 60.369  0 152 LEU A O     1 ? 
ATOM   891  C  CB    . LEU A 1 152 ? -1.243  3.454   9.672   1.000 51.816  0 152 LEU A CB    1 ? 
ATOM   892  C  CG    . LEU A 1 152 ? -2.280  4.367   9.027   1.000 62.179  0 152 LEU A CG    1 ? 
ATOM   893  C  CD1   . LEU A 1 152 ? -3.626  4.218   9.715   1.000 63.800  0 152 LEU A CD1   1 ? 
ATOM   894  C  CD2   . LEU A 1 152 ? -1.825  5.815   9.069   1.000 75.055  0 152 LEU A CD2   1 ? 
ATOM   895  N  N     . ILE A 1 153 ? 1.015   4.856   7.423   1.000 59.126  0 153 ILE A N     1 ? 
ATOM   896  C  CA    . ILE A 1 153 ? 1.951   5.918   7.084   1.000 57.110  0 153 ILE A CA    1 ? 
ATOM   897  C  C     . ILE A 1 153 ? 1.190   7.078   6.447   1.000 59.733  0 153 ILE A C     1 ? 
ATOM   898  O  O     . ILE A 1 153 ? 0.666   6.930   5.347   1.000 60.566  0 153 ILE A O     1 ? 
ATOM   899  C  CB    . ILE A 1 153 ? 3.045   5.409   6.123   1.000 55.850  0 153 ILE A CB    1 ? 
ATOM   900  C  CG1   . ILE A 1 153 ? 3.805   4.207   6.683   1.000 56.458  0 153 ILE A CG1   1 ? 
ATOM   901  C  CG2   . ILE A 1 153 ? 3.991   6.539   5.745   1.000 57.825  0 153 ILE A CG2   1 ? 
ATOM   902  C  CD1   . ILE A 1 153 ? 4.709   3.538   5.673   1.000 54.715  0 153 ILE A CD1   1 ? 
ATOM   903  N  N     . LYS A 1 154 ? 1.216   8.251   7.096   1.000 60.433  0 154 LYS A N     1 ? 
ATOM   904  C  CA    . LYS A 1 154 ? 0.754   9.485   6.478   1.000 61.470  0 154 LYS A CA    1 ? 
ATOM   905  C  C     . LYS A 1 154 ? 1.845   10.000  5.541   1.000 67.060  0 154 LYS A C     1 ? 
ATOM   906  O  O     . LYS A 1 154 ? 3.002   10.110  5.936   1.000 63.474  0 154 LYS A O     1 ? 
ATOM   907  C  CB    . LYS A 1 154 ? 0.397   10.523  7.548   1.000 60.158  0 154 LYS A CB    1 ? 
ATOM   908  N  N     . VAL A 1 155 ? 1.489   10.232  4.271   1.000 72.256  0 155 VAL A N     1 ? 
ATOM   909  C  CA    . VAL A 1 155 ? 2.483   10.570  3.264   1.000 86.044  0 155 VAL A CA    1 ? 
ATOM   910  C  C     . VAL A 1 155 ? 2.738   12.074  3.309   1.000 93.872  0 155 VAL A C     1 ? 
ATOM   911  O  O     . VAL A 1 155 ? 1.823   12.872  3.103   1.000 72.742  0 155 VAL A O     1 ? 
ATOM   912  C  CB    . VAL A 1 155 ? 2.063   10.109  1.855   1.000 88.072  0 155 VAL A CB    1 ? 
ATOM   913  C  CG1   . VAL A 1 155 ? 3.035   10.595  0.792   1.000 89.179  0 155 VAL A CG1   1 ? 
ATOM   914  C  CG2   . VAL A 1 155 ? 1.910   8.598   1.779   1.000 89.365  0 155 VAL A CG2   1 ? 
ATOM   915  N  N     . THR A 1 156 ? 4.001   12.433  3.576   1.000 106.496 0 156 THR A N     1 ? 
ATOM   916  C  CA    . THR A 1 156 ? 4.412   13.811  3.800   1.000 102.180 0 156 THR A CA    1 ? 
ATOM   917  C  C     . THR A 1 156 ? 5.804   14.030  3.213   1.000 105.148 0 156 THR A C     1 ? 
ATOM   918  O  O     . THR A 1 156 ? 6.557   13.072  3.038   1.000 92.538  0 156 THR A O     1 ? 
ATOM   919  C  CB    . THR A 1 156 ? 4.417   14.149  5.296   1.000 95.914  0 156 THR A CB    1 ? 
ATOM   920  O  OG1   . THR A 1 156 ? 5.247   13.186  5.944   1.000 84.944  0 156 THR A OG1   1 ? 
ATOM   921  C  CG2   . THR A 1 156 ? 3.033   14.155  5.909   1.000 96.464  0 156 THR A CG2   1 ? 
ATOM   922  N  N     . PRO A 1 157 ? 6.217   15.297  2.965   1.000 108.045 0 157 PRO A N     1 ? 
ATOM   923  C  CA    . PRO A 1 157 ? 7.486   15.580  2.289   1.000 99.277  0 157 PRO A CA    1 ? 
ATOM   924  C  C     . PRO A 1 157 ? 8.698   14.958  2.981   1.000 97.558  0 157 PRO A C     1 ? 
ATOM   925  O  O     . PRO A 1 157 ? 9.644   14.541  2.317   1.000 98.024  0 157 PRO A O     1 ? 
ATOM   926  C  CB    . PRO A 1 157 ? 7.576   17.115  2.314   1.000 103.096 0 157 PRO A CB    1 ? 
ATOM   927  C  CG    . PRO A 1 157 ? 6.135   17.572  2.412   1.000 100.256 0 157 PRO A CG    1 ? 
ATOM   928  C  CD    . PRO A 1 157 ? 5.461   16.523  3.271   1.000 104.989 0 157 PRO A CD    1 ? 
ATOM   929  N  N     . GLU A 1 158 ? 8.649   14.896  4.318   1.000 98.417  0 158 GLU A N     1 ? 
ATOM   930  C  CA    . GLU A 1 158 ? 9.688   14.251  5.105   1.000 103.910 0 158 GLU A CA    1 ? 
ATOM   931  C  C     . GLU A 1 158 ? 9.814   12.791  4.678   1.000 97.018  0 158 GLU A C     1 ? 
ATOM   932  O  O     . GLU A 1 158 ? 10.891  12.344  4.291   1.000 93.187  0 158 GLU A O     1 ? 
ATOM   933  C  CB    . GLU A 1 158 ? 9.379   14.327  6.603   1.000 113.074 0 158 GLU A CB    1 ? 
ATOM   934  C  CG    . GLU A 1 158 ? 9.408   15.733  7.177   1.000 124.592 0 158 GLU A CG    1 ? 
ATOM   935  C  CD    . GLU A 1 158 ? 8.055   16.418  7.267   1.000 123.311 0 158 GLU A CD    1 ? 
ATOM   936  O  OE1   . GLU A 1 158 ? 7.064   15.842  6.773   1.000 113.659 0 158 GLU A OE1   1 ? 
ATOM   937  O  OE2   . GLU A 1 158 ? 7.991   17.519  7.848   1.000 119.270 0 158 GLU A OE2   1 ? 
ATOM   938  N  N     . CYS A 1 159 ? 8.716   12.040  4.826   1.000 88.892  0 159 CYS A N     1 ? 
ATOM   939  C  CA    . CYS A 1 159 ? 8.742   10.601  4.615   1.000 74.967  0 159 CYS A CA    1 ? 
ATOM   940  C  C     . CYS A 1 159 ? 8.923   10.265  3.135   1.000 74.144  0 159 CYS A C     1 ? 
ATOM   941  O  O     . CYS A 1 159 ? 9.451   9.204   2.807   1.000 82.549  0 159 CYS A O     1 ? 
ATOM   942  C  CB    . CYS A 1 159 ? 7.484   9.946   5.166   1.000 46.640  0 159 CYS A CB    1 ? 
ATOM   943  S  SG    . CYS A 1 159 ? 7.470   9.865   6.982   1.000 44.941  0 159 CYS A SG    1 ? 
ATOM   944  N  N     . LYS A 1 160 ? 8.519   11.175  2.243   1.000 75.195  0 160 LYS A N     1 ? 
ATOM   945  C  CA    . LYS A 1 160 ? 8.845   11.004  0.836   1.000 87.859  0 160 LYS A CA    1 ? 
ATOM   946  C  C     . LYS A 1 160 ? 10.353  11.145  0.659   1.000 101.296 0 160 LYS A C     1 ? 
ATOM   947  O  O     . LYS A 1 160 ? 10.966  10.360  -0.061  1.000 104.349 0 160 LYS A O     1 ? 
ATOM   948  C  CB    . LYS A 1 160 ? 8.100   12.007  -0.049  1.000 84.173  0 160 LYS A CB    1 ? 
ATOM   949  C  CG    . LYS A 1 160 ? 6.625   11.705  -0.256  1.000 85.612  0 160 LYS A CG    1 ? 
ATOM   950  C  CD    . LYS A 1 160 ? 5.831   12.902  -0.730  1.000 87.417  0 160 LYS A CD    1 ? 
ATOM   951  C  CE    . LYS A 1 160 ? 5.327   12.763  -2.151  1.000 80.949  0 160 LYS A CE    1 ? 
ATOM   952  N  NZ    . LYS A 1 160 ? 5.011   11.355  -2.490  1.000 76.897  0 160 LYS A NZ    1 ? 
ATOM   953  N  N     . ARG A 1 161 ? 10.941  12.129  1.351   1.000 104.892 0 161 ARG A N     1 ? 
ATOM   954  C  CA    . ARG A 1 161 ? 12.367  12.383  1.237   1.000 99.424  0 161 ARG A CA    1 ? 
ATOM   955  C  C     . ARG A 1 161 ? 13.136  11.111  1.587   1.000 96.001  0 161 ARG A C     1 ? 
ATOM   956  O  O     . ARG A 1 161 ? 13.887  10.594  0.763   1.000 81.982  0 161 ARG A O     1 ? 
ATOM   957  C  CB    . ARG A 1 161 ? 12.766  13.549  2.113   1.000 98.618  0 161 ARG A CB    1 ? 
ATOM   958  N  N     . ARG A 1 162 ? 12.861  10.555  2.774   1.000 94.120  0 162 ARG A N     1 ? 
ATOM   959  C  CA    . ARG A 1 162 ? 13.642  9.439   3.292   1.000 99.967  0 162 ARG A CA    1 ? 
ATOM   960  C  C     . ARG A 1 162 ? 13.428  8.187   2.444   1.000 102.172 0 162 ARG A C     1 ? 
ATOM   961  O  O     . ARG A 1 162 ? 14.331  7.360   2.352   1.000 104.035 0 162 ARG A O     1 ? 
ATOM   962  C  CB    . ARG A 1 162 ? 13.288  9.139   4.751   1.000 109.424 0 162 ARG A CB    1 ? 
ATOM   963  C  CG    . ARG A 1 162 ? 11.802  8.933   5.007   1.000 114.729 0 162 ARG A CG    1 ? 
ATOM   964  C  CD    . ARG A 1 162 ? 11.487  8.883   6.490   1.000 119.033 0 162 ARG A CD    1 ? 
ATOM   965  N  NE    . ARG A 1 162 ? 12.129  9.967   7.222   1.000 122.188 0 162 ARG A NE    1 ? 
ATOM   966  C  CZ    . ARG A 1 162 ? 11.614  11.181  7.381   1.000 133.176 0 162 ARG A CZ    1 ? 
ATOM   967  N  NH1   . ARG A 1 162 ? 10.377  11.435  6.994   1.000 148.389 0 162 ARG A NH1   1 ? 
ATOM   968  N  NH2   . ARG A 1 162 ? 12.322  12.127  7.975   1.000 131.015 0 162 ARG A NH2   1 ? 
ATOM   969  N  N     . CYS A 1 163 ? 12.221  8.003   1.889   1.000 99.187  0 163 CYS A N     1 ? 
ATOM   970  C  CA    . CYS A 1 163 ? 11.943  6.782   1.145   1.000 96.730  0 163 CYS A CA    1 ? 
ATOM   971  C  C     . CYS A 1 163 ? 12.808  6.768   -0.112  1.000 101.388 0 163 CYS A C     1 ? 
ATOM   972  O  O     . CYS A 1 163 ? 13.314  5.719   -0.507  1.000 107.909 0 163 CYS A O     1 ? 
ATOM   973  C  CB    . CYS A 1 163 ? 10.472  6.647   0.816   1.000 53.894  0 163 CYS A CB    1 ? 
ATOM   974  N  N     . ALA A 1 164 ? 13.020  7.953   -0.700  1.000 112.178 0 164 ALA A N     1 ? 
ATOM   975  C  CA    . ALA A 1 164 ? 13.926  8.084   -1.830  1.000 111.183 0 164 ALA A CA    1 ? 
ATOM   976  C  C     . ALA A 1 164 ? 15.333  7.693   -1.392  1.000 104.658 0 164 ALA A C     1 ? 
ATOM   977  O  O     . ALA A 1 164 ? 16.040  6.992   -2.116  1.000 95.839  0 164 ALA A O     1 ? 
ATOM   978  C  CB    . ALA A 1 164 ? 13.886  9.491   -2.374  1.000 104.423 0 164 ALA A CB    1 ? 
ATOM   979  N  N     . LYS A 1 165 ? 15.710  8.124   -0.181  1.000 111.925 0 165 LYS A N     1 ? 
ATOM   980  C  CA    . LYS A 1 165 ? 17.021  7.820   0.369   1.000 112.412 0 165 LYS A CA    1 ? 
ATOM   981  C  C     . LYS A 1 165 ? 17.156  6.313   0.580   1.000 113.502 0 165 LYS A C     1 ? 
ATOM   982  O  O     . LYS A 1 165 ? 18.172  5.725   0.211   1.000 113.671 0 165 LYS A O     1 ? 
ATOM   983  C  CB    . LYS A 1 165 ? 17.239  8.587   1.652   1.000 103.209 0 165 LYS A CB    1 ? 
ATOM   984  N  N     . ILE A 1 166 ? 16.103  5.687   1.121   1.000 109.355 0 166 ILE A N     1 ? 
ATOM   985  C  CA    . ILE A 1 166 ? 16.108  4.253   1.362   1.000 96.626  0 166 ILE A CA    1 ? 
ATOM   986  C  C     . ILE A 1 166 ? 16.419  3.503   0.067   1.000 109.289 0 166 ILE A C     1 ? 
ATOM   987  O  O     . ILE A 1 166 ? 16.922  2.382   0.116   1.000 113.553 0 166 ILE A O     1 ? 
ATOM   988  C  CB    . ILE A 1 166 ? 14.793  3.811   1.958   1.000 82.195  0 166 ILE A CB    1 ? 
ATOM   989  N  N     . LEU A 1 167 ? 16.172  4.139   -1.087  1.000 113.361 0 167 LEU A N     1 ? 
ATOM   990  C  CA    . LEU A 1 167 ? 16.498  3.543   -2.375  1.000 106.271 0 167 LEU A CA    1 ? 
ATOM   991  C  C     . LEU A 1 167 ? 17.655  4.311   -3.028  1.000 101.495 0 167 LEU A C     1 ? 
ATOM   992  O  O     . LEU A 1 167 ? 18.754  3.726   -3.117  1.000 95.773  0 167 LEU A O     1 ? 
ATOM   993  C  CB    . LEU A 1 167 ? 15.276  3.527   -3.261  1.000 104.254 0 167 LEU A CB    1 ? 
HETATM 994  MG MG    . MG  B 2 .   ? 2.951   -9.415  2.498   1.000 65.891  0 201 MG  A MG    1 ? 
HETATM 995  P  PG    . GTP C 3 .   ? 1.032   -11.083 0.479   1.000 85.259  0 202 GTP A PG    1 ? 
HETATM 996  O  O1G   . GTP C 3 .   ? 0.084   -10.694 -0.631  1.000 77.121  0 202 GTP A O1G   1 ? 
HETATM 997  O  O2G   . GTP C 3 .   ? 1.709   -12.414 0.236   1.000 85.757  0 202 GTP A O2G   1 ? 
HETATM 998  O  O3G   . GTP C 3 .   ? 2.007   -9.988  0.844   1.000 68.556  0 202 GTP A O3G   1 ? 
HETATM 999  O  O3B   . GTP C 3 .   ? 0.132   -11.267 1.798   1.000 61.202  0 202 GTP A O3B   1 ? 
HETATM 1000 P  PB    . GTP C 3 .   ? 0.569   -11.817 3.232   1.000 53.348  0 202 GTP A PB    1 ? 
HETATM 1001 O  O1B   . GTP C 3 .   ? -0.098  -13.140 3.408   1.000 50.257  0 202 GTP A O1B   1 ? 
HETATM 1002 O  O2B   . GTP C 3 .   ? 2.052   -11.700 3.377   1.000 46.825  0 202 GTP A O2B   1 ? 
HETATM 1003 O  O3A   . GTP C 3 .   ? -0.096  -10.735 4.202   1.000 46.702  0 202 GTP A O3A   1 ? 
HETATM 1004 P  PA    . GTP C 3 .   ? 0.141   -9.160  4.324   1.000 43.778  0 202 GTP A PA    1 ? 
HETATM 1005 O  O1A   . GTP C 3 .   ? -1.115  -8.476  3.888   1.000 42.853  0 202 GTP A O1A   1 ? 
HETATM 1006 O  O2A   . GTP C 3 .   ? 1.438   -8.815  3.672   1.000 48.958  0 202 GTP A O2A   1 ? 
HETATM 1007 O  "O5'" . GTP C 3 .   ? 0.288   -9.014  5.913   1.000 47.310  0 202 GTP A "O5'" 1 ? 
HETATM 1008 C  "C5'" . GTP C 3 .   ? 1.496   -9.511  6.530   1.000 45.639  0 202 GTP A "C5'" 1 ? 
HETATM 1009 C  "C4'" . GTP C 3 .   ? 1.215   -9.890  7.962   1.000 42.087  0 202 GTP A "C4'" 1 ? 
HETATM 1010 O  "O4'" . GTP C 3 .   ? 0.804   -8.726  8.716   1.000 46.129  0 202 GTP A "O4'" 1 ? 
HETATM 1011 C  "C3'" . GTP C 3 .   ? 0.066   -10.869 8.199   1.000 44.239  0 202 GTP A "C3'" 1 ? 
HETATM 1012 O  "O3'" . GTP C 3 .   ? 0.450   -12.212 7.929   1.000 47.381  0 202 GTP A "O3'" 1 ? 
HETATM 1013 C  "C2'" . GTP C 3 .   ? -0.223  -10.632 9.684   1.000 44.304  0 202 GTP A "C2'" 1 ? 
HETATM 1014 O  "O2'" . GTP C 3 .   ? 0.547   -11.477 10.509  1.000 46.292  0 202 GTP A "O2'" 1 ? 
HETATM 1015 C  "C1'" . GTP C 3 .   ? 0.152   -9.164  9.888   1.000 46.775  0 202 GTP A "C1'" 1 ? 
HETATM 1016 N  N9    . GTP C 3 .   ? -1.016  -8.330  10.143  1.000 47.439  0 202 GTP A N9    1 ? 
HETATM 1017 C  C8    . GTP C 3 .   ? -1.828  -7.747  9.205   1.000 45.490  0 202 GTP A C8    1 ? 
HETATM 1018 N  N7    . GTP C 3 .   ? -2.877  -7.157  9.728   1.000 45.540  0 202 GTP A N7    1 ? 
HETATM 1019 C  C5    . GTP C 3 .   ? -2.763  -7.398  11.094  1.000 50.221  0 202 GTP A C5    1 ? 
HETATM 1020 C  C6    . GTP C 3 .   ? -3.618  -7.026  12.173  1.000 43.771  0 202 GTP A C6    1 ? 
HETATM 1021 O  O6    . GTP C 3 .   ? -4.678  -6.388  12.138  1.000 44.856  0 202 GTP A O6    1 ? 
HETATM 1022 N  N1    . GTP C 3 .   ? -3.130  -7.487  13.394  1.000 51.208  0 202 GTP A N1    1 ? 
HETATM 1023 C  C2    . GTP C 3 .   ? -1.982  -8.227  13.568  1.000 45.264  0 202 GTP A C2    1 ? 
HETATM 1024 N  N2    . GTP C 3 .   ? -1.686  -8.589  14.827  1.000 47.119  0 202 GTP A N2    1 ? 
HETATM 1025 N  N3    . GTP C 3 .   ? -1.185  -8.594  12.561  1.000 45.501  0 202 GTP A N3    1 ? 
HETATM 1026 C  C4    . GTP C 3 .   ? -1.624  -8.132  11.360  1.000 50.584  0 202 GTP A C4    1 ? 
HETATM 1027 O  O     . HOH D 4 .   ? 4.023   -11.618 1.942   1.000 64.106  0 301 HOH A O     1 ? 
HETATM 1028 O  O     . HOH D 4 .   ? -3.960  15.993  -12.002 1.000 62.172  0 302 HOH A O     1 ? 
HETATM 1029 O  O     . HOH D 4 .   ? 1.936   -6.289  3.936   1.000 44.722  0 303 HOH A O     1 ? 
HETATM 1030 O  O     . HOH D 4 .   ? -0.485  -10.636 -17.170 1.000 34.709  0 304 HOH A O     1 ? 
HETATM 1031 O  O     . HOH D 4 .   ? -7.319  -10.371 -7.070  1.000 65.132  0 305 HOH A O     1 ? 
HETATM 1032 O  O     . HOH D 4 .   ? -10.472 5.760   1.458   1.000 44.309  0 306 HOH A O     1 ? 
HETATM 1033 O  O     . HOH D 4 .   ? -2.185  -14.414 2.295   1.000 61.162  0 307 HOH A O     1 ? 
HETATM 1034 O  O     . HOH D 4 .   ? 4.075   -10.200 4.335   1.000 55.399  0 308 HOH A O     1 ? 
HETATM 1035 O  O     . HOH D 4 .   ? -2.056  9.388   -7.870  1.000 59.710  0 309 HOH A O     1 ? 
HETATM 1036 O  O     . HOH D 4 .   ? -14.485 6.098   -18.026 1.000 59.593  0 310 HOH A O     1 ? 
HETATM 1037 O  O     . HOH D 4 .   ? -11.655 4.363   -4.110  1.000 54.221  0 311 HOH A O     1 ? 
HETATM 1038 O  O     . HOH D 4 .   ? -13.562 7.175   -8.918  1.000 55.104  0 312 HOH A O     1 ? 
HETATM 1039 O  O     . HOH D 4 .   ? -9.011  5.054   -0.632  1.000 37.943  0 313 HOH A O     1 ? 
HETATM 1040 O  O     . HOH D 4 .   ? -13.401 4.135   0.210   1.000 60.684  0 314 HOH A O     1 ? 
HETATM 1041 O  O     . HOH D 4 .   ? 3.858   -12.490 5.487   1.000 69.347  0 315 HOH A O     1 ? 
HETATM 1042 O  O     . HOH D 4 .   ? -15.164 -2.242  0.049   1.000 55.491  0 316 HOH A O     1 ? 
HETATM 1043 O  O     . HOH D 4 .   ? 6.388   1.939   14.404  1.000 72.212  0 317 HOH A O     1 ? 
HETATM 1044 O  O     . HOH D 4 .   ? 7.048   -7.883  -14.901 1.000 61.506  0 318 HOH A O     1 ? 
HETATM 1045 O  O     . HOH D 4 .   ? 5.149   -8.342  5.213   1.000 64.861  0 319 HOH A O     1 ? 
# 
